data_3VQ1
#
_entry.id   3VQ1
#
_cell.length_a   77.160
_cell.length_b   150.519
_cell.length_c   181.847
_cell.angle_alpha   90.00
_cell.angle_beta   90.00
_cell.angle_gamma   90.00
#
_symmetry.space_group_name_H-M   'P 21 21 21'
#
loop_
_entity.id
_entity.type
_entity.pdbx_description
1 polymer 'Toll-like receptor 4'
2 polymer 'Lymphocyte antigen 96'
3 branched 2-acetamido-2-deoxy-beta-D-glucopyranose-(1-4)-2-acetamido-2-deoxy-beta-D-glucopyranose
4 non-polymer 2-acetamido-2-deoxy-beta-D-glucopyranose
5 non-polymer 2-deoxy-3-O-[(3R)-3-hydroxytetradecanoyl]-2-{[(3R)-3-hydroxytetradecanoyl]amino}-4-O-phosphono-beta-D-glucopyranose
6 non-polymer '(R)-((2R,3S,4R,5R,6R)-3-HYDROXY-2-(HYDROXYMETHYL)-5-((R)-3-HYDROXYTETRADECANAMIDO)-6-(PHOSPHONOOXY)TETRAHYDRO-2H-PYRAN-4-YL) 3-HYDROXYTETRADECANOATE'
7 water water
#
loop_
_entity_poly.entity_id
_entity_poly.type
_entity_poly.pdbx_seq_one_letter_code
_entity_poly.pdbx_strand_id
1 'polypeptide(L)'
;PGSLNPCIEVVPNITYQCMDQKLSKVPDDIPSSTKNIDLSFNPLKILKSYSFSNFSELQWLDLSRCEIETIEDKAWHGLH
HLSNLILTGNPIQSFSPGSFSGLTSLENLVAVETKLASLESFPIGQLITLKKLNVAHNFIHSCKLPAYFSNLTNLVHVDL
SYNYIQTITVNDLQFLRENPQVNLSLDMSLNPIDFIQDQAFQGIKLHELTLRGNFNSSNIMKTCLQNLAGLHVHRLILGE
FKDERNLEIFEPSIMEGLCDVTIDEFRLTYTNDFSDDIVKFHCLANVSAMSLAGVSIKYLEDVPKHFKWQSLSIIRCQLK
QFPTLDLPFLKSLTLTMNKGSISFKKVALPSLSYLDLSRNALSFSGCCSYSDLGTNSLRHLDLSFNGAIIMSANFMGLEE
LQHLDFQHSTLKRVTEFSAFLSLEKLLYLDISYTNTKIDFDGIFLGLTSLNTLKMAGNSFKDNTLSNVFANTTNLTFLDL
SKCQLEQISWGVFDTLHRLQLLNMSHNNLLFLDSSHYNQLYSLSTLDCSFNRIETSKGILQHFPKSLAFFNLTNNSVACI
CEHQKFLQWVKEQKQFLVNVEQMTCATPVEMNTSLVLDFNNSTCYM
;
A,B
2 'polypeptide(L)'
;ESEKQQWFCNSSDAIISYSYCDHLKFPISISSEPCIRLRGTNGFVHVEFIPRGNLKYLYFNLFISVNSIELPKRKEVLCH
GHDDDYSFCRALKGETVNTSIPFSFEGILFPKGHYRCVAEAIAGDTEEKLFCLNFTIIHRRDVN
;
C,D
#
loop_
_chem_comp.id
_chem_comp.type
_chem_comp.name
_chem_comp.formula
LP4 non-polymer 2-deoxy-3-O-[(3R)-3-hydroxytetradecanoyl]-2-{[(3R)-3-hydroxytetradecanoyl]amino}-4-O-phosphono-beta-D-glucopyranose 'C34 H66 N O12 P'
LP5 non-polymer '(R)-((2R,3S,4R,5R,6R)-3-HYDROXY-2-(HYDROXYMETHYL)-5-((R)-3-HYDROXYTETRADECANAMIDO)-6-(PHOSPHONOOXY)TETRAHYDRO-2H-PYRAN-4-YL) 3-HYDROXYTETRADECANOATE' 'C34 H66 N O12 P'
NAG D-saccharide, beta linking 2-acetamido-2-deoxy-beta-D-glucopyranose 'C8 H15 N O6'
#
# COMPACT_ATOMS: atom_id res chain seq x y z
N PRO A 6 30.69 -8.59 44.38
CA PRO A 6 29.84 -7.40 44.26
C PRO A 6 28.72 -7.65 43.27
N CYS A 7 27.50 -7.84 43.79
CA CYS A 7 26.35 -8.24 42.98
C CYS A 7 25.42 -7.10 42.57
N ILE A 8 24.95 -7.15 41.33
CA ILE A 8 23.95 -6.23 40.78
C ILE A 8 22.61 -6.37 41.54
N GLU A 9 21.93 -5.25 41.73
CA GLU A 9 20.72 -5.20 42.54
C GLU A 9 19.51 -4.75 41.70
N VAL A 10 18.74 -5.72 41.19
CA VAL A 10 17.62 -5.39 40.31
C VAL A 10 16.39 -4.95 41.13
N VAL A 11 16.12 -5.66 42.22
CA VAL A 11 15.14 -5.21 43.21
C VAL A 11 15.78 -5.36 44.59
N PRO A 12 16.20 -4.22 45.20
CA PRO A 12 16.70 -4.17 46.57
C PRO A 12 15.89 -5.05 47.55
N ASN A 13 16.60 -5.85 48.35
CA ASN A 13 16.00 -6.75 49.34
C ASN A 13 15.21 -7.96 48.78
N ILE A 14 15.07 -8.06 47.46
CA ILE A 14 14.22 -9.09 46.85
C ILE A 14 14.89 -9.87 45.70
N THR A 15 15.44 -9.18 44.71
CA THR A 15 16.09 -9.84 43.57
C THR A 15 17.52 -9.35 43.38
N TYR A 16 18.45 -10.30 43.37
CA TYR A 16 19.87 -10.00 43.16
C TYR A 16 20.44 -10.83 42.02
N GLN A 17 21.29 -10.21 41.21
CA GLN A 17 21.83 -10.85 40.03
C GLN A 17 23.34 -10.94 40.14
N CYS A 18 23.86 -12.16 40.27
CA CYS A 18 25.29 -12.39 40.48
C CYS A 18 25.96 -13.16 39.34
N MET A 19 25.37 -13.09 38.16
CA MET A 19 25.89 -13.77 36.97
C MET A 19 27.31 -13.28 36.64
N ASP A 20 28.13 -14.20 36.14
CA ASP A 20 29.46 -13.87 35.60
C ASP A 20 30.28 -12.87 36.43
N GLN A 21 30.26 -13.06 37.75
CA GLN A 21 31.34 -12.55 38.61
C GLN A 21 32.36 -13.68 38.62
N LYS A 22 33.45 -13.54 39.35
CA LYS A 22 34.39 -14.65 39.43
C LYS A 22 34.28 -15.38 40.76
N LEU A 23 33.02 -15.57 41.18
CA LEU A 23 32.69 -16.11 42.50
C LEU A 23 33.05 -17.58 42.72
N SER A 24 33.40 -17.90 43.97
CA SER A 24 33.77 -19.26 44.38
C SER A 24 32.67 -19.90 45.24
N LYS A 25 31.91 -19.06 45.94
CA LYS A 25 30.75 -19.50 46.71
C LYS A 25 29.72 -18.38 46.78
N VAL A 26 28.59 -18.65 47.42
CA VAL A 26 27.57 -17.65 47.67
C VAL A 26 28.11 -16.64 48.69
N PRO A 27 28.18 -15.35 48.30
CA PRO A 27 28.61 -14.31 49.23
C PRO A 27 27.58 -14.05 50.34
N ASP A 28 28.06 -14.02 51.58
CA ASP A 28 27.21 -13.87 52.76
C ASP A 28 26.64 -12.47 52.93
N ASP A 29 27.28 -11.49 52.27
CA ASP A 29 26.85 -10.09 52.31
C ASP A 29 25.63 -9.83 51.41
N ILE A 30 24.99 -10.90 50.95
CA ILE A 30 23.70 -10.80 50.26
C ILE A 30 22.59 -10.89 51.31
N PRO A 31 21.77 -9.83 51.44
CA PRO A 31 20.66 -9.79 52.38
C PRO A 31 19.92 -11.13 52.53
N SER A 32 19.86 -11.63 53.77
CA SER A 32 19.12 -12.84 54.09
C SER A 32 17.62 -12.54 54.08
N SER A 33 17.13 -12.10 52.92
CA SER A 33 15.76 -11.64 52.75
C SER A 33 15.26 -11.81 51.32
N THR A 34 16.20 -12.11 50.41
CA THR A 34 15.92 -12.20 48.98
C THR A 34 15.00 -13.37 48.59
N LYS A 35 14.32 -13.22 47.45
CA LYS A 35 13.39 -14.24 46.96
C LYS A 35 13.89 -14.92 45.69
N ASN A 36 14.73 -14.20 44.94
CA ASN A 36 15.30 -14.71 43.70
C ASN A 36 16.76 -14.30 43.61
N ILE A 37 17.60 -15.23 43.18
CA ILE A 37 19.01 -14.93 42.93
C ILE A 37 19.55 -15.73 41.76
N ASP A 38 20.29 -15.05 40.89
CA ASP A 38 20.96 -15.71 39.78
C ASP A 38 22.46 -15.75 40.04
N LEU A 39 22.97 -16.96 40.28
CA LEU A 39 24.40 -17.17 40.53
C LEU A 39 25.12 -17.85 39.36
N SER A 40 24.48 -17.86 38.19
CA SER A 40 25.03 -18.55 37.00
C SER A 40 26.43 -18.05 36.61
N PHE A 41 27.11 -18.86 35.79
CA PHE A 41 28.46 -18.52 35.24
C PHE A 41 29.50 -18.12 36.29
N ASN A 42 29.51 -18.86 37.40
CA ASN A 42 30.51 -18.71 38.46
C ASN A 42 31.22 -20.04 38.74
N PRO A 43 32.56 -20.00 38.94
CA PRO A 43 33.25 -21.23 39.35
C PRO A 43 32.87 -21.68 40.77
N LEU A 44 31.64 -22.18 40.93
CA LEU A 44 31.15 -22.66 42.22
C LEU A 44 31.71 -24.03 42.58
N LYS A 45 31.83 -24.89 41.57
CA LYS A 45 32.58 -26.16 41.66
C LYS A 45 31.96 -27.24 42.57
N ILE A 46 31.70 -26.90 43.83
CA ILE A 46 31.09 -27.81 44.79
C ILE A 46 29.96 -27.06 45.50
N LEU A 47 28.86 -27.75 45.76
CA LEU A 47 27.76 -27.16 46.52
C LEU A 47 27.84 -27.58 47.97
N LYS A 48 28.77 -26.94 48.69
CA LYS A 48 29.05 -27.20 50.09
C LYS A 48 27.77 -27.25 50.92
N SER A 49 27.74 -28.16 51.89
CA SER A 49 26.58 -28.35 52.74
C SER A 49 26.23 -27.06 53.47
N TYR A 50 24.92 -26.75 53.53
CA TYR A 50 24.40 -25.56 54.22
C TYR A 50 24.62 -24.21 53.51
N SER A 51 25.31 -24.23 52.37
CA SER A 51 25.61 -23.02 51.59
C SER A 51 24.50 -21.98 51.62
N PHE A 52 23.27 -22.45 51.43
CA PHE A 52 22.11 -21.57 51.28
C PHE A 52 21.21 -21.55 52.51
N SER A 53 21.66 -22.13 53.61
CA SER A 53 20.85 -22.23 54.83
C SER A 53 20.34 -20.88 55.33
N ASN A 54 21.10 -19.83 55.08
CA ASN A 54 20.74 -18.46 55.45
C ASN A 54 19.44 -17.99 54.77
N PHE A 55 19.45 -17.89 53.44
CA PHE A 55 18.33 -17.36 52.67
C PHE A 55 17.15 -18.34 52.66
N SER A 56 16.27 -18.19 53.63
CA SER A 56 15.15 -19.12 53.81
C SER A 56 13.93 -18.81 52.93
N GLU A 57 13.81 -17.55 52.49
CA GLU A 57 12.63 -17.09 51.76
C GLU A 57 12.82 -17.18 50.24
N LEU A 58 13.96 -17.74 49.84
CA LEU A 58 14.31 -17.91 48.44
C LEU A 58 13.28 -18.76 47.69
N GLN A 59 13.01 -18.36 46.44
CA GLN A 59 12.01 -19.02 45.61
C GLN A 59 12.58 -19.48 44.27
N TRP A 60 13.62 -18.77 43.81
CA TRP A 60 14.18 -18.95 42.46
C TRP A 60 15.68 -18.85 42.52
N LEU A 61 16.37 -19.96 42.26
CA LEU A 61 17.83 -20.00 42.30
C LEU A 61 18.40 -20.56 41.01
N ASP A 62 19.27 -19.79 40.37
CA ASP A 62 19.81 -20.14 39.06
C ASP A 62 21.32 -20.35 39.13
N LEU A 63 21.72 -21.62 39.04
CA LEU A 63 23.12 -22.01 39.11
C LEU A 63 23.60 -22.63 37.80
N SER A 64 23.08 -22.14 36.68
CA SER A 64 23.52 -22.59 35.36
C SER A 64 25.01 -22.35 35.14
N ARG A 65 25.67 -23.29 34.46
CA ARG A 65 27.10 -23.17 34.14
C ARG A 65 28.00 -22.76 35.31
N CYS A 66 27.96 -23.48 36.42
CA CYS A 66 28.76 -23.14 37.59
C CYS A 66 29.86 -24.16 37.86
N GLU A 67 30.03 -25.07 36.91
CA GLU A 67 31.08 -26.11 36.97
C GLU A 67 30.95 -27.02 38.21
N ILE A 68 29.73 -27.14 38.73
CA ILE A 68 29.43 -28.00 39.87
C ILE A 68 29.59 -29.49 39.54
N GLU A 69 30.41 -30.17 40.34
CA GLU A 69 30.59 -31.61 40.19
C GLU A 69 30.03 -32.36 41.39
N THR A 70 29.83 -31.64 42.50
CA THR A 70 29.40 -32.29 43.73
C THR A 70 28.31 -31.51 44.45
N ILE A 71 27.23 -32.20 44.80
CA ILE A 71 26.22 -31.66 45.68
C ILE A 71 26.32 -32.43 46.99
N GLU A 72 26.81 -31.75 48.01
CA GLU A 72 26.97 -32.31 49.33
C GLU A 72 25.61 -32.69 49.88
N ASP A 73 25.61 -33.50 50.94
CA ASP A 73 24.38 -33.75 51.70
C ASP A 73 23.90 -32.41 52.26
N LYS A 74 22.60 -32.33 52.55
CA LYS A 74 22.00 -31.12 53.14
C LYS A 74 22.57 -29.83 52.52
N ALA A 75 22.79 -29.85 51.21
CA ALA A 75 23.29 -28.68 50.47
C ALA A 75 22.18 -27.64 50.35
N TRP A 76 20.95 -28.14 50.29
CA TRP A 76 19.77 -27.31 50.13
C TRP A 76 19.05 -27.12 51.45
N HIS A 77 19.76 -27.38 52.54
CA HIS A 77 19.15 -27.47 53.88
C HIS A 77 18.12 -26.42 54.24
N GLY A 78 18.47 -25.15 54.16
CA GLY A 78 17.61 -24.08 54.70
C GLY A 78 16.44 -23.61 53.85
N LEU A 79 16.28 -24.18 52.66
CA LEU A 79 15.39 -23.64 51.63
C LEU A 79 13.96 -24.20 51.65
N HIS A 80 13.15 -23.70 52.59
CA HIS A 80 11.76 -24.14 52.76
C HIS A 80 10.95 -23.90 51.52
N HIS A 81 11.09 -22.71 50.93
CA HIS A 81 10.10 -22.19 49.98
C HIS A 81 10.47 -22.28 48.52
N LEU A 82 11.73 -22.61 48.23
CA LEU A 82 12.22 -22.68 46.85
C LEU A 82 11.28 -23.46 45.90
N SER A 83 10.86 -22.80 44.83
CA SER A 83 10.00 -23.45 43.84
C SER A 83 10.76 -23.78 42.55
N ASN A 84 11.85 -23.07 42.31
CA ASN A 84 12.61 -23.18 41.08
C ASN A 84 14.11 -23.36 41.29
N LEU A 85 14.68 -24.42 40.71
CA LEU A 85 16.11 -24.68 40.78
C LEU A 85 16.68 -25.00 39.40
N ILE A 86 17.66 -24.22 38.98
CA ILE A 86 18.20 -24.37 37.62
C ILE A 86 19.65 -24.83 37.67
N LEU A 87 19.91 -26.02 37.12
CA LEU A 87 21.21 -26.71 37.24
C LEU A 87 21.87 -26.98 35.89
N THR A 88 21.23 -26.50 34.82
CA THR A 88 21.71 -26.66 33.46
C THR A 88 23.23 -26.58 33.38
N GLY A 89 23.84 -27.54 32.68
CA GLY A 89 25.25 -27.42 32.29
C GLY A 89 26.30 -27.69 33.34
N ASN A 90 25.88 -28.12 34.53
CA ASN A 90 26.82 -28.56 35.58
C ASN A 90 27.11 -30.06 35.44
N PRO A 91 28.39 -30.44 35.35
CA PRO A 91 28.69 -31.88 35.19
C PRO A 91 28.63 -32.68 36.49
N ILE A 92 27.48 -32.65 37.16
CA ILE A 92 27.19 -33.47 38.33
C ILE A 92 26.80 -34.85 37.84
N GLN A 93 27.75 -35.68 37.44
CA GLN A 93 27.35 -36.88 36.70
C GLN A 93 26.40 -37.79 37.49
N SER A 94 26.70 -37.98 38.78
CA SER A 94 25.85 -38.81 39.64
C SER A 94 25.14 -37.99 40.68
N PHE A 95 23.90 -38.37 40.94
CA PHE A 95 23.10 -37.79 42.00
C PHE A 95 22.80 -38.87 43.04
N SER A 96 23.32 -38.69 44.25
CA SER A 96 23.15 -39.66 45.31
C SER A 96 21.83 -39.43 46.07
N PRO A 97 21.26 -40.48 46.70
CA PRO A 97 20.08 -40.29 47.54
C PRO A 97 20.27 -39.10 48.50
N GLY A 98 19.23 -38.30 48.65
CA GLY A 98 19.29 -37.12 49.52
C GLY A 98 19.98 -35.90 48.90
N SER A 99 20.27 -35.97 47.60
CA SER A 99 20.84 -34.85 46.83
C SER A 99 19.91 -33.62 46.82
N PHE A 100 18.61 -33.88 46.83
CA PHE A 100 17.61 -32.83 46.77
C PHE A 100 16.79 -32.75 48.06
N SER A 101 17.40 -33.15 49.17
CA SER A 101 16.72 -33.15 50.46
C SER A 101 16.61 -31.73 51.00
N GLY A 102 15.41 -31.37 51.45
CA GLY A 102 15.15 -30.03 51.97
C GLY A 102 14.22 -29.19 51.09
N LEU A 103 14.27 -29.43 49.78
CA LEU A 103 13.41 -28.73 48.82
C LEU A 103 11.96 -29.20 48.90
N THR A 104 11.31 -28.84 50.00
CA THR A 104 9.95 -29.31 50.28
C THR A 104 8.86 -28.49 49.56
N SER A 105 9.30 -27.57 48.69
CA SER A 105 8.37 -26.72 47.94
C SER A 105 8.65 -26.70 46.45
N LEU A 106 9.61 -27.51 45.99
CA LEU A 106 10.12 -27.41 44.63
C LEU A 106 9.06 -27.76 43.59
N GLU A 107 8.80 -26.84 42.69
CA GLU A 107 7.81 -27.04 41.63
C GLU A 107 8.45 -27.34 40.29
N ASN A 108 9.66 -26.82 40.08
CA ASN A 108 10.37 -26.96 38.80
C ASN A 108 11.86 -27.27 38.96
N LEU A 109 12.25 -28.47 38.52
CA LEU A 109 13.65 -28.86 38.53
C LEU A 109 14.22 -28.91 37.11
N VAL A 110 15.28 -28.13 36.90
CA VAL A 110 15.91 -28.05 35.60
C VAL A 110 17.31 -28.62 35.72
N ALA A 111 17.48 -29.83 35.20
CA ALA A 111 18.73 -30.55 35.30
C ALA A 111 19.22 -30.90 33.91
N VAL A 112 19.19 -29.89 33.05
CA VAL A 112 19.61 -29.99 31.67
C VAL A 112 21.12 -30.06 31.60
N GLU A 113 21.63 -30.88 30.71
CA GLU A 113 23.07 -31.06 30.53
C GLU A 113 23.81 -31.24 31.86
N THR A 114 23.33 -32.18 32.66
CA THR A 114 23.98 -32.52 33.91
C THR A 114 24.70 -33.88 33.80
N LYS A 115 24.71 -34.43 32.58
CA LYS A 115 25.32 -35.73 32.30
C LYS A 115 24.55 -36.91 32.91
N LEU A 116 23.35 -36.64 33.42
CA LEU A 116 22.48 -37.70 33.96
C LEU A 116 22.35 -38.91 33.02
N ALA A 117 22.41 -40.11 33.56
CA ALA A 117 22.36 -41.34 32.75
C ALA A 117 21.01 -42.08 32.79
N SER A 118 20.24 -41.85 33.86
CA SER A 118 19.00 -42.58 34.10
C SER A 118 18.01 -41.84 35.02
N LEU A 119 16.73 -41.87 34.69
CA LEU A 119 15.68 -41.40 35.60
C LEU A 119 15.59 -42.28 36.86
N GLU A 120 15.61 -43.59 36.65
CA GLU A 120 15.43 -44.58 37.73
C GLU A 120 16.33 -44.37 38.96
N SER A 121 17.54 -43.85 38.72
CA SER A 121 18.49 -43.58 39.80
C SER A 121 18.56 -42.08 40.21
N PHE A 122 17.63 -41.29 39.69
CA PHE A 122 17.55 -39.87 40.02
C PHE A 122 16.69 -39.71 41.26
N PRO A 123 17.25 -39.11 42.34
CA PRO A 123 16.60 -39.05 43.66
C PRO A 123 15.57 -37.92 43.82
N ILE A 124 14.54 -37.94 42.98
CA ILE A 124 13.48 -36.93 43.04
C ILE A 124 12.15 -37.49 43.56
N GLY A 125 12.14 -38.79 43.86
CA GLY A 125 10.95 -39.48 44.36
C GLY A 125 10.38 -38.92 45.65
N GLN A 126 11.14 -38.05 46.30
CA GLN A 126 10.72 -37.40 47.55
C GLN A 126 9.99 -36.08 47.26
N LEU A 127 10.32 -35.44 46.13
CA LEU A 127 9.86 -34.09 45.82
C LEU A 127 8.40 -34.03 45.35
N ILE A 128 7.48 -34.21 46.30
CA ILE A 128 6.06 -34.39 45.99
C ILE A 128 5.40 -33.16 45.37
N THR A 129 5.98 -31.99 45.61
CA THR A 129 5.47 -30.74 45.03
C THR A 129 5.86 -30.54 43.57
N LEU A 130 6.78 -31.39 43.07
CA LEU A 130 7.36 -31.23 41.75
C LEU A 130 6.31 -31.28 40.65
N LYS A 131 6.47 -30.39 39.67
CA LYS A 131 5.51 -30.24 38.59
C LYS A 131 6.17 -30.39 37.23
N LYS A 132 7.31 -29.73 37.06
CA LYS A 132 8.02 -29.70 35.81
C LYS A 132 9.41 -30.29 36.01
N LEU A 133 9.70 -31.36 35.28
CA LEU A 133 11.00 -31.99 35.33
C LEU A 133 11.67 -31.87 33.96
N ASN A 134 12.80 -31.18 33.93
CA ASN A 134 13.52 -30.95 32.71
C ASN A 134 14.87 -31.65 32.75
N VAL A 135 14.97 -32.78 32.05
CA VAL A 135 16.23 -33.52 31.93
C VAL A 135 16.72 -33.63 30.48
N ALA A 136 16.45 -32.61 29.68
CA ALA A 136 16.97 -32.57 28.32
C ALA A 136 18.50 -32.56 28.31
N HIS A 137 19.10 -33.05 27.22
CA HIS A 137 20.53 -32.93 27.00
C HIS A 137 21.31 -33.69 28.05
N ASN A 138 20.97 -34.96 28.23
CA ASN A 138 21.71 -35.83 29.15
C ASN A 138 22.10 -37.14 28.44
N PHE A 139 22.39 -38.20 29.20
CA PHE A 139 22.79 -39.49 28.61
C PHE A 139 21.77 -40.60 28.84
N ILE A 140 20.50 -40.22 28.87
CA ILE A 140 19.39 -41.15 29.06
C ILE A 140 19.12 -42.00 27.80
N HIS A 141 19.13 -43.32 27.98
CA HIS A 141 18.94 -44.27 26.88
C HIS A 141 17.59 -44.90 27.00
N SER A 142 16.92 -44.66 28.12
CA SER A 142 15.67 -45.35 28.43
C SER A 142 14.47 -44.43 28.55
N CYS A 143 13.38 -44.84 27.92
CA CYS A 143 12.15 -44.07 27.95
C CYS A 143 11.30 -44.46 29.15
N LYS A 144 11.79 -45.40 29.96
CA LYS A 144 11.04 -45.85 31.13
C LYS A 144 10.65 -44.70 32.05
N LEU A 145 9.35 -44.61 32.32
CA LEU A 145 8.79 -43.72 33.32
C LEU A 145 8.72 -44.48 34.65
N PRO A 146 9.55 -44.08 35.63
CA PRO A 146 9.77 -44.88 36.86
C PRO A 146 8.55 -45.15 37.75
N ALA A 147 8.69 -46.11 38.66
CA ALA A 147 7.63 -46.47 39.59
C ALA A 147 7.35 -45.32 40.56
N TYR A 148 8.39 -44.56 40.89
CA TYR A 148 8.28 -43.49 41.89
C TYR A 148 7.50 -42.28 41.40
N PHE A 149 7.15 -42.29 40.11
CA PHE A 149 6.29 -41.24 39.55
C PHE A 149 4.94 -41.17 40.26
N SER A 150 4.50 -42.28 40.83
CA SER A 150 3.20 -42.34 41.49
C SER A 150 3.20 -41.62 42.84
N ASN A 151 4.39 -41.20 43.28
CA ASN A 151 4.52 -40.35 44.45
C ASN A 151 4.57 -38.88 44.06
N LEU A 152 5.06 -38.64 42.84
CA LEU A 152 5.09 -37.32 42.23
C LEU A 152 3.73 -37.04 41.61
N THR A 153 2.75 -36.83 42.47
CA THR A 153 1.37 -36.78 42.06
C THR A 153 0.99 -35.45 41.39
N ASN A 154 1.89 -34.47 41.46
CA ASN A 154 1.68 -33.14 40.86
C ASN A 154 2.51 -32.91 39.61
N LEU A 155 3.13 -33.97 39.11
CA LEU A 155 4.00 -33.87 37.94
C LEU A 155 3.16 -33.89 36.65
N VAL A 156 3.33 -32.85 35.84
CA VAL A 156 2.49 -32.63 34.65
C VAL A 156 3.29 -32.49 33.36
N HIS A 157 4.59 -32.24 33.49
CA HIS A 157 5.48 -32.12 32.34
C HIS A 157 6.88 -32.67 32.56
N VAL A 158 7.29 -33.60 31.70
CA VAL A 158 8.66 -34.13 31.71
C VAL A 158 9.33 -33.90 30.35
N ASP A 159 10.45 -33.18 30.37
CA ASP A 159 11.23 -32.92 29.16
C ASP A 159 12.42 -33.90 29.05
N LEU A 160 12.35 -34.79 28.05
CA LEU A 160 13.36 -35.82 27.83
C LEU A 160 14.11 -35.62 26.52
N SER A 161 14.09 -34.38 26.02
CA SER A 161 14.67 -34.03 24.72
C SER A 161 16.17 -34.23 24.65
N TYR A 162 16.67 -34.40 23.42
CA TYR A 162 18.09 -34.45 23.14
C TYR A 162 18.82 -35.40 24.09
N ASN A 163 18.31 -36.62 24.14
CA ASN A 163 18.92 -37.72 24.86
C ASN A 163 19.15 -38.84 23.86
N TYR A 164 19.38 -40.06 24.34
CA TYR A 164 19.78 -41.17 23.44
C TYR A 164 18.74 -42.31 23.40
N ILE A 165 17.49 -41.95 23.61
CA ILE A 165 16.41 -42.93 23.60
C ILE A 165 16.20 -43.38 22.17
N GLN A 166 16.25 -44.69 21.97
CA GLN A 166 16.04 -45.24 20.65
C GLN A 166 14.75 -45.99 20.55
N THR A 167 14.19 -46.34 21.71
CA THR A 167 13.00 -47.19 21.73
C THR A 167 11.99 -46.78 22.81
N ILE A 168 10.72 -46.99 22.49
CA ILE A 168 9.64 -46.85 23.47
C ILE A 168 8.92 -48.19 23.54
N THR A 169 8.98 -48.83 24.71
CA THR A 169 8.48 -50.20 24.91
C THR A 169 7.15 -50.15 25.65
N VAL A 170 6.40 -51.26 25.68
CA VAL A 170 5.15 -51.26 26.47
C VAL A 170 5.41 -51.16 27.98
N ASN A 171 6.53 -51.70 28.46
CA ASN A 171 6.85 -51.53 29.88
C ASN A 171 7.50 -50.18 30.23
N ASP A 172 7.95 -49.43 29.21
CA ASP A 172 8.42 -48.05 29.40
C ASP A 172 7.28 -47.14 29.85
N LEU A 173 6.09 -47.40 29.31
CA LEU A 173 4.93 -46.59 29.60
C LEU A 173 3.93 -47.20 30.60
N GLN A 174 4.37 -48.24 31.33
CA GLN A 174 3.52 -48.96 32.26
C GLN A 174 2.94 -48.05 33.35
N PHE A 175 3.73 -47.12 33.86
CA PHE A 175 3.22 -46.19 34.87
C PHE A 175 1.94 -45.51 34.41
N LEU A 176 1.95 -44.94 33.20
CA LEU A 176 0.76 -44.29 32.63
C LEU A 176 -0.40 -45.24 32.40
N ARG A 177 -0.10 -46.46 31.98
CA ARG A 177 -1.14 -47.48 31.79
C ARG A 177 -1.82 -47.79 33.12
N GLU A 178 -1.00 -47.86 34.17
CA GLU A 178 -1.42 -48.15 35.53
C GLU A 178 -2.32 -47.07 36.08
N ASN A 179 -1.90 -45.81 35.93
CA ASN A 179 -2.59 -44.64 36.50
C ASN A 179 -3.18 -43.73 35.43
N PRO A 180 -4.32 -44.11 34.84
CA PRO A 180 -4.88 -43.34 33.72
C PRO A 180 -5.43 -41.96 34.13
N GLN A 181 -5.29 -41.61 35.40
CA GLN A 181 -5.79 -40.32 35.91
C GLN A 181 -4.72 -39.22 35.90
N VAL A 182 -3.53 -39.53 35.39
CA VAL A 182 -2.40 -38.60 35.44
C VAL A 182 -2.33 -37.69 34.23
N ASN A 183 -2.24 -36.38 34.49
CA ASN A 183 -2.02 -35.39 33.44
C ASN A 183 -0.53 -35.26 33.17
N LEU A 184 -0.03 -35.94 32.13
CA LEU A 184 1.38 -35.83 31.80
C LEU A 184 1.63 -35.36 30.37
N SER A 185 2.59 -34.44 30.25
CA SER A 185 3.13 -34.04 28.96
C SER A 185 4.56 -34.53 28.86
N LEU A 186 4.91 -35.02 27.68
CA LEU A 186 6.18 -35.68 27.45
C LEU A 186 6.82 -35.05 26.23
N ASP A 187 7.98 -34.43 26.40
CA ASP A 187 8.73 -33.90 25.27
C ASP A 187 9.84 -34.86 24.90
N MET A 188 9.70 -35.47 23.73
CA MET A 188 10.55 -36.56 23.28
C MET A 188 11.43 -36.14 22.10
N SER A 189 11.52 -34.85 21.85
CA SER A 189 12.28 -34.31 20.71
C SER A 189 13.75 -34.69 20.70
N LEU A 190 14.33 -34.66 19.50
CA LEU A 190 15.76 -34.85 19.31
C LEU A 190 16.27 -36.13 19.97
N ASN A 191 15.43 -37.16 19.92
CA ASN A 191 15.83 -38.50 20.33
C ASN A 191 15.83 -39.43 19.11
N PRO A 192 16.92 -40.18 18.89
CA PRO A 192 17.00 -41.03 17.70
C PRO A 192 16.10 -42.26 17.80
N ILE A 193 14.79 -42.06 17.73
CA ILE A 193 13.84 -43.13 17.94
C ILE A 193 13.76 -43.93 16.65
N ASP A 194 13.97 -45.23 16.74
CA ASP A 194 13.90 -46.05 15.55
C ASP A 194 12.94 -47.22 15.72
N PHE A 195 12.31 -47.30 16.90
CA PHE A 195 11.47 -48.43 17.25
C PHE A 195 10.53 -48.14 18.43
N ILE A 196 9.23 -48.23 18.16
CA ILE A 196 8.18 -48.20 19.18
C ILE A 196 7.46 -49.55 19.21
N GLN A 197 7.54 -50.24 20.35
CA GLN A 197 6.99 -51.60 20.47
C GLN A 197 5.50 -51.68 20.17
N ASP A 198 5.06 -52.86 19.74
CA ASP A 198 3.66 -53.06 19.39
C ASP A 198 2.82 -52.94 20.64
N GLN A 199 1.71 -52.20 20.53
CA GLN A 199 0.80 -51.97 21.65
C GLN A 199 1.38 -51.11 22.78
N ALA A 200 2.48 -50.41 22.52
CA ALA A 200 3.18 -49.64 23.57
C ALA A 200 2.39 -48.45 24.12
N PHE A 201 1.53 -47.87 23.28
CA PHE A 201 0.69 -46.72 23.66
C PHE A 201 -0.77 -47.12 23.87
N GLN A 202 -1.03 -48.43 23.87
CA GLN A 202 -2.37 -48.94 24.09
C GLN A 202 -2.77 -48.60 25.52
N GLY A 203 -3.93 -47.95 25.62
CA GLY A 203 -4.48 -47.50 26.89
C GLY A 203 -3.70 -46.39 27.58
N ILE A 204 -2.92 -45.59 26.84
CA ILE A 204 -2.22 -44.48 27.49
C ILE A 204 -2.69 -43.10 27.01
N LYS A 205 -2.81 -42.20 27.98
CA LYS A 205 -3.35 -40.87 27.78
C LYS A 205 -2.23 -39.86 27.99
N LEU A 206 -2.16 -38.87 27.11
CA LEU A 206 -1.21 -37.76 27.28
C LEU A 206 -1.87 -36.43 26.94
N HIS A 207 -1.43 -35.38 27.63
CA HIS A 207 -1.87 -34.04 27.29
C HIS A 207 -1.20 -33.59 26.01
N GLU A 208 0.10 -33.39 26.08
CA GLU A 208 0.89 -32.90 24.94
C GLU A 208 2.04 -33.88 24.73
N LEU A 209 2.25 -34.30 23.49
CA LEU A 209 3.37 -35.16 23.13
C LEU A 209 4.13 -34.53 21.98
N THR A 210 5.41 -34.24 22.20
CA THR A 210 6.22 -33.59 21.17
C THR A 210 7.22 -34.56 20.57
N LEU A 211 7.11 -34.76 19.26
CA LEU A 211 8.03 -35.58 18.51
C LEU A 211 8.60 -34.77 17.35
N ARG A 212 9.60 -33.95 17.63
CA ARG A 212 10.28 -33.18 16.59
C ARG A 212 11.70 -33.66 16.47
N GLY A 213 12.17 -33.83 15.24
CA GLY A 213 13.55 -34.25 14.99
C GLY A 213 13.89 -35.58 15.62
N ASN A 214 13.01 -36.57 15.41
CA ASN A 214 13.16 -37.89 15.98
C ASN A 214 13.61 -38.96 15.00
N PHE A 215 13.26 -38.79 13.73
CA PHE A 215 13.29 -39.89 12.79
C PHE A 215 14.27 -39.68 11.63
N ASN A 216 15.23 -40.59 11.48
CA ASN A 216 16.30 -40.49 10.47
C ASN A 216 15.82 -40.64 9.04
N SER A 217 14.61 -41.18 8.90
CA SER A 217 14.03 -41.54 7.59
C SER A 217 12.50 -41.49 7.58
N SER A 218 11.93 -41.28 6.40
CA SER A 218 10.49 -41.21 6.24
C SER A 218 9.81 -42.55 6.56
N ASN A 219 10.45 -43.66 6.20
CA ASN A 219 9.92 -44.99 6.55
C ASN A 219 9.92 -45.23 8.06
N ILE A 220 11.01 -44.81 8.70
CA ILE A 220 11.14 -44.91 10.15
C ILE A 220 10.01 -44.14 10.84
N MET A 221 9.69 -42.97 10.30
CA MET A 221 8.59 -42.22 10.86
C MET A 221 7.23 -42.92 10.68
N LYS A 222 6.95 -43.37 9.46
CA LYS A 222 5.69 -44.03 9.13
C LYS A 222 5.51 -45.21 10.06
N THR A 223 6.60 -45.92 10.25
CA THR A 223 6.58 -47.18 10.95
C THR A 223 6.53 -47.00 12.49
N CYS A 224 7.03 -45.86 12.97
CA CYS A 224 6.93 -45.53 14.38
C CYS A 224 5.59 -44.90 14.73
N LEU A 225 5.03 -44.11 13.82
CA LEU A 225 3.73 -43.48 14.08
C LEU A 225 2.62 -44.54 14.19
N GLN A 226 2.81 -45.67 13.52
CA GLN A 226 1.84 -46.75 13.51
C GLN A 226 1.71 -47.39 14.88
N ASN A 227 2.77 -47.33 15.66
CA ASN A 227 2.74 -47.93 16.98
C ASN A 227 2.41 -46.98 18.10
N LEU A 228 1.99 -45.78 17.70
CA LEU A 228 1.28 -44.84 18.55
C LEU A 228 -0.19 -45.26 18.73
N ALA A 229 -0.64 -46.27 17.97
CA ALA A 229 -2.01 -46.82 18.09
C ALA A 229 -2.46 -46.93 19.54
N GLY A 230 -3.67 -46.46 19.83
CA GLY A 230 -4.19 -46.47 21.19
C GLY A 230 -4.09 -45.14 21.91
N LEU A 231 -3.04 -44.38 21.65
CA LEU A 231 -2.79 -43.11 22.31
C LEU A 231 -3.98 -42.17 22.25
N HIS A 232 -4.26 -41.51 23.37
CA HIS A 232 -5.19 -40.40 23.44
C HIS A 232 -4.35 -39.19 23.79
N VAL A 233 -4.16 -38.29 22.83
CA VAL A 233 -3.43 -37.05 23.05
C VAL A 233 -4.28 -35.83 22.80
N HIS A 234 -4.14 -34.84 23.68
CA HIS A 234 -4.78 -33.57 23.45
C HIS A 234 -4.00 -32.77 22.46
N ARG A 235 -2.67 -32.83 22.53
CA ARG A 235 -1.86 -32.07 21.60
C ARG A 235 -0.68 -32.85 21.09
N LEU A 236 -0.65 -33.10 19.77
CA LEU A 236 0.51 -33.76 19.16
C LEU A 236 1.27 -32.78 18.28
N ILE A 237 2.56 -32.63 18.56
CA ILE A 237 3.45 -31.76 17.80
C ILE A 237 4.49 -32.60 17.04
N LEU A 238 4.48 -32.46 15.71
CA LEU A 238 5.19 -33.34 14.78
C LEU A 238 6.05 -32.51 13.84
N GLY A 239 7.27 -32.99 13.54
CA GLY A 239 8.13 -32.31 12.57
C GLY A 239 9.61 -32.42 12.82
N GLU A 240 10.39 -31.59 12.12
CA GLU A 240 11.85 -31.58 12.26
C GLU A 240 12.40 -30.15 12.33
N PHE A 241 13.71 -29.99 12.15
CA PHE A 241 14.37 -28.71 12.33
C PHE A 241 15.25 -28.38 11.15
N LYS A 242 15.45 -27.10 10.89
CA LYS A 242 16.27 -26.66 9.77
C LYS A 242 17.67 -27.22 9.88
N ASP A 243 18.16 -27.21 11.11
CA ASP A 243 19.51 -27.64 11.43
C ASP A 243 19.61 -29.11 11.82
N GLU A 244 18.55 -29.88 11.55
CA GLU A 244 18.44 -31.29 11.94
C GLU A 244 17.29 -31.91 11.15
N ARG A 245 17.52 -32.13 9.85
CA ARG A 245 16.44 -32.45 8.92
C ARG A 245 16.10 -33.93 8.83
N ASN A 246 16.63 -34.64 7.83
CA ASN A 246 16.45 -36.10 7.68
C ASN A 246 15.36 -36.57 6.72
N LEU A 247 14.16 -35.99 6.79
CA LEU A 247 13.06 -36.49 5.96
C LEU A 247 13.17 -36.09 4.48
N GLU A 248 13.59 -37.06 3.68
CA GLU A 248 13.75 -36.89 2.23
C GLU A 248 12.41 -36.56 1.59
N ILE A 249 11.38 -37.33 1.95
CA ILE A 249 10.01 -37.09 1.48
C ILE A 249 9.02 -37.17 2.64
N PHE A 250 7.91 -36.45 2.50
CA PHE A 250 6.91 -36.35 3.56
C PHE A 250 5.48 -36.34 3.00
N GLU A 251 4.99 -37.54 2.68
CA GLU A 251 3.69 -37.73 2.04
C GLU A 251 2.64 -38.17 3.05
N PRO A 252 1.35 -37.97 2.74
CA PRO A 252 0.23 -38.38 3.58
C PRO A 252 0.33 -39.78 4.17
N SER A 253 0.99 -40.70 3.46
CA SER A 253 1.03 -42.11 3.85
C SER A 253 1.90 -42.34 5.09
N ILE A 254 2.84 -41.44 5.32
CA ILE A 254 3.63 -41.46 6.56
C ILE A 254 2.74 -41.19 7.78
N MET A 255 1.67 -40.43 7.55
CA MET A 255 0.73 -39.99 8.59
C MET A 255 -0.20 -41.12 9.00
N GLU A 256 -0.10 -42.24 8.29
CA GLU A 256 -1.03 -43.37 8.38
C GLU A 256 -1.40 -43.90 9.77
N GLY A 257 -0.41 -44.12 10.62
CA GLY A 257 -0.66 -44.61 11.98
C GLY A 257 -1.58 -43.74 12.84
N LEU A 258 -1.76 -42.49 12.41
CA LEU A 258 -2.58 -41.52 13.14
C LEU A 258 -4.11 -41.69 13.07
N CYS A 259 -4.62 -42.69 12.37
CA CYS A 259 -6.07 -42.98 12.41
C CYS A 259 -6.39 -43.80 13.65
N ASP A 260 -5.36 -44.44 14.18
CA ASP A 260 -5.48 -45.29 15.34
C ASP A 260 -5.13 -44.55 16.61
N VAL A 261 -4.91 -43.25 16.50
CA VAL A 261 -4.67 -42.39 17.67
C VAL A 261 -5.74 -41.30 17.69
N THR A 262 -6.23 -40.92 18.86
CA THR A 262 -7.24 -39.85 18.93
C THR A 262 -6.61 -38.51 19.35
N ILE A 263 -6.63 -37.55 18.42
CA ILE A 263 -5.96 -36.25 18.58
C ILE A 263 -6.97 -35.13 18.74
N ASP A 264 -6.81 -34.32 19.77
CA ASP A 264 -7.62 -33.10 19.89
C ASP A 264 -7.01 -31.98 19.03
N GLU A 265 -5.73 -31.69 19.26
CA GLU A 265 -5.03 -30.64 18.51
C GLU A 265 -3.79 -31.20 17.82
N PHE A 266 -3.61 -30.83 16.57
CA PHE A 266 -2.49 -31.36 15.81
C PHE A 266 -1.63 -30.25 15.23
N ARG A 267 -0.32 -30.34 15.47
CA ARG A 267 0.60 -29.30 15.03
C ARG A 267 1.73 -29.85 14.19
N LEU A 268 1.89 -29.28 13.01
CA LEU A 268 2.98 -29.62 12.14
C LEU A 268 3.99 -28.50 12.08
N THR A 269 5.24 -28.86 12.36
CA THR A 269 6.32 -27.90 12.30
C THR A 269 7.17 -28.08 11.03
N TYR A 270 8.25 -27.31 10.93
CA TYR A 270 9.12 -27.37 9.76
C TYR A 270 9.36 -28.81 9.34
N THR A 271 9.28 -29.05 8.04
CA THR A 271 9.70 -30.31 7.48
C THR A 271 10.55 -29.99 6.27
N ASN A 272 11.49 -30.87 5.97
CA ASN A 272 12.38 -30.69 4.83
C ASN A 272 11.56 -30.69 3.53
N ASP A 273 10.88 -31.81 3.27
CA ASP A 273 9.89 -31.92 2.20
C ASP A 273 8.51 -31.70 2.81
N PHE A 274 7.55 -31.25 2.00
CA PHE A 274 6.14 -31.17 2.41
C PHE A 274 5.19 -31.27 1.22
N SER A 275 4.32 -32.28 1.26
CA SER A 275 3.30 -32.46 0.24
C SER A 275 2.08 -31.60 0.60
N ASP A 276 1.57 -30.82 -0.35
CA ASP A 276 0.39 -29.99 -0.07
C ASP A 276 -0.79 -30.81 0.42
N ASP A 277 -0.99 -32.00 -0.15
CA ASP A 277 -2.18 -32.79 0.20
C ASP A 277 -2.13 -33.55 1.52
N ILE A 278 -1.16 -33.23 2.38
CA ILE A 278 -1.18 -33.83 3.71
C ILE A 278 -2.27 -33.24 4.61
N VAL A 279 -2.67 -31.99 4.34
CA VAL A 279 -3.75 -31.34 5.10
C VAL A 279 -5.10 -31.96 4.79
N LYS A 280 -5.19 -32.61 3.63
CA LYS A 280 -6.44 -33.19 3.15
C LYS A 280 -6.59 -34.66 3.60
N PHE A 281 -5.65 -35.13 4.43
CA PHE A 281 -5.59 -36.52 4.85
C PHE A 281 -6.76 -36.89 5.73
N HIS A 282 -7.46 -37.96 5.35
CA HIS A 282 -8.73 -38.36 5.97
C HIS A 282 -8.66 -38.62 7.46
N CYS A 283 -7.49 -38.99 7.96
CA CYS A 283 -7.35 -39.29 9.38
C CYS A 283 -7.20 -38.02 10.22
N LEU A 284 -7.29 -36.85 9.57
CA LEU A 284 -7.33 -35.55 10.26
C LEU A 284 -8.72 -34.93 10.25
N ALA A 285 -9.72 -35.73 9.85
CA ALA A 285 -11.09 -35.25 9.72
C ALA A 285 -11.68 -34.81 11.05
N ASN A 286 -11.46 -35.60 12.09
CA ASN A 286 -12.08 -35.37 13.39
C ASN A 286 -11.23 -34.49 14.31
N VAL A 287 -10.08 -34.04 13.82
CA VAL A 287 -9.22 -33.17 14.61
C VAL A 287 -9.93 -31.84 14.89
N SER A 288 -9.83 -31.36 16.13
CA SER A 288 -10.53 -30.13 16.50
C SER A 288 -9.69 -28.86 16.28
N ALA A 289 -8.40 -28.88 16.56
CA ALA A 289 -7.50 -27.78 16.17
C ALA A 289 -6.37 -28.25 15.26
N MET A 290 -6.24 -27.61 14.11
CA MET A 290 -5.23 -27.94 13.12
C MET A 290 -4.23 -26.80 13.01
N SER A 291 -2.94 -27.12 12.94
CA SER A 291 -1.93 -26.09 12.94
C SER A 291 -0.70 -26.38 12.07
N LEU A 292 -0.23 -25.36 11.36
CA LEU A 292 0.96 -25.47 10.53
C LEU A 292 1.90 -24.29 10.78
N ALA A 293 3.16 -24.60 11.08
CA ALA A 293 4.16 -23.57 11.32
C ALA A 293 5.47 -23.91 10.65
N GLY A 294 5.97 -22.98 9.84
CA GLY A 294 7.25 -23.11 9.14
C GLY A 294 7.21 -24.00 7.91
N VAL A 295 5.99 -24.30 7.44
CA VAL A 295 5.76 -25.39 6.51
C VAL A 295 5.83 -24.97 5.01
N SER A 296 6.40 -25.85 4.17
CA SER A 296 6.55 -25.59 2.72
C SER A 296 5.23 -25.56 1.94
N ILE A 297 4.10 -25.65 2.61
CA ILE A 297 2.79 -25.70 1.93
C ILE A 297 2.62 -24.51 0.98
N LYS A 298 2.16 -24.77 -0.24
CA LYS A 298 2.03 -23.72 -1.28
C LYS A 298 0.58 -23.44 -1.66
N TYR A 299 -0.25 -24.47 -1.52
CA TYR A 299 -1.68 -24.36 -1.79
C TYR A 299 -2.46 -25.13 -0.75
N LEU A 300 -3.41 -24.44 -0.13
CA LEU A 300 -4.35 -25.09 0.77
C LEU A 300 -5.71 -24.94 0.10
N GLU A 301 -6.13 -25.99 -0.62
CA GLU A 301 -7.36 -25.91 -1.41
C GLU A 301 -8.19 -27.19 -1.39
N ASP A 302 -7.58 -28.30 -0.99
CA ASP A 302 -8.23 -29.61 -1.13
C ASP A 302 -9.45 -29.84 -0.21
N VAL A 303 -9.44 -29.20 0.95
CA VAL A 303 -10.08 -29.71 2.17
C VAL A 303 -11.51 -30.20 2.03
N PRO A 304 -11.74 -31.50 2.34
CA PRO A 304 -13.10 -32.04 2.30
C PRO A 304 -14.01 -31.28 3.24
N LYS A 305 -15.22 -30.99 2.76
CA LYS A 305 -16.15 -30.15 3.48
C LYS A 305 -16.77 -30.82 4.72
N HIS A 306 -16.38 -32.07 5.00
CA HIS A 306 -16.86 -32.78 6.19
C HIS A 306 -15.91 -32.76 7.36
N PHE A 307 -14.73 -32.16 7.17
CA PHE A 307 -13.75 -32.02 8.25
C PHE A 307 -14.30 -31.16 9.40
N LYS A 308 -13.92 -31.51 10.62
CA LYS A 308 -14.52 -30.94 11.82
C LYS A 308 -13.71 -29.81 12.45
N TRP A 309 -12.58 -29.45 11.83
CA TRP A 309 -11.66 -28.46 12.40
C TRP A 309 -12.39 -27.31 12.99
N GLN A 310 -12.05 -26.98 14.23
CA GLN A 310 -12.59 -25.80 14.91
C GLN A 310 -11.65 -24.59 14.85
N SER A 311 -10.33 -24.81 14.84
CA SER A 311 -9.42 -23.74 14.49
C SER A 311 -8.36 -24.20 13.48
N LEU A 312 -7.82 -23.23 12.74
CA LEU A 312 -6.78 -23.49 11.76
C LEU A 312 -5.74 -22.36 11.81
N SER A 313 -4.48 -22.79 11.92
CA SER A 313 -3.36 -21.90 12.12
C SER A 313 -2.36 -22.19 11.02
N ILE A 314 -2.05 -21.18 10.23
CA ILE A 314 -1.02 -21.24 9.19
C ILE A 314 -0.11 -20.10 9.57
N ILE A 315 1.08 -20.43 10.07
CA ILE A 315 2.04 -19.46 10.58
C ILE A 315 3.39 -19.63 9.88
N ARG A 316 3.93 -18.53 9.37
CA ARG A 316 5.22 -18.52 8.67
C ARG A 316 5.34 -19.62 7.60
N CYS A 317 4.31 -19.74 6.77
CA CYS A 317 4.33 -20.74 5.71
C CYS A 317 4.57 -20.09 4.35
N GLN A 318 4.39 -20.85 3.29
CA GLN A 318 4.81 -20.41 1.97
C GLN A 318 3.72 -20.36 0.92
N LEU A 319 2.49 -20.08 1.34
CA LEU A 319 1.34 -20.06 0.44
C LEU A 319 1.54 -19.15 -0.77
N LYS A 320 1.29 -19.68 -1.97
CA LYS A 320 1.37 -18.90 -3.20
C LYS A 320 0.04 -18.20 -3.47
N GLN A 321 -1.01 -18.68 -2.82
CA GLN A 321 -2.38 -18.20 -3.01
C GLN A 321 -3.16 -18.21 -1.72
N PHE A 322 -4.17 -17.38 -1.63
CA PHE A 322 -5.04 -17.39 -0.47
C PHE A 322 -5.87 -18.68 -0.46
N PRO A 323 -5.86 -19.41 0.67
CA PRO A 323 -6.56 -20.68 0.82
C PRO A 323 -8.01 -20.63 0.40
N THR A 324 -8.49 -21.71 -0.20
CA THR A 324 -9.92 -21.81 -0.46
C THR A 324 -10.50 -22.71 0.64
N LEU A 325 -11.34 -22.13 1.48
CA LEU A 325 -11.85 -22.83 2.65
C LEU A 325 -13.35 -22.75 2.71
N ASP A 326 -13.96 -23.90 2.95
CA ASP A 326 -15.39 -23.99 3.18
C ASP A 326 -15.65 -25.11 4.17
N LEU A 327 -15.20 -24.84 5.39
CA LEU A 327 -15.31 -25.74 6.51
C LEU A 327 -16.40 -25.22 7.42
N PRO A 328 -17.36 -26.09 7.78
CA PRO A 328 -18.57 -25.61 8.45
C PRO A 328 -18.42 -25.30 9.93
N PHE A 329 -17.41 -25.85 10.61
CA PHE A 329 -17.28 -25.64 12.06
C PHE A 329 -16.04 -24.87 12.49
N LEU A 330 -15.27 -24.39 11.52
CA LEU A 330 -14.11 -23.55 11.81
C LEU A 330 -14.51 -22.22 12.46
N LYS A 331 -14.19 -22.06 13.74
CA LYS A 331 -14.55 -20.85 14.49
C LYS A 331 -13.46 -19.84 14.36
N SER A 332 -12.22 -20.32 14.28
CA SER A 332 -11.07 -19.43 14.39
C SER A 332 -10.02 -19.75 13.32
N LEU A 333 -9.62 -18.75 12.56
CA LEU A 333 -8.62 -18.91 11.50
C LEU A 333 -7.47 -17.91 11.62
N THR A 334 -6.25 -18.44 11.59
CA THR A 334 -5.04 -17.63 11.66
C THR A 334 -4.11 -17.96 10.50
N LEU A 335 -3.86 -16.95 9.67
CA LEU A 335 -2.87 -17.00 8.63
C LEU A 335 -2.04 -15.76 8.85
N THR A 336 -0.80 -15.96 9.28
CA THR A 336 0.03 -14.81 9.58
C THR A 336 1.48 -15.06 9.16
N MET A 337 2.19 -13.97 8.85
CA MET A 337 3.62 -13.99 8.51
C MET A 337 3.90 -14.89 7.29
N ASN A 338 3.10 -14.78 6.26
CA ASN A 338 3.32 -15.58 5.07
C ASN A 338 4.47 -15.02 4.22
N LYS A 339 5.19 -15.91 3.53
CA LYS A 339 6.17 -15.50 2.52
C LYS A 339 5.49 -14.80 1.33
N GLY A 340 6.05 -13.68 0.90
CA GLY A 340 5.49 -12.90 -0.20
C GLY A 340 4.12 -12.29 0.07
N SER A 341 3.54 -11.71 -0.98
CA SER A 341 2.20 -11.19 -0.92
C SER A 341 1.25 -12.28 -1.38
N ILE A 342 0.01 -12.17 -0.94
CA ILE A 342 -1.09 -12.94 -1.48
C ILE A 342 -2.26 -11.97 -1.39
N SER A 343 -3.24 -12.15 -2.26
CA SER A 343 -4.42 -11.32 -2.19
C SER A 343 -5.56 -12.14 -1.60
N PHE A 344 -6.47 -11.46 -0.90
CA PHE A 344 -7.62 -12.10 -0.32
C PHE A 344 -8.52 -12.70 -1.40
N LYS A 345 -9.06 -13.88 -1.11
CA LYS A 345 -10.07 -14.55 -1.94
C LYS A 345 -11.26 -14.94 -1.06
N LYS A 346 -12.47 -14.79 -1.59
CA LYS A 346 -13.71 -15.29 -0.96
C LYS A 346 -13.51 -16.56 -0.12
N VAL A 347 -13.96 -16.55 1.13
CA VAL A 347 -14.10 -17.80 1.88
C VAL A 347 -15.55 -17.98 2.32
N ALA A 348 -15.94 -19.20 2.65
CA ALA A 348 -17.28 -19.45 3.18
C ALA A 348 -17.14 -20.23 4.47
N LEU A 349 -17.10 -19.51 5.59
CA LEU A 349 -16.89 -20.09 6.92
C LEU A 349 -18.01 -19.64 7.86
N PRO A 350 -19.18 -20.28 7.77
CA PRO A 350 -20.36 -19.90 8.58
C PRO A 350 -20.13 -19.78 10.10
N SER A 351 -19.31 -20.65 10.68
CA SER A 351 -18.99 -20.59 12.12
C SER A 351 -17.94 -19.53 12.54
N LEU A 352 -17.34 -18.83 11.58
CA LEU A 352 -16.15 -18.02 11.85
C LEU A 352 -16.38 -16.81 12.76
N SER A 353 -15.73 -16.81 13.91
CA SER A 353 -15.79 -15.68 14.81
C SER A 353 -14.46 -14.91 14.96
N TYR A 354 -13.34 -15.57 14.71
CA TYR A 354 -12.00 -15.01 14.96
C TYR A 354 -11.13 -15.10 13.69
N LEU A 355 -10.64 -13.94 13.24
CA LEU A 355 -9.87 -13.89 11.99
C LEU A 355 -8.60 -13.03 12.08
N ASP A 356 -7.45 -13.71 12.08
CA ASP A 356 -6.14 -13.07 12.07
C ASP A 356 -5.46 -13.33 10.74
N LEU A 357 -5.44 -12.31 9.90
CA LEU A 357 -4.73 -12.33 8.62
C LEU A 357 -3.62 -11.26 8.61
N SER A 358 -3.00 -11.05 9.77
CA SER A 358 -2.04 -10.00 9.97
C SER A 358 -0.68 -10.34 9.34
N ARG A 359 0.13 -9.32 9.07
CA ARG A 359 1.55 -9.50 8.73
C ARG A 359 1.79 -10.38 7.49
N ASN A 360 1.01 -10.19 6.43
CA ASN A 360 1.10 -11.05 5.24
C ASN A 360 1.41 -10.28 3.98
N ALA A 361 1.74 -9.01 4.10
CA ALA A 361 1.78 -8.14 2.93
C ALA A 361 0.54 -8.45 2.08
N LEU A 362 -0.55 -8.77 2.77
CA LEU A 362 -1.83 -9.16 2.17
C LEU A 362 -2.47 -7.97 1.49
N SER A 363 -3.07 -8.24 0.35
CA SER A 363 -3.74 -7.26 -0.45
C SER A 363 -5.23 -7.68 -0.54
N PHE A 364 -6.09 -6.81 -0.06
CA PHE A 364 -7.51 -7.11 0.07
C PHE A 364 -8.21 -5.99 -0.67
N SER A 365 -8.83 -6.30 -1.80
CA SER A 365 -9.61 -5.29 -2.50
C SER A 365 -11.08 -5.60 -2.36
N GLY A 366 -11.83 -4.67 -1.78
CA GLY A 366 -13.24 -4.86 -1.50
C GLY A 366 -13.52 -5.24 -0.06
N CYS A 367 -12.93 -4.53 0.89
CA CYS A 367 -13.29 -4.70 2.30
C CYS A 367 -14.52 -3.87 2.61
N CYS A 368 -15.52 -4.48 3.24
CA CYS A 368 -15.70 -5.93 3.34
C CYS A 368 -17.04 -6.17 3.95
N SER A 369 -17.60 -7.34 3.66
CA SER A 369 -18.94 -7.68 4.05
C SER A 369 -19.04 -9.18 4.27
N TYR A 370 -20.24 -9.60 4.69
CA TYR A 370 -20.56 -11.00 4.88
C TYR A 370 -20.09 -11.86 3.71
N SER A 371 -20.29 -11.39 2.48
CA SER A 371 -19.99 -12.22 1.30
C SER A 371 -18.50 -12.48 1.05
N ASP A 372 -17.63 -11.73 1.72
CA ASP A 372 -16.23 -12.06 1.70
C ASP A 372 -15.92 -13.30 2.57
N LEU A 373 -16.75 -13.55 3.58
CA LEU A 373 -16.44 -14.54 4.63
C LEU A 373 -17.46 -15.66 4.83
N GLY A 374 -18.72 -15.38 4.49
CA GLY A 374 -19.81 -16.34 4.67
C GLY A 374 -20.23 -16.49 6.11
N THR A 375 -19.86 -15.53 6.95
CA THR A 375 -20.11 -15.58 8.38
C THR A 375 -20.86 -14.36 8.88
N ASN A 376 -21.62 -14.57 9.95
CA ASN A 376 -22.36 -13.51 10.61
C ASN A 376 -21.93 -13.29 12.04
N SER A 377 -20.98 -14.10 12.50
CA SER A 377 -20.63 -14.08 13.91
C SER A 377 -19.21 -13.62 14.15
N LEU A 378 -18.63 -12.92 13.19
CA LEU A 378 -17.27 -12.45 13.28
C LEU A 378 -17.11 -11.47 14.43
N ARG A 379 -16.22 -11.79 15.37
CA ARG A 379 -15.98 -10.91 16.52
C ARG A 379 -14.64 -10.19 16.50
N HIS A 380 -13.69 -10.73 15.73
CA HIS A 380 -12.32 -10.26 15.73
C HIS A 380 -11.76 -10.33 14.33
N LEU A 381 -11.35 -9.17 13.82
CA LEU A 381 -10.74 -9.09 12.52
C LEU A 381 -9.40 -8.36 12.61
N ASP A 382 -8.32 -9.11 12.38
CA ASP A 382 -6.99 -8.53 12.29
C ASP A 382 -6.47 -8.54 10.85
N LEU A 383 -6.40 -7.34 10.27
CA LEU A 383 -5.81 -7.14 8.95
C LEU A 383 -4.56 -6.22 9.03
N SER A 384 -3.89 -6.21 10.17
CA SER A 384 -2.75 -5.32 10.35
C SER A 384 -1.49 -5.79 9.60
N PHE A 385 -0.54 -4.87 9.45
CA PHE A 385 0.76 -5.13 8.81
C PHE A 385 0.67 -5.79 7.44
N ASN A 386 -0.26 -5.31 6.61
CA ASN A 386 -0.47 -5.83 5.24
C ASN A 386 -0.30 -4.73 4.19
N GLY A 387 -0.66 -5.06 2.95
CA GLY A 387 -0.58 -4.13 1.83
C GLY A 387 -1.84 -3.31 1.58
N ALA A 388 -2.28 -3.29 0.33
CA ALA A 388 -3.41 -2.45 -0.06
C ALA A 388 -4.74 -3.05 0.40
N ILE A 389 -5.43 -2.33 1.26
CA ILE A 389 -6.79 -2.68 1.66
C ILE A 389 -7.75 -1.61 1.14
N ILE A 390 -8.48 -1.97 0.09
CA ILE A 390 -9.39 -1.06 -0.60
C ILE A 390 -10.78 -1.17 0.02
N MET A 391 -11.14 -0.19 0.84
CA MET A 391 -12.46 -0.14 1.48
C MET A 391 -13.52 0.12 0.44
N SER A 392 -14.53 -0.75 0.39
CA SER A 392 -15.52 -0.74 -0.68
C SER A 392 -16.94 -1.07 -0.20
N ALA A 393 -17.03 -1.61 1.01
CA ALA A 393 -18.27 -2.03 1.63
C ALA A 393 -18.12 -1.83 3.13
N ASN A 394 -19.10 -1.20 3.77
CA ASN A 394 -18.98 -0.89 5.20
C ASN A 394 -19.47 -1.96 6.20
N PHE A 395 -18.99 -3.19 6.01
CA PHE A 395 -19.18 -4.29 6.97
C PHE A 395 -20.62 -4.75 7.11
N MET A 396 -21.42 -4.59 6.05
CA MET A 396 -22.78 -5.11 6.14
C MET A 396 -22.74 -6.64 6.15
N GLY A 397 -23.44 -7.21 7.13
CA GLY A 397 -23.33 -8.64 7.44
C GLY A 397 -22.40 -8.96 8.61
N LEU A 398 -21.55 -8.02 8.99
CA LEU A 398 -20.57 -8.27 10.05
C LEU A 398 -20.81 -7.41 11.29
N GLU A 399 -22.09 -7.17 11.59
CA GLU A 399 -22.50 -6.23 12.64
C GLU A 399 -22.17 -6.66 14.08
N GLU A 400 -21.54 -7.82 14.23
CA GLU A 400 -21.17 -8.34 15.53
C GLU A 400 -19.72 -8.05 15.92
N LEU A 401 -18.93 -7.53 14.97
CA LEU A 401 -17.50 -7.28 15.16
C LEU A 401 -17.20 -6.37 16.34
N GLN A 402 -16.22 -6.74 17.17
CA GLN A 402 -15.85 -5.90 18.31
C GLN A 402 -14.37 -5.49 18.40
N HIS A 403 -13.55 -6.11 17.56
CA HIS A 403 -12.14 -5.81 17.52
C HIS A 403 -11.74 -5.77 16.06
N LEU A 404 -11.20 -4.63 15.62
CA LEU A 404 -10.80 -4.43 14.23
C LEU A 404 -9.42 -3.75 14.16
N ASP A 405 -8.45 -4.45 13.54
CA ASP A 405 -7.06 -3.97 13.50
C ASP A 405 -6.53 -3.81 12.06
N PHE A 406 -6.16 -2.58 11.71
CA PHE A 406 -5.69 -2.24 10.37
C PHE A 406 -4.31 -1.60 10.41
N GLN A 407 -3.75 -1.56 11.61
CA GLN A 407 -2.44 -0.99 11.90
C GLN A 407 -1.42 -1.26 10.79
N HIS A 408 -0.73 -0.21 10.36
CA HIS A 408 0.39 -0.32 9.41
C HIS A 408 0.06 -0.88 8.04
N SER A 409 -1.20 -0.89 7.65
CA SER A 409 -1.57 -1.34 6.32
C SER A 409 -1.94 -0.13 5.47
N THR A 410 -1.89 -0.29 4.16
CA THR A 410 -2.31 0.77 3.27
C THR A 410 -3.83 0.74 3.07
N LEU A 411 -4.54 1.33 4.03
CA LEU A 411 -5.97 1.56 3.93
C LEU A 411 -6.27 2.55 2.81
N LYS A 412 -7.32 2.27 2.06
CA LYS A 412 -7.64 3.06 0.88
C LYS A 412 -9.12 3.34 0.89
N ARG A 413 -9.46 4.56 0.48
CA ARG A 413 -10.85 4.98 0.25
C ARG A 413 -11.71 4.95 1.50
N VAL A 414 -11.09 4.73 2.67
CA VAL A 414 -11.78 4.74 3.95
C VAL A 414 -12.37 6.13 4.27
N THR A 415 -11.95 7.14 3.52
CA THR A 415 -12.40 8.49 3.76
C THR A 415 -13.55 8.89 2.82
N GLU A 416 -13.69 8.16 1.72
CA GLU A 416 -14.70 8.42 0.70
C GLU A 416 -16.15 8.10 1.13
N PHE A 417 -16.33 7.34 2.22
CA PHE A 417 -17.68 7.04 2.77
C PHE A 417 -17.65 6.69 4.27
N SER A 418 -18.80 6.39 4.86
CA SER A 418 -18.82 5.91 6.24
C SER A 418 -18.53 4.42 6.27
N ALA A 419 -17.25 4.07 6.30
CA ALA A 419 -16.82 2.69 6.08
C ALA A 419 -17.06 1.78 7.27
N PHE A 420 -17.24 2.34 8.46
CA PHE A 420 -17.51 1.51 9.62
C PHE A 420 -18.95 1.64 10.12
N LEU A 421 -19.85 2.00 9.21
CA LEU A 421 -21.23 2.35 9.57
C LEU A 421 -21.99 1.22 10.27
N SER A 422 -21.81 -0.02 9.81
CA SER A 422 -22.50 -1.18 10.37
C SER A 422 -22.01 -1.57 11.76
N LEU A 423 -20.84 -1.08 12.17
CA LEU A 423 -20.18 -1.61 13.34
C LEU A 423 -20.63 -1.01 14.68
N GLU A 424 -21.92 -1.16 14.99
CA GLU A 424 -22.52 -0.57 16.19
C GLU A 424 -22.08 -1.24 17.49
N LYS A 425 -21.41 -2.39 17.38
CA LYS A 425 -20.91 -3.11 18.54
C LYS A 425 -19.39 -3.10 18.72
N LEU A 426 -18.67 -2.44 17.80
CA LEU A 426 -17.21 -2.43 17.86
C LEU A 426 -16.66 -1.76 19.13
N LEU A 427 -15.75 -2.45 19.81
CA LEU A 427 -15.13 -1.90 21.02
C LEU A 427 -13.72 -1.33 20.79
N TYR A 428 -13.02 -1.87 19.78
CA TYR A 428 -11.59 -1.61 19.53
C TYR A 428 -11.29 -1.41 18.02
N LEU A 429 -10.70 -0.26 17.70
CA LEU A 429 -10.33 0.05 16.34
C LEU A 429 -8.95 0.67 16.25
N ASP A 430 -8.03 -0.02 15.55
CA ASP A 430 -6.70 0.51 15.29
C ASP A 430 -6.54 0.83 13.80
N ILE A 431 -6.40 2.13 13.48
CA ILE A 431 -6.08 2.60 12.13
C ILE A 431 -4.76 3.40 12.10
N SER A 432 -3.91 3.18 13.10
CA SER A 432 -2.62 3.82 13.21
C SER A 432 -1.69 3.50 12.03
N TYR A 433 -0.95 4.51 11.58
CA TYR A 433 0.06 4.39 10.52
C TYR A 433 -0.50 3.74 9.27
N THR A 434 -1.76 4.00 8.98
CA THR A 434 -2.38 3.46 7.79
C THR A 434 -2.35 4.51 6.72
N ASN A 435 -1.81 5.67 7.09
CA ASN A 435 -1.55 6.73 6.13
C ASN A 435 -2.82 7.40 5.63
N THR A 436 -3.70 7.75 6.56
CA THR A 436 -4.99 8.29 6.20
C THR A 436 -5.02 9.80 6.37
N LYS A 437 -5.29 10.49 5.28
CA LYS A 437 -5.57 11.89 5.34
C LYS A 437 -7.10 12.00 5.55
N ILE A 438 -7.49 12.35 6.78
CA ILE A 438 -8.89 12.46 7.20
C ILE A 438 -9.52 13.74 6.67
N ASP A 439 -10.34 13.61 5.64
CA ASP A 439 -11.07 14.75 5.10
C ASP A 439 -12.58 14.50 5.01
N PHE A 440 -13.08 13.73 5.97
CA PHE A 440 -14.50 13.45 6.07
C PHE A 440 -14.93 13.33 7.54
N ASP A 441 -15.68 14.32 8.02
CA ASP A 441 -16.15 14.38 9.41
C ASP A 441 -16.90 13.13 9.85
N GLY A 442 -17.57 12.47 8.91
CA GLY A 442 -18.37 11.29 9.22
C GLY A 442 -17.66 9.96 9.07
N ILE A 443 -16.33 9.97 9.18
CA ILE A 443 -15.53 8.74 9.05
C ILE A 443 -15.84 7.71 10.14
N PHE A 444 -16.23 8.15 11.33
CA PHE A 444 -16.48 7.22 12.44
C PHE A 444 -17.96 7.10 12.77
N LEU A 445 -18.82 7.57 11.87
CA LEU A 445 -20.25 7.44 12.04
C LEU A 445 -20.58 5.95 12.18
N GLY A 446 -21.36 5.59 13.18
CA GLY A 446 -21.71 4.18 13.41
C GLY A 446 -21.02 3.56 14.62
N LEU A 447 -19.92 4.17 15.07
CA LEU A 447 -19.06 3.55 16.08
C LEU A 447 -19.47 3.92 17.50
N THR A 448 -20.74 3.69 17.80
CA THR A 448 -21.33 4.18 19.03
C THR A 448 -20.93 3.40 20.29
N SER A 449 -20.35 2.22 20.11
CA SER A 449 -19.86 1.46 21.27
C SER A 449 -18.36 1.52 21.47
N LEU A 450 -17.64 2.14 20.52
CA LEU A 450 -16.17 2.16 20.55
C LEU A 450 -15.58 2.65 21.87
N ASN A 451 -14.61 1.93 22.40
CA ASN A 451 -13.83 2.37 23.56
C ASN A 451 -12.44 2.85 23.17
N THR A 452 -11.77 2.03 22.36
CA THR A 452 -10.38 2.23 22.07
C THR A 452 -10.19 2.57 20.60
N LEU A 453 -9.72 3.78 20.38
CA LEU A 453 -9.39 4.22 19.04
C LEU A 453 -7.94 4.65 19.00
N LYS A 454 -7.12 3.83 18.34
CA LYS A 454 -5.74 4.17 18.02
C LYS A 454 -5.67 4.62 16.56
N MET A 455 -5.26 5.86 16.34
CA MET A 455 -5.10 6.42 14.99
C MET A 455 -3.86 7.31 14.90
N ALA A 456 -2.80 6.88 15.57
CA ALA A 456 -1.53 7.56 15.53
C ALA A 456 -0.94 7.53 14.10
N GLY A 457 -0.17 8.57 13.75
CA GLY A 457 0.62 8.55 12.53
C GLY A 457 -0.16 8.67 11.23
N ASN A 458 -1.24 9.45 11.26
CA ASN A 458 -2.01 9.77 10.08
C ASN A 458 -1.97 11.29 9.90
N SER A 459 -3.09 11.89 9.50
CA SER A 459 -3.17 13.35 9.29
C SER A 459 -4.60 13.81 8.99
N PHE A 460 -4.79 15.12 8.95
CA PHE A 460 -6.11 15.73 8.76
C PHE A 460 -6.03 16.84 7.74
N LYS A 461 -7.10 17.02 6.98
CA LYS A 461 -7.21 18.18 6.08
C LYS A 461 -6.85 19.48 6.84
N ASP A 462 -5.96 20.26 6.24
CA ASP A 462 -5.47 21.53 6.83
C ASP A 462 -4.94 21.37 8.25
N ASN A 463 -4.48 20.16 8.58
CA ASN A 463 -3.91 19.85 9.89
C ASN A 463 -4.71 20.36 11.08
N THR A 464 -6.02 20.50 10.87
CA THR A 464 -6.94 20.78 11.96
C THR A 464 -7.75 19.51 12.35
N LEU A 465 -7.74 19.19 13.64
CA LEU A 465 -8.53 18.10 14.22
C LEU A 465 -10.01 18.42 14.17
N SER A 466 -10.71 17.86 13.19
CA SER A 466 -12.11 18.17 12.94
C SER A 466 -13.10 17.38 13.81
N ASN A 467 -14.38 17.77 13.78
CA ASN A 467 -15.43 17.16 14.61
C ASN A 467 -15.84 15.76 14.12
N VAL A 468 -14.97 14.78 14.35
CA VAL A 468 -15.19 13.41 13.89
C VAL A 468 -15.65 12.49 15.00
N PHE A 469 -15.64 12.98 16.24
CA PHE A 469 -15.93 12.17 17.43
C PHE A 469 -17.28 12.48 18.09
N ALA A 470 -18.17 13.15 17.38
CA ALA A 470 -19.47 13.54 17.96
C ALA A 470 -20.30 12.34 18.46
N ASN A 471 -20.29 11.24 17.70
CA ASN A 471 -21.06 10.04 18.06
C ASN A 471 -20.27 8.92 18.76
N THR A 472 -18.95 9.04 18.86
CA THR A 472 -18.15 7.99 19.51
C THR A 472 -18.09 8.26 21.00
N THR A 473 -19.20 8.03 21.67
CA THR A 473 -19.44 8.55 23.01
C THR A 473 -18.82 7.71 24.15
N ASN A 474 -18.55 6.45 23.87
CA ASN A 474 -18.08 5.51 24.87
C ASN A 474 -16.56 5.36 24.91
N LEU A 475 -15.86 6.32 24.32
CA LEU A 475 -14.42 6.27 24.14
C LEU A 475 -13.69 6.41 25.47
N THR A 476 -12.76 5.51 25.73
CA THR A 476 -11.95 5.58 26.95
C THR A 476 -10.46 5.81 26.65
N PHE A 477 -10.03 5.48 25.44
CA PHE A 477 -8.62 5.61 25.02
C PHE A 477 -8.58 6.19 23.62
N LEU A 478 -7.90 7.32 23.45
CA LEU A 478 -7.83 7.97 22.14
C LEU A 478 -6.40 8.41 21.77
N ASP A 479 -5.82 7.73 20.78
CA ASP A 479 -4.44 8.00 20.35
C ASP A 479 -4.39 8.76 19.05
N LEU A 480 -3.93 10.00 19.14
CA LEU A 480 -3.84 10.91 18.02
C LEU A 480 -2.42 11.47 17.90
N SER A 481 -1.45 10.73 18.42
CA SER A 481 -0.04 11.13 18.33
C SER A 481 0.49 11.00 16.90
N LYS A 482 1.46 11.85 16.57
CA LYS A 482 2.10 11.86 15.25
C LYS A 482 1.15 12.11 14.09
N CYS A 483 0.17 12.98 14.28
CA CYS A 483 -0.83 13.26 13.25
C CYS A 483 -0.68 14.59 12.56
N GLN A 484 0.52 15.19 12.65
CA GLN A 484 0.83 16.50 12.04
C GLN A 484 -0.19 17.60 12.36
N LEU A 485 -0.88 17.47 13.50
CA LEU A 485 -1.94 18.40 13.86
C LEU A 485 -1.41 19.77 14.26
N GLU A 486 -2.02 20.82 13.71
CA GLU A 486 -1.66 22.19 14.08
C GLU A 486 -2.76 22.92 14.88
N GLN A 487 -4.01 22.60 14.57
CA GLN A 487 -5.18 23.28 15.16
C GLN A 487 -6.25 22.29 15.61
N ILE A 488 -6.94 22.63 16.69
CA ILE A 488 -8.04 21.82 17.20
C ILE A 488 -9.37 22.56 17.10
N SER A 489 -10.32 22.01 16.34
CA SER A 489 -11.65 22.63 16.21
C SER A 489 -12.45 22.68 17.51
N TRP A 490 -13.49 23.52 17.53
CA TRP A 490 -13.97 24.05 18.79
C TRP A 490 -14.67 23.11 19.75
N GLY A 491 -15.64 22.34 19.27
CA GLY A 491 -16.37 21.46 20.18
C GLY A 491 -15.97 20.01 20.08
N VAL A 492 -14.75 19.79 19.61
CA VAL A 492 -14.29 18.48 19.14
C VAL A 492 -14.31 17.34 20.18
N PHE A 493 -14.10 17.66 21.46
CA PHE A 493 -14.08 16.65 22.54
C PHE A 493 -15.28 16.67 23.50
N ASP A 494 -16.20 17.62 23.32
CA ASP A 494 -17.23 17.90 24.34
C ASP A 494 -18.14 16.73 24.70
N THR A 495 -18.24 15.78 23.78
CA THR A 495 -19.12 14.62 23.86
C THR A 495 -18.46 13.42 24.55
N LEU A 496 -17.16 13.48 24.79
CA LEU A 496 -16.39 12.33 25.22
C LEU A 496 -16.29 12.23 26.73
N HIS A 497 -17.42 12.00 27.38
CA HIS A 497 -17.50 12.05 28.84
C HIS A 497 -16.79 10.94 29.59
N ARG A 498 -16.58 9.79 28.95
CA ARG A 498 -15.90 8.67 29.62
C ARG A 498 -14.38 8.59 29.31
N LEU A 499 -13.88 9.53 28.52
CA LEU A 499 -12.50 9.49 28.01
C LEU A 499 -11.45 9.55 29.10
N GLN A 500 -10.57 8.54 29.15
CA GLN A 500 -9.58 8.44 30.21
C GLN A 500 -8.18 8.84 29.77
N LEU A 501 -7.88 8.61 28.49
CA LEU A 501 -6.52 8.73 27.97
C LEU A 501 -6.56 9.39 26.58
N LEU A 502 -5.98 10.59 26.49
CA LEU A 502 -5.80 11.26 25.22
C LEU A 502 -4.29 11.53 24.96
N ASN A 503 -3.72 10.81 23.97
CA ASN A 503 -2.32 10.93 23.53
C ASN A 503 -2.37 11.85 22.30
N MET A 504 -1.86 13.07 22.45
CA MET A 504 -1.74 14.00 21.32
C MET A 504 -0.31 14.50 21.19
N SER A 505 0.62 13.71 21.73
CA SER A 505 2.04 14.02 21.65
C SER A 505 2.51 13.96 20.20
N HIS A 506 3.64 14.62 19.93
CA HIS A 506 4.31 14.55 18.62
C HIS A 506 3.52 15.12 17.49
N ASN A 507 2.79 16.19 17.76
CA ASN A 507 2.12 16.97 16.72
C ASN A 507 2.82 18.32 16.59
N ASN A 508 2.19 19.28 15.93
CA ASN A 508 2.76 20.62 15.77
C ASN A 508 1.87 21.73 16.35
N LEU A 509 1.42 21.52 17.59
CA LEU A 509 0.52 22.48 18.24
C LEU A 509 1.29 23.66 18.81
N LEU A 510 0.90 24.86 18.40
CA LEU A 510 1.53 26.10 18.85
C LEU A 510 1.05 26.57 20.24
N PHE A 511 -0.16 26.18 20.60
CA PHE A 511 -0.72 26.43 21.94
C PHE A 511 -1.79 25.41 22.27
N LEU A 512 -2.13 25.28 23.54
CA LEU A 512 -3.34 24.59 23.96
C LEU A 512 -4.43 25.59 24.33
N ASP A 513 -5.68 25.14 24.30
CA ASP A 513 -6.81 25.91 24.79
C ASP A 513 -7.64 25.04 25.73
N SER A 514 -7.51 25.35 27.02
CA SER A 514 -8.11 24.56 28.12
C SER A 514 -9.55 24.10 27.87
N SER A 515 -10.32 24.93 27.19
CA SER A 515 -11.75 24.70 27.02
C SER A 515 -12.10 23.60 26.00
N HIS A 516 -11.08 23.10 25.30
CA HIS A 516 -11.23 21.90 24.47
C HIS A 516 -11.46 20.70 25.32
N TYR A 517 -10.94 20.77 26.55
CA TYR A 517 -10.82 19.62 27.44
C TYR A 517 -11.75 19.67 28.64
N ASN A 518 -12.31 20.84 28.92
CA ASN A 518 -13.49 20.91 29.78
C ASN A 518 -14.57 20.09 29.10
N GLN A 519 -15.35 19.36 29.88
CA GLN A 519 -16.29 18.36 29.35
C GLN A 519 -15.66 16.96 29.23
N LEU A 520 -14.35 16.86 29.50
CA LEU A 520 -13.69 15.56 29.65
C LEU A 520 -13.65 15.17 31.14
N TYR A 521 -14.84 14.90 31.68
CA TYR A 521 -15.04 14.68 33.11
C TYR A 521 -14.36 13.43 33.67
N SER A 522 -13.82 12.60 32.78
CA SER A 522 -13.28 11.31 33.17
C SER A 522 -11.81 11.13 32.77
N LEU A 523 -11.23 12.18 32.22
CA LEU A 523 -9.85 12.17 31.72
C LEU A 523 -8.84 12.15 32.85
N SER A 524 -7.93 11.19 32.81
CA SER A 524 -6.88 11.10 33.84
C SER A 524 -5.47 11.33 33.29
N THR A 525 -5.31 11.13 31.98
CA THR A 525 -4.01 11.31 31.34
C THR A 525 -4.16 12.08 30.02
N LEU A 526 -3.39 13.17 29.93
CA LEU A 526 -3.31 13.99 28.73
C LEU A 526 -1.84 14.15 28.35
N ASP A 527 -1.47 13.64 27.18
CA ASP A 527 -0.10 13.69 26.68
C ASP A 527 0.04 14.73 25.57
N CYS A 528 0.67 15.85 25.88
CA CYS A 528 0.86 16.90 24.89
C CYS A 528 2.33 17.22 24.68
N SER A 529 3.17 16.23 24.97
CA SER A 529 4.60 16.32 24.78
C SER A 529 5.01 16.36 23.31
N PHE A 530 6.26 16.79 23.10
CA PHE A 530 6.85 16.85 21.76
C PHE A 530 5.95 17.58 20.76
N ASN A 531 5.27 18.61 21.22
CA ASN A 531 4.67 19.58 20.31
C ASN A 531 5.54 20.82 20.26
N ARG A 532 4.92 21.96 20.01
CA ARG A 532 5.64 23.23 20.04
C ARG A 532 4.83 24.26 20.85
N ILE A 533 4.19 23.76 21.91
CA ILE A 533 3.32 24.54 22.79
C ILE A 533 4.08 25.67 23.47
N GLU A 534 3.60 26.90 23.25
CA GLU A 534 4.16 28.09 23.90
C GLU A 534 3.43 28.40 25.21
N THR A 535 2.08 28.38 25.18
CA THR A 535 1.25 28.30 26.39
C THR A 535 -0.10 27.65 26.13
N SER A 536 -0.93 27.64 27.17
CA SER A 536 -2.33 27.32 27.06
C SER A 536 -3.16 28.57 27.35
N LYS A 537 -3.95 28.99 26.38
CA LYS A 537 -4.83 30.14 26.55
C LYS A 537 -6.24 29.74 27.03
N GLY A 538 -6.94 30.68 27.67
CA GLY A 538 -8.37 30.57 27.93
C GLY A 538 -8.88 29.85 29.17
N ILE A 539 -8.56 30.38 30.35
CA ILE A 539 -9.09 29.89 31.65
C ILE A 539 -8.65 28.48 32.03
N LEU A 540 -7.76 28.42 33.02
CA LEU A 540 -7.02 27.22 33.34
C LEU A 540 -7.69 26.33 34.39
N GLN A 541 -8.83 26.77 34.93
CA GLN A 541 -9.63 25.96 35.87
C GLN A 541 -10.35 24.86 35.10
N HIS A 542 -10.64 25.15 33.84
CA HIS A 542 -11.37 24.29 32.91
C HIS A 542 -10.78 22.92 32.69
N PHE A 543 -9.48 22.75 32.94
CA PHE A 543 -8.86 21.43 32.88
C PHE A 543 -9.51 20.54 33.92
N PRO A 544 -9.84 19.29 33.53
CA PRO A 544 -10.65 18.39 34.34
C PRO A 544 -10.07 18.14 35.72
N LYS A 545 -10.94 18.03 36.72
CA LYS A 545 -10.53 17.78 38.10
C LYS A 545 -9.83 16.44 38.20
N SER A 546 -10.26 15.53 37.33
CA SER A 546 -9.78 14.17 37.27
C SER A 546 -8.36 14.05 36.71
N LEU A 547 -7.94 15.07 35.97
CA LEU A 547 -6.64 15.07 35.30
C LEU A 547 -5.46 14.88 36.26
N ALA A 548 -4.94 13.65 36.29
CA ALA A 548 -3.85 13.26 37.19
C ALA A 548 -2.45 13.38 36.57
N PHE A 549 -2.33 13.10 35.28
CA PHE A 549 -1.04 13.13 34.56
C PHE A 549 -1.13 13.97 33.28
N PHE A 550 -0.58 15.18 33.33
CA PHE A 550 -0.60 16.08 32.20
C PHE A 550 0.82 16.31 31.72
N ASN A 551 1.26 15.57 30.71
CA ASN A 551 2.61 15.71 30.19
C ASN A 551 2.76 16.87 29.21
N LEU A 552 3.73 17.75 29.50
CA LEU A 552 4.00 18.90 28.65
C LEU A 552 5.48 19.06 28.30
N THR A 553 6.28 18.06 28.67
CA THR A 553 7.73 18.06 28.41
C THR A 553 8.05 18.08 26.92
N ASN A 554 9.25 18.51 26.57
CA ASN A 554 9.73 18.62 25.18
C ASN A 554 8.88 19.53 24.28
N ASN A 555 8.41 20.63 24.85
CA ASN A 555 7.70 21.65 24.08
C ASN A 555 8.61 22.86 23.92
N SER A 556 8.03 24.00 23.60
CA SER A 556 8.81 25.21 23.47
C SER A 556 8.04 26.41 24.08
N VAL A 557 8.07 26.49 25.41
CA VAL A 557 7.25 27.44 26.18
C VAL A 557 7.83 28.85 26.18
N ALA A 558 6.95 29.85 26.04
CA ALA A 558 7.35 31.26 26.07
C ALA A 558 7.21 31.89 27.46
N CYS A 559 8.35 32.29 28.03
CA CYS A 559 8.41 32.88 29.38
C CYS A 559 8.33 34.43 29.37
N ILE A 560 7.37 34.97 28.61
CA ILE A 560 7.13 36.41 28.52
C ILE A 560 5.98 36.85 29.46
N CYS A 561 5.69 38.16 29.47
CA CYS A 561 4.66 38.72 30.35
C CYS A 561 3.24 38.53 29.84
N GLU A 562 3.08 38.15 28.59
CA GLU A 562 1.75 37.91 28.03
C GLU A 562 1.08 36.67 28.67
N HIS A 563 1.90 35.74 29.14
CA HIS A 563 1.42 34.46 29.63
C HIS A 563 1.63 34.27 31.11
N GLN A 564 1.47 35.34 31.88
CA GLN A 564 1.65 35.31 33.34
C GLN A 564 0.79 34.25 33.97
N LYS A 565 -0.48 34.20 33.54
CA LYS A 565 -1.46 33.27 34.09
C LYS A 565 -0.96 31.83 34.00
N PHE A 566 -0.69 31.37 32.78
CA PHE A 566 -0.19 30.02 32.52
C PHE A 566 1.06 29.68 33.34
N LEU A 567 2.02 30.59 33.34
CA LEU A 567 3.30 30.39 34.02
C LEU A 567 3.16 30.25 35.54
N GLN A 568 2.33 31.10 36.14
CA GLN A 568 2.06 31.03 37.57
C GLN A 568 1.42 29.70 37.86
N TRP A 569 0.35 29.43 37.11
CA TRP A 569 -0.42 28.20 37.19
C TRP A 569 0.40 26.93 37.22
N VAL A 570 1.49 26.90 36.45
CA VAL A 570 2.43 25.77 36.46
C VAL A 570 2.99 25.49 37.87
N LYS A 571 3.10 26.53 38.70
CA LYS A 571 3.63 26.37 40.06
C LYS A 571 2.66 25.64 41.01
N GLU A 572 1.36 25.93 40.92
CA GLU A 572 0.41 25.29 41.84
C GLU A 572 -0.05 23.93 41.32
N GLN A 573 -0.07 23.76 40.00
CA GLN A 573 -0.38 22.47 39.39
C GLN A 573 0.90 21.64 39.21
N LYS A 574 1.74 21.69 40.23
CA LYS A 574 3.05 21.04 40.23
C LYS A 574 2.93 19.52 40.16
N GLN A 575 2.06 18.95 41.00
CA GLN A 575 1.90 17.50 41.16
C GLN A 575 1.36 16.81 39.91
N PHE A 576 0.54 17.55 39.15
CA PHE A 576 -0.18 16.98 38.01
C PHE A 576 0.56 17.14 36.67
N LEU A 577 1.70 17.80 36.70
CA LEU A 577 2.50 18.03 35.50
C LEU A 577 3.73 17.15 35.47
N VAL A 578 3.84 16.35 34.41
CA VAL A 578 4.91 15.37 34.25
C VAL A 578 6.27 16.05 34.10
N ASN A 579 7.23 15.58 34.90
CA ASN A 579 8.61 16.09 34.90
C ASN A 579 8.73 17.61 34.89
N VAL A 580 7.99 18.27 35.79
CA VAL A 580 8.11 19.72 35.97
C VAL A 580 9.51 20.11 36.39
N GLU A 581 10.22 19.16 36.99
CA GLU A 581 11.58 19.36 37.47
C GLU A 581 12.56 19.78 36.38
N GLN A 582 12.32 19.36 35.13
CA GLN A 582 13.28 19.58 34.04
C GLN A 582 12.78 20.45 32.88
N MET A 583 11.56 20.98 32.98
CA MET A 583 11.01 21.84 31.93
C MET A 583 11.70 23.18 31.89
N THR A 584 12.28 23.51 30.73
CA THR A 584 13.05 24.76 30.56
C THR A 584 12.31 25.72 29.62
N CYS A 585 12.62 27.02 29.69
CA CYS A 585 12.02 28.01 28.78
C CYS A 585 12.61 27.87 27.37
N ALA A 586 12.03 28.57 26.41
CA ALA A 586 12.54 28.56 25.04
C ALA A 586 12.52 29.95 24.37
N THR A 587 12.18 31.00 25.11
CA THR A 587 12.16 32.35 24.52
C THR A 587 13.08 33.39 25.21
N PRO A 588 12.85 34.70 24.95
CA PRO A 588 13.85 35.76 24.86
C PRO A 588 15.32 35.33 24.65
N ASN A 592 17.16 30.10 28.71
CA ASN A 592 17.16 28.98 27.80
C ASN A 592 17.24 27.81 28.78
N THR A 593 17.33 28.18 30.06
CA THR A 593 17.04 27.35 31.24
C THR A 593 16.69 28.35 32.36
N SER A 594 15.78 28.06 33.29
CA SER A 594 14.88 26.90 33.35
C SER A 594 13.45 27.40 33.08
N LEU A 595 12.48 27.08 33.94
CA LEU A 595 11.06 27.43 33.66
C LEU A 595 10.22 27.84 34.87
N VAL A 596 10.14 26.97 35.87
CA VAL A 596 9.33 27.22 37.07
C VAL A 596 9.92 28.38 37.89
N LEU A 597 11.13 28.81 37.51
CA LEU A 597 11.83 29.91 38.16
C LEU A 597 11.36 31.31 37.69
N ASP A 598 10.46 31.34 36.71
CA ASP A 598 9.95 32.60 36.13
C ASP A 598 9.17 33.44 37.15
N PHE A 599 9.55 34.73 37.26
CA PHE A 599 9.03 35.64 38.28
C PHE A 599 8.32 36.86 37.67
N ASN A 600 7.28 37.36 38.35
CA ASN A 600 6.68 38.65 37.97
C ASN A 600 7.54 39.80 38.46
N ASN A 601 8.11 40.55 37.52
CA ASN A 601 8.93 41.70 37.85
C ASN A 601 8.53 42.90 37.01
N SER A 602 9.32 43.20 35.97
CA SER A 602 9.05 44.30 35.06
C SER A 602 7.69 44.11 34.38
N THR A 603 6.99 45.22 34.13
CA THR A 603 5.65 45.24 33.49
C THR A 603 4.63 44.36 34.21
N CYS A 604 5.00 43.09 34.39
CA CYS A 604 4.10 42.04 34.83
C CYS A 604 4.37 41.56 36.25
N GLN B 5 40.51 -9.84 16.45
CA GLN B 5 39.96 -10.67 15.32
C GLN B 5 39.81 -12.14 15.72
N GLN B 6 38.60 -12.65 15.56
CA GLN B 6 38.24 -14.01 16.02
C GLN B 6 38.35 -15.05 14.92
N TRP B 7 37.97 -14.66 13.71
CA TRP B 7 37.92 -15.58 12.57
C TRP B 7 37.92 -14.79 11.28
N PHE B 8 38.25 -15.44 10.17
CA PHE B 8 38.19 -14.82 8.84
C PHE B 8 38.26 -15.84 7.69
N CYS B 9 37.63 -15.49 6.56
CA CYS B 9 37.78 -16.25 5.30
C CYS B 9 37.81 -15.31 4.12
N ASN B 10 38.09 -15.87 2.94
CA ASN B 10 37.96 -15.15 1.69
C ASN B 10 37.33 -16.01 0.61
N SER B 11 36.46 -15.41 -0.20
CA SER B 11 35.87 -16.09 -1.35
C SER B 11 36.10 -15.23 -2.59
N SER B 12 35.58 -15.67 -3.74
CA SER B 12 35.89 -15.04 -5.02
C SER B 12 35.57 -13.54 -5.12
N ASP B 13 34.87 -12.98 -4.13
CA ASP B 13 34.56 -11.54 -4.11
C ASP B 13 34.44 -10.91 -2.73
N ALA B 14 34.91 -11.59 -1.69
CA ALA B 14 34.84 -11.05 -0.34
C ALA B 14 35.92 -11.53 0.62
N ILE B 15 36.41 -10.60 1.45
CA ILE B 15 37.13 -10.98 2.67
C ILE B 15 36.22 -10.66 3.85
N ILE B 16 35.90 -11.69 4.63
CA ILE B 16 35.01 -11.55 5.77
C ILE B 16 35.81 -11.87 7.04
N SER B 17 35.55 -11.08 8.09
CA SER B 17 36.13 -11.31 9.41
C SER B 17 35.23 -10.75 10.50
N TYR B 18 35.43 -11.20 11.74
CA TYR B 18 34.75 -10.58 12.88
C TYR B 18 35.59 -10.58 14.14
N SER B 19 35.23 -9.67 15.04
CA SER B 19 35.72 -9.65 16.39
C SER B 19 34.51 -9.42 17.29
N TYR B 20 34.72 -9.31 18.59
CA TYR B 20 33.61 -9.01 19.48
C TYR B 20 33.40 -7.50 19.56
N CYS B 21 32.21 -7.10 19.98
CA CYS B 21 31.91 -5.69 20.21
C CYS B 21 32.77 -5.16 21.36
N ASP B 22 33.14 -3.88 21.29
CA ASP B 22 33.99 -3.26 22.30
C ASP B 22 33.44 -3.36 23.73
N HIS B 23 32.11 -3.37 23.84
CA HIS B 23 31.41 -3.23 25.13
C HIS B 23 30.73 -4.50 25.61
N LEU B 24 30.91 -5.58 24.85
CA LEU B 24 30.25 -6.85 25.14
C LEU B 24 31.10 -7.97 24.55
N LYS B 25 31.56 -8.87 25.41
CA LYS B 25 32.57 -9.85 24.99
C LYS B 25 32.25 -11.32 25.25
N PHE B 26 30.98 -11.64 25.45
CA PHE B 26 30.55 -13.03 25.64
C PHE B 26 30.92 -13.88 24.41
N PRO B 27 31.57 -15.04 24.65
CA PRO B 27 32.15 -15.82 23.55
C PRO B 27 31.16 -16.64 22.70
N ILE B 28 31.42 -16.65 21.38
CA ILE B 28 30.76 -17.52 20.40
C ILE B 28 31.81 -17.79 19.31
N SER B 29 31.94 -19.05 18.88
CA SER B 29 32.71 -19.32 17.67
C SER B 29 31.74 -19.60 16.52
N ILE B 30 31.78 -18.75 15.51
CA ILE B 30 30.83 -18.82 14.40
C ILE B 30 31.58 -18.71 13.07
N SER B 31 31.25 -19.59 12.13
CA SER B 31 31.88 -19.58 10.81
C SER B 31 30.91 -20.06 9.72
N SER B 32 31.36 -20.07 8.48
CA SER B 32 30.54 -20.56 7.38
C SER B 32 31.31 -21.53 6.50
N GLU B 33 30.57 -22.35 5.76
CA GLU B 33 31.13 -23.29 4.79
C GLU B 33 30.23 -23.31 3.55
N PRO B 34 30.72 -22.77 2.42
CA PRO B 34 32.03 -22.15 2.26
C PRO B 34 32.02 -20.70 2.74
N CYS B 35 33.04 -19.93 2.37
CA CYS B 35 33.07 -18.51 2.64
C CYS B 35 31.94 -17.83 1.87
N ILE B 36 31.44 -16.71 2.38
CA ILE B 36 30.30 -16.04 1.76
C ILE B 36 30.70 -15.26 0.51
N ARG B 37 30.13 -15.70 -0.62
CA ARG B 37 30.21 -14.96 -1.86
C ARG B 37 28.95 -14.12 -1.94
N LEU B 38 29.12 -12.79 -2.00
CA LEU B 38 27.96 -11.89 -2.08
C LEU B 38 27.15 -12.08 -3.36
N ARG B 39 27.76 -12.67 -4.38
CA ARG B 39 27.07 -13.03 -5.62
C ARG B 39 25.94 -14.00 -5.32
N GLY B 40 26.18 -14.90 -4.37
CA GLY B 40 25.25 -15.97 -4.02
C GLY B 40 26.01 -17.13 -3.39
N THR B 41 25.38 -17.80 -2.43
CA THR B 41 26.01 -18.92 -1.71
C THR B 41 24.97 -19.90 -1.19
N ASN B 42 25.31 -21.19 -1.17
CA ASN B 42 24.54 -22.19 -0.43
C ASN B 42 25.49 -22.90 0.53
N GLY B 43 25.11 -22.97 1.81
CA GLY B 43 25.94 -23.66 2.79
C GLY B 43 25.42 -23.68 4.21
N PHE B 44 26.34 -23.67 5.17
CA PHE B 44 26.00 -23.78 6.59
C PHE B 44 26.72 -22.74 7.44
N VAL B 45 25.98 -22.09 8.33
CA VAL B 45 26.58 -21.34 9.41
C VAL B 45 26.79 -22.31 10.56
N HIS B 46 28.05 -22.45 10.98
CA HIS B 46 28.42 -23.31 12.10
C HIS B 46 28.46 -22.44 13.31
N VAL B 47 27.69 -22.80 14.33
CA VAL B 47 27.66 -22.02 15.56
C VAL B 47 28.00 -22.92 16.73
N GLU B 48 28.87 -22.41 17.60
CA GLU B 48 29.34 -23.14 18.77
C GLU B 48 29.54 -22.17 19.91
N PHE B 49 28.64 -22.21 20.90
CA PHE B 49 28.76 -21.39 22.11
C PHE B 49 27.84 -21.85 23.24
N ILE B 50 27.86 -21.09 24.33
CA ILE B 50 27.08 -21.37 25.54
C ILE B 50 26.30 -20.10 25.88
N PRO B 51 25.01 -20.06 25.54
CA PRO B 51 24.19 -18.86 25.71
C PRO B 51 24.12 -18.32 27.13
N ARG B 52 24.20 -16.99 27.24
CA ARG B 52 24.08 -16.27 28.50
C ARG B 52 22.63 -16.10 28.94
N GLY B 53 21.70 -16.64 28.13
CA GLY B 53 20.28 -16.67 28.48
C GLY B 53 19.55 -17.68 27.60
N ASN B 54 18.28 -17.95 27.94
CA ASN B 54 17.45 -18.82 27.11
C ASN B 54 17.30 -18.31 25.70
N LEU B 55 17.30 -19.24 24.74
CA LEU B 55 17.25 -18.86 23.34
C LEU B 55 15.84 -18.87 22.75
N LYS B 56 14.83 -18.88 23.62
CA LYS B 56 13.44 -19.07 23.21
C LYS B 56 12.93 -17.94 22.31
N TYR B 57 13.41 -16.73 22.52
CA TYR B 57 12.95 -15.55 21.81
C TYR B 57 14.16 -14.82 21.20
N LEU B 58 15.14 -15.59 20.73
CA LEU B 58 16.30 -15.00 20.10
C LEU B 58 15.94 -14.13 18.87
N TYR B 59 16.54 -12.93 18.83
CA TYR B 59 16.58 -12.10 17.63
C TYR B 59 17.87 -11.28 17.53
N PHE B 60 18.14 -10.76 16.33
CA PHE B 60 19.29 -9.91 16.09
C PHE B 60 18.93 -8.47 15.76
N ASN B 61 19.73 -7.55 16.27
CA ASN B 61 19.74 -6.20 15.77
C ASN B 61 21.02 -6.06 14.95
N LEU B 62 20.88 -5.99 13.64
CA LEU B 62 21.99 -5.69 12.76
C LEU B 62 22.09 -4.18 12.54
N PHE B 63 23.28 -3.63 12.74
CA PHE B 63 23.56 -2.23 12.44
C PHE B 63 24.60 -2.24 11.33
N ILE B 64 24.12 -1.95 10.11
CA ILE B 64 24.92 -2.11 8.91
C ILE B 64 25.40 -0.75 8.39
N SER B 65 26.61 -0.76 7.85
CA SER B 65 27.28 0.42 7.35
C SER B 65 27.93 0.04 6.02
N VAL B 66 27.74 0.89 5.02
CA VAL B 66 28.35 0.70 3.72
C VAL B 66 29.15 1.96 3.42
N ASN B 67 30.47 1.83 3.43
CA ASN B 67 31.39 2.96 3.27
C ASN B 67 31.00 4.12 4.18
N SER B 68 30.85 3.79 5.46
CA SER B 68 30.39 4.69 6.53
C SER B 68 28.94 5.17 6.44
N ILE B 69 28.25 4.89 5.33
CA ILE B 69 26.83 5.22 5.23
C ILE B 69 26.02 4.13 5.94
N GLU B 70 25.39 4.47 7.05
CA GLU B 70 24.69 3.43 7.81
C GLU B 70 23.21 3.25 7.44
N LEU B 71 22.82 1.99 7.26
CA LEU B 71 21.46 1.60 6.97
C LEU B 71 20.66 1.70 8.27
N PRO B 72 19.31 1.72 8.19
CA PRO B 72 18.53 1.68 9.43
C PRO B 72 18.73 0.37 10.19
N LYS B 73 18.51 0.41 11.50
CA LYS B 73 18.52 -0.78 12.36
C LYS B 73 17.67 -1.89 11.73
N ARG B 74 18.26 -3.07 11.63
CA ARG B 74 17.63 -4.20 10.97
C ARG B 74 17.37 -5.31 11.99
N LYS B 75 16.12 -5.76 12.07
CA LYS B 75 15.72 -6.78 13.05
C LYS B 75 15.39 -8.13 12.42
N GLU B 76 16.15 -9.17 12.80
CA GLU B 76 15.94 -10.52 12.27
C GLU B 76 15.59 -11.48 13.41
N VAL B 77 14.31 -11.81 13.50
CA VAL B 77 13.80 -12.73 14.52
C VAL B 77 14.12 -14.16 14.09
N LEU B 78 14.83 -14.90 14.94
CA LEU B 78 15.13 -16.31 14.66
C LEU B 78 14.19 -17.27 15.40
N CYS B 79 13.85 -16.94 16.64
CA CYS B 79 12.92 -17.75 17.43
C CYS B 79 11.79 -16.88 17.95
N HIS B 80 10.58 -17.20 17.51
CA HIS B 80 9.37 -16.46 17.88
C HIS B 80 8.76 -17.00 19.14
N GLY B 81 9.26 -18.13 19.62
CA GLY B 81 8.77 -18.73 20.88
C GLY B 81 7.78 -19.87 20.71
N HIS B 82 7.34 -20.09 19.48
CA HIS B 82 6.30 -21.05 19.17
C HIS B 82 6.66 -21.76 17.91
N ASP B 83 6.82 -23.08 18.02
CA ASP B 83 7.08 -23.96 16.88
C ASP B 83 8.16 -23.41 15.94
N ASP B 84 9.31 -23.06 16.51
CA ASP B 84 10.39 -22.48 15.73
C ASP B 84 11.15 -23.51 14.89
N ASP B 85 11.90 -23.01 13.91
CA ASP B 85 12.54 -23.82 12.88
C ASP B 85 13.85 -24.44 13.29
N TYR B 86 14.50 -23.87 14.29
CA TYR B 86 15.86 -24.23 14.59
C TYR B 86 15.93 -24.90 15.93
N SER B 87 16.73 -25.96 16.01
CA SER B 87 16.83 -26.75 17.23
C SER B 87 17.49 -25.96 18.37
N PHE B 88 18.21 -24.89 18.04
CA PHE B 88 18.84 -24.10 19.08
C PHE B 88 17.88 -23.22 19.87
N CYS B 89 16.67 -23.02 19.34
CA CYS B 89 15.66 -22.19 20.04
C CYS B 89 15.31 -22.76 21.42
N ARG B 90 15.32 -24.07 21.55
CA ARG B 90 15.01 -24.72 22.83
C ARG B 90 16.18 -24.75 23.83
N ALA B 91 17.34 -24.25 23.42
CA ALA B 91 18.50 -24.18 24.29
C ALA B 91 18.30 -23.19 25.43
N LEU B 92 18.78 -23.58 26.62
CA LEU B 92 18.67 -22.76 27.83
C LEU B 92 19.97 -22.05 28.20
N LYS B 93 19.87 -21.11 29.14
CA LYS B 93 21.04 -20.48 29.75
C LYS B 93 22.03 -21.53 30.25
N GLY B 94 23.28 -21.44 29.79
CA GLY B 94 24.33 -22.37 30.17
C GLY B 94 24.39 -23.67 29.38
N GLU B 95 23.45 -23.86 28.46
CA GLU B 95 23.45 -25.06 27.64
C GLU B 95 24.45 -24.93 26.49
N THR B 96 25.21 -25.98 26.26
CA THR B 96 26.14 -26.05 25.15
C THR B 96 25.35 -26.16 23.85
N VAL B 97 25.67 -25.30 22.87
CA VAL B 97 25.06 -25.39 21.54
C VAL B 97 26.14 -25.68 20.50
N ASN B 98 25.98 -26.79 19.77
CA ASN B 98 26.80 -27.07 18.62
C ASN B 98 25.89 -27.41 17.43
N THR B 99 25.71 -26.46 16.52
CA THR B 99 24.79 -26.67 15.41
C THR B 99 25.24 -25.97 14.14
N SER B 100 24.88 -26.55 13.00
CA SER B 100 25.12 -25.90 11.73
C SER B 100 23.80 -25.64 11.00
N ILE B 101 23.63 -24.39 10.57
CA ILE B 101 22.38 -23.91 10.02
C ILE B 101 22.48 -23.70 8.53
N PRO B 102 21.72 -24.49 7.74
CA PRO B 102 21.74 -24.34 6.29
C PRO B 102 21.14 -23.02 5.86
N PHE B 103 21.57 -22.53 4.71
CA PHE B 103 21.05 -21.29 4.12
C PHE B 103 21.40 -21.21 2.63
N SER B 104 20.65 -20.39 1.90
CA SER B 104 21.01 -20.03 0.52
C SER B 104 20.47 -18.65 0.17
N PHE B 105 21.25 -17.87 -0.55
CA PHE B 105 20.77 -16.60 -1.08
C PHE B 105 21.27 -16.34 -2.50
N GLU B 106 20.56 -15.47 -3.22
CA GLU B 106 20.80 -15.22 -4.64
C GLU B 106 21.67 -14.02 -4.95
N GLY B 107 21.68 -13.01 -4.09
CA GLY B 107 22.61 -11.89 -4.29
C GLY B 107 22.09 -10.70 -5.07
N ILE B 108 22.17 -9.54 -4.44
CA ILE B 108 21.67 -8.28 -4.99
C ILE B 108 22.91 -7.52 -5.48
N LEU B 109 22.76 -6.33 -6.05
CA LEU B 109 23.96 -5.54 -6.36
C LEU B 109 24.51 -4.84 -5.13
N PHE B 110 25.76 -5.15 -4.78
CA PHE B 110 26.44 -4.48 -3.68
C PHE B 110 27.65 -3.73 -4.21
N PRO B 111 27.94 -2.53 -3.64
CA PRO B 111 29.31 -1.99 -3.70
C PRO B 111 30.29 -3.07 -3.19
N LYS B 112 31.55 -3.13 -3.62
CA LYS B 112 32.35 -2.05 -4.19
C LYS B 112 32.75 -1.16 -3.01
N GLY B 113 33.33 -1.78 -1.98
CA GLY B 113 33.76 -1.05 -0.77
C GLY B 113 33.87 -1.79 0.57
N HIS B 114 33.62 -1.05 1.65
CA HIS B 114 33.86 -1.48 3.04
C HIS B 114 32.58 -1.55 3.84
N TYR B 115 32.33 -2.72 4.45
CA TYR B 115 31.10 -3.00 5.18
C TYR B 115 31.31 -3.27 6.67
N ARG B 116 30.52 -2.62 7.50
CA ARG B 116 30.51 -2.86 8.94
C ARG B 116 29.13 -3.37 9.32
N CYS B 117 29.08 -4.32 10.26
CA CYS B 117 27.82 -4.86 10.75
C CYS B 117 27.95 -5.30 12.20
N VAL B 118 27.34 -4.55 13.12
CA VAL B 118 27.25 -5.04 14.49
C VAL B 118 25.98 -5.86 14.71
N ALA B 119 26.19 -7.17 14.87
CA ALA B 119 25.11 -8.12 15.17
C ALA B 119 24.96 -8.29 16.68
N GLU B 120 23.91 -7.70 17.24
CA GLU B 120 23.63 -7.79 18.65
C GLU B 120 22.54 -8.85 18.86
N ALA B 121 22.88 -9.92 19.57
CA ALA B 121 21.94 -11.02 19.83
C ALA B 121 21.16 -10.74 21.08
N ILE B 122 19.85 -10.58 20.95
CA ILE B 122 18.99 -10.21 22.07
C ILE B 122 18.03 -11.33 22.42
N ALA B 123 17.96 -11.67 23.70
CA ALA B 123 16.94 -12.56 24.24
C ALA B 123 15.63 -11.80 24.39
N GLY B 124 14.72 -12.00 23.44
CA GLY B 124 13.46 -11.26 23.38
C GLY B 124 12.65 -11.09 24.66
N ASP B 125 12.64 -12.12 25.50
CA ASP B 125 11.80 -12.11 26.72
C ASP B 125 12.28 -11.12 27.79
N THR B 126 13.58 -11.15 28.07
CA THR B 126 14.18 -10.34 29.13
C THR B 126 14.84 -9.08 28.56
N GLU B 127 14.91 -9.02 27.23
CA GLU B 127 15.60 -7.94 26.51
C GLU B 127 17.10 -7.83 26.85
N GLU B 128 17.65 -8.90 27.42
CA GLU B 128 19.09 -8.99 27.72
C GLU B 128 19.89 -9.24 26.45
N LYS B 129 21.11 -8.74 26.42
CA LYS B 129 22.00 -8.98 25.31
C LYS B 129 22.78 -10.26 25.56
N LEU B 130 22.73 -11.17 24.58
CA LEU B 130 23.42 -12.45 24.67
C LEU B 130 24.86 -12.32 24.20
N PHE B 131 25.04 -11.89 22.97
CA PHE B 131 26.36 -11.59 22.45
C PHE B 131 26.32 -10.44 21.43
N CYS B 132 27.48 -10.03 20.94
CA CYS B 132 27.58 -8.90 20.04
C CYS B 132 28.83 -9.06 19.20
N LEU B 133 28.67 -9.05 17.89
CA LEU B 133 29.79 -9.27 16.96
C LEU B 133 30.05 -8.06 16.07
N ASN B 134 31.32 -7.67 16.00
CA ASN B 134 31.75 -6.59 15.11
C ASN B 134 32.26 -7.20 13.81
N PHE B 135 31.37 -7.29 12.83
CA PHE B 135 31.69 -7.86 11.53
C PHE B 135 32.27 -6.82 10.57
N THR B 136 33.07 -7.31 9.63
CA THR B 136 33.70 -6.46 8.62
C THR B 136 33.80 -7.24 7.31
N ILE B 137 33.21 -6.69 6.26
CA ILE B 137 33.27 -7.28 4.92
C ILE B 137 33.94 -6.29 3.97
N ILE B 138 34.85 -6.79 3.14
CA ILE B 138 35.41 -5.99 2.05
C ILE B 138 35.06 -6.70 0.75
N HIS B 139 34.35 -6.00 -0.13
CA HIS B 139 33.84 -6.57 -1.37
C HIS B 139 34.55 -6.04 -2.59
N PRO C 6 -20.07 43.82 -24.32
CA PRO C 6 -20.24 43.18 -25.63
C PRO C 6 -20.11 41.64 -25.53
N CYS C 7 -18.88 41.15 -25.57
CA CYS C 7 -18.59 39.71 -25.53
C CYS C 7 -17.71 39.38 -24.32
N ILE C 8 -16.81 38.42 -24.51
CA ILE C 8 -15.74 38.14 -23.55
C ILE C 8 -14.41 38.13 -24.31
N GLU C 9 -13.37 38.68 -23.68
CA GLU C 9 -12.07 38.83 -24.29
C GLU C 9 -11.03 37.94 -23.60
N VAL C 10 -10.65 36.84 -24.26
CA VAL C 10 -9.60 35.95 -23.72
C VAL C 10 -8.21 36.46 -24.07
N VAL C 11 -7.95 36.67 -25.36
CA VAL C 11 -6.68 37.21 -25.81
C VAL C 11 -6.94 38.48 -26.62
N PRO C 12 -6.46 39.63 -26.14
CA PRO C 12 -6.67 40.92 -26.82
C PRO C 12 -6.21 40.90 -28.28
N ASN C 13 -6.99 41.54 -29.16
CA ASN C 13 -6.72 41.58 -30.60
C ASN C 13 -6.65 40.22 -31.33
N ILE C 14 -6.93 39.13 -30.61
CA ILE C 14 -6.73 37.76 -31.13
C ILE C 14 -7.93 36.81 -30.96
N THR C 15 -8.42 36.64 -29.73
CA THR C 15 -9.47 35.63 -29.45
C THR C 15 -10.62 36.14 -28.57
N TYR C 16 -11.85 35.96 -29.04
CA TYR C 16 -13.06 36.46 -28.36
C TYR C 16 -14.17 35.42 -28.24
N GLN C 17 -14.90 35.48 -27.13
CA GLN C 17 -16.01 34.56 -26.82
C GLN C 17 -17.36 35.26 -26.79
N CYS C 18 -18.21 34.92 -27.75
CA CYS C 18 -19.55 35.52 -27.86
C CYS C 18 -20.62 34.44 -27.90
N MET C 19 -20.77 33.75 -26.78
CA MET C 19 -21.68 32.60 -26.69
C MET C 19 -22.91 32.96 -25.86
N ASP C 20 -24.07 32.45 -26.29
CA ASP C 20 -25.34 32.63 -25.58
C ASP C 20 -25.66 34.12 -25.32
N GLN C 21 -25.34 34.97 -26.30
CA GLN C 21 -25.52 36.42 -26.18
C GLN C 21 -26.70 36.96 -27.00
N LYS C 22 -27.48 36.05 -27.60
CA LYS C 22 -28.71 36.37 -28.35
C LYS C 22 -28.50 37.29 -29.57
N LEU C 23 -27.31 37.27 -30.14
CA LEU C 23 -26.95 38.17 -31.24
C LEU C 23 -27.61 37.81 -32.57
N SER C 24 -28.08 38.84 -33.28
CA SER C 24 -28.66 38.68 -34.62
C SER C 24 -27.59 38.48 -35.68
N LYS C 25 -26.57 39.34 -35.63
CA LYS C 25 -25.46 39.32 -36.58
C LYS C 25 -24.12 39.42 -35.85
N VAL C 26 -23.05 39.49 -36.63
CA VAL C 26 -21.69 39.55 -36.10
C VAL C 26 -21.39 40.92 -35.49
N PRO C 27 -20.90 40.96 -34.23
CA PRO C 27 -20.45 42.23 -33.62
C PRO C 27 -19.24 42.78 -34.37
N ASP C 28 -19.47 43.76 -35.24
CA ASP C 28 -18.45 44.23 -36.19
C ASP C 28 -17.53 45.36 -35.68
N ASP C 29 -17.28 45.39 -34.37
CA ASP C 29 -16.31 46.30 -33.76
C ASP C 29 -15.17 45.56 -33.05
N ILE C 30 -15.25 44.23 -33.09
CA ILE C 30 -14.15 43.34 -32.70
C ILE C 30 -12.94 43.60 -33.60
N PRO C 31 -11.73 43.71 -33.01
CA PRO C 31 -10.50 44.07 -33.73
C PRO C 31 -10.39 43.46 -35.13
N SER C 32 -10.00 44.29 -36.09
CA SER C 32 -9.88 43.89 -37.50
C SER C 32 -8.69 42.96 -37.75
N SER C 33 -8.04 42.54 -36.65
CA SER C 33 -6.86 41.67 -36.72
C SER C 33 -7.00 40.38 -35.90
N THR C 34 -8.25 40.00 -35.59
CA THR C 34 -8.51 38.83 -34.71
C THR C 34 -8.35 37.46 -35.38
N LYS C 35 -7.81 36.52 -34.62
CA LYS C 35 -7.50 35.17 -35.08
C LYS C 35 -8.69 34.22 -34.93
N ASN C 36 -9.27 34.18 -33.74
CA ASN C 36 -10.28 33.19 -33.42
C ASN C 36 -11.52 33.82 -32.81
N ILE C 37 -12.68 33.31 -33.21
CA ILE C 37 -13.96 33.81 -32.72
C ILE C 37 -15.01 32.70 -32.62
N ASP C 38 -15.71 32.68 -31.50
CA ASP C 38 -16.82 31.76 -31.28
C ASP C 38 -18.12 32.55 -31.20
N LEU C 39 -19.09 32.17 -32.03
CA LEU C 39 -20.39 32.83 -32.07
C LEU C 39 -21.51 31.83 -31.85
N SER C 40 -21.16 30.62 -31.44
CA SER C 40 -22.13 29.55 -31.22
C SER C 40 -23.23 29.94 -30.23
N PHE C 41 -24.37 29.26 -30.35
CA PHE C 41 -25.53 29.45 -29.46
C PHE C 41 -26.16 30.85 -29.51
N ASN C 42 -26.01 31.51 -30.66
CA ASN C 42 -26.68 32.76 -30.97
C ASN C 42 -27.63 32.59 -32.15
N PRO C 43 -28.89 33.03 -32.00
CA PRO C 43 -29.85 32.90 -33.11
C PRO C 43 -29.52 33.79 -34.31
N LEU C 44 -28.49 33.41 -35.07
CA LEU C 44 -28.04 34.16 -36.24
C LEU C 44 -29.03 34.07 -37.40
N LYS C 45 -29.73 32.93 -37.48
CA LYS C 45 -30.81 32.70 -38.46
C LYS C 45 -30.34 32.62 -39.92
N ILE C 46 -29.80 33.73 -40.42
CA ILE C 46 -29.42 33.86 -41.82
C ILE C 46 -28.01 34.47 -41.86
N LEU C 47 -27.18 33.97 -42.77
CA LEU C 47 -25.80 34.44 -42.87
C LEU C 47 -25.57 35.22 -44.16
N LYS C 48 -25.73 36.55 -44.07
CA LYS C 48 -25.68 37.45 -45.23
C LYS C 48 -24.29 37.54 -45.86
N SER C 49 -24.24 38.07 -47.09
CA SER C 49 -22.98 38.30 -47.79
C SER C 49 -22.22 39.47 -47.18
N TYR C 50 -20.89 39.44 -47.29
CA TYR C 50 -20.00 40.47 -46.74
C TYR C 50 -20.12 40.64 -45.22
N SER C 51 -20.85 39.73 -44.56
CA SER C 51 -21.01 39.75 -43.10
C SER C 51 -19.67 39.47 -42.40
N PHE C 52 -18.91 38.55 -42.98
CA PHE C 52 -17.52 38.33 -42.57
C PHE C 52 -16.67 38.88 -43.70
N SER C 53 -16.04 40.03 -43.44
CA SER C 53 -15.34 40.76 -44.49
C SER C 53 -14.14 41.51 -43.95
N ASN C 54 -14.31 42.15 -42.80
CA ASN C 54 -13.25 42.95 -42.18
C ASN C 54 -12.12 42.10 -41.59
N PHE C 55 -12.47 40.89 -41.14
CA PHE C 55 -11.52 40.01 -40.44
C PHE C 55 -10.69 39.15 -41.41
N SER C 56 -9.67 39.75 -42.03
CA SER C 56 -8.85 39.07 -43.04
C SER C 56 -7.91 38.01 -42.48
N GLU C 57 -7.70 38.03 -41.16
CA GLU C 57 -6.75 37.12 -40.52
C GLU C 57 -7.38 36.16 -39.50
N LEU C 58 -8.61 35.73 -39.78
CA LEU C 58 -9.29 34.74 -38.94
C LEU C 58 -8.81 33.33 -39.27
N GLN C 59 -8.79 32.45 -38.27
CA GLN C 59 -8.36 31.07 -38.44
C GLN C 59 -9.40 30.07 -37.95
N TRP C 60 -10.15 30.45 -36.93
CA TRP C 60 -11.07 29.56 -36.26
C TRP C 60 -12.40 30.24 -36.04
N LEU C 61 -13.41 29.80 -36.77
CA LEU C 61 -14.78 30.31 -36.63
C LEU C 61 -15.76 29.23 -36.16
N ASP C 62 -16.49 29.53 -35.10
CA ASP C 62 -17.43 28.59 -34.49
C ASP C 62 -18.86 29.15 -34.52
N LEU C 63 -19.71 28.50 -35.30
CA LEU C 63 -21.09 28.94 -35.48
C LEU C 63 -22.04 27.80 -35.15
N SER C 64 -21.71 27.04 -34.10
CA SER C 64 -22.48 25.87 -33.73
C SER C 64 -23.85 26.25 -33.16
N ARG C 65 -24.86 25.45 -33.51
CA ARG C 65 -26.27 25.71 -33.12
C ARG C 65 -26.65 27.21 -33.18
N CYS C 66 -26.61 27.75 -34.41
CA CYS C 66 -26.88 29.17 -34.63
C CYS C 66 -28.12 29.42 -35.48
N GLU C 67 -29.05 28.47 -35.45
CA GLU C 67 -30.35 28.62 -36.10
C GLU C 67 -30.26 28.88 -37.62
N ILE C 68 -29.08 28.67 -38.20
CA ILE C 68 -28.81 29.04 -39.60
C ILE C 68 -29.52 28.13 -40.62
N GLU C 69 -30.29 28.76 -41.50
CA GLU C 69 -31.04 28.06 -42.56
C GLU C 69 -30.55 28.38 -43.97
N THR C 70 -29.91 29.53 -44.14
CA THR C 70 -29.42 29.96 -45.44
C THR C 70 -28.04 30.62 -45.35
N ILE C 71 -27.10 30.12 -46.14
CA ILE C 71 -25.82 30.78 -46.33
C ILE C 71 -25.91 31.58 -47.63
N GLU C 72 -25.87 32.89 -47.51
CA GLU C 72 -25.93 33.76 -48.67
C GLU C 72 -24.65 33.58 -49.48
N ASP C 73 -24.78 33.71 -50.79
CA ASP C 73 -23.63 33.55 -51.68
C ASP C 73 -22.56 34.57 -51.29
N LYS C 74 -21.33 34.08 -51.16
CA LYS C 74 -20.19 34.90 -50.70
C LYS C 74 -20.39 35.49 -49.30
N ALA C 75 -20.96 34.68 -48.40
CA ALA C 75 -21.06 35.04 -46.98
C ALA C 75 -19.66 35.18 -46.38
N TRP C 76 -18.75 34.34 -46.86
CA TRP C 76 -17.35 34.43 -46.50
C TRP C 76 -16.66 35.24 -47.56
N HIS C 77 -16.26 36.46 -47.21
CA HIS C 77 -15.61 37.35 -48.19
C HIS C 77 -14.16 37.58 -47.89
N GLY C 78 -13.86 38.03 -46.68
CA GLY C 78 -12.48 38.29 -46.28
C GLY C 78 -11.91 37.17 -45.43
N LEU C 79 -12.14 35.94 -45.85
CA LEU C 79 -11.73 34.77 -45.05
C LEU C 79 -10.83 33.81 -45.83
N HIS C 80 -9.90 34.36 -46.60
CA HIS C 80 -8.94 33.53 -47.34
C HIS C 80 -7.83 33.02 -46.46
N HIS C 81 -7.99 33.19 -45.15
CA HIS C 81 -7.04 32.71 -44.15
C HIS C 81 -7.64 31.73 -43.17
N LEU C 82 -8.96 31.64 -43.14
CA LEU C 82 -9.67 30.73 -42.23
C LEU C 82 -9.30 29.28 -42.49
N SER C 83 -9.09 28.53 -41.41
CA SER C 83 -8.71 27.11 -41.51
C SER C 83 -9.71 26.13 -40.86
N ASN C 84 -10.45 26.61 -39.86
CA ASN C 84 -11.44 25.79 -39.15
C ASN C 84 -12.82 26.43 -39.12
N LEU C 85 -13.80 25.73 -39.68
CA LEU C 85 -15.19 26.22 -39.74
C LEU C 85 -16.16 25.19 -39.17
N ILE C 86 -16.88 25.57 -38.12
CA ILE C 86 -17.78 24.64 -37.42
C ILE C 86 -19.24 25.10 -37.52
N LEU C 87 -20.09 24.24 -38.07
CA LEU C 87 -21.48 24.58 -38.36
C LEU C 87 -22.49 23.61 -37.73
N THR C 88 -22.05 22.93 -36.66
CA THR C 88 -22.83 21.90 -35.99
C THR C 88 -24.26 22.33 -35.64
N GLY C 89 -25.23 21.46 -35.95
CA GLY C 89 -26.63 21.66 -35.55
C GLY C 89 -27.33 22.87 -36.13
N ASN C 90 -27.10 23.13 -37.43
CA ASN C 90 -27.74 24.22 -38.16
C ASN C 90 -28.60 23.67 -39.28
N PRO C 91 -29.91 24.00 -39.29
CA PRO C 91 -30.82 23.48 -40.30
C PRO C 91 -30.63 24.07 -41.72
N ILE C 92 -29.37 24.11 -42.18
CA ILE C 92 -29.06 24.61 -43.52
C ILE C 92 -29.68 23.68 -44.59
N GLN C 93 -29.42 22.39 -44.45
CA GLN C 93 -30.03 21.32 -45.28
C GLN C 93 -29.48 21.25 -46.69
N SER C 94 -29.74 22.30 -47.46
CA SER C 94 -29.27 22.39 -48.84
C SER C 94 -28.18 23.42 -48.93
N PHE C 95 -27.05 23.03 -49.50
CA PHE C 95 -25.92 23.93 -49.69
C PHE C 95 -25.79 24.29 -51.16
N SER C 96 -26.02 25.56 -51.46
CA SER C 96 -26.06 26.07 -52.84
C SER C 96 -24.69 26.02 -53.50
N PRO C 97 -24.65 26.04 -54.85
CA PRO C 97 -23.35 26.15 -55.52
C PRO C 97 -22.56 27.38 -55.03
N GLY C 98 -21.32 27.14 -54.59
CA GLY C 98 -20.47 28.22 -54.09
C GLY C 98 -20.91 28.80 -52.76
N SER C 99 -21.46 27.93 -51.91
CA SER C 99 -21.81 28.31 -50.53
C SER C 99 -20.54 28.61 -49.73
N PHE C 100 -19.51 27.80 -49.98
CA PHE C 100 -18.22 27.96 -49.32
C PHE C 100 -17.21 28.70 -50.22
N SER C 101 -17.72 29.51 -51.16
CA SER C 101 -16.84 30.29 -52.02
C SER C 101 -16.14 31.40 -51.23
N GLY C 102 -14.82 31.32 -51.15
CA GLY C 102 -14.03 32.27 -50.37
C GLY C 102 -13.02 31.63 -49.43
N LEU C 103 -13.28 30.40 -49.01
CA LEU C 103 -12.33 29.68 -48.13
C LEU C 103 -11.31 28.91 -48.96
N THR C 104 -10.17 29.53 -49.22
CA THR C 104 -9.10 28.91 -50.00
C THR C 104 -8.04 28.29 -49.11
N SER C 105 -8.02 28.68 -47.84
CA SER C 105 -7.06 28.16 -46.88
C SER C 105 -7.69 27.26 -45.80
N LEU C 106 -8.89 26.75 -46.09
CA LEU C 106 -9.64 25.93 -45.13
C LEU C 106 -9.08 24.51 -45.00
N GLU C 107 -8.87 24.07 -43.76
CA GLU C 107 -8.28 22.75 -43.46
C GLU C 107 -9.29 21.76 -42.88
N ASN C 108 -10.28 22.27 -42.16
CA ASN C 108 -11.24 21.43 -41.46
C ASN C 108 -12.65 22.02 -41.54
N LEU C 109 -13.57 21.23 -42.11
CA LEU C 109 -14.95 21.66 -42.28
C LEU C 109 -15.89 20.73 -41.52
N VAL C 110 -16.59 21.30 -40.54
CA VAL C 110 -17.43 20.55 -39.62
C VAL C 110 -18.92 20.79 -39.89
N ALA C 111 -19.56 19.82 -40.54
CA ALA C 111 -20.94 19.94 -41.01
C ALA C 111 -21.86 18.90 -40.37
N VAL C 112 -21.67 18.69 -39.08
CA VAL C 112 -22.47 17.74 -38.31
C VAL C 112 -23.86 18.30 -38.06
N GLU C 113 -24.87 17.43 -38.21
CA GLU C 113 -26.27 17.75 -37.95
C GLU C 113 -26.77 19.00 -38.69
N THR C 114 -26.50 19.03 -40.00
CA THR C 114 -26.92 20.15 -40.83
C THR C 114 -28.06 19.77 -41.80
N LYS C 115 -28.73 18.65 -41.52
CA LYS C 115 -29.75 18.05 -42.40
C LYS C 115 -29.22 17.66 -43.80
N LEU C 116 -27.90 17.52 -43.93
CA LEU C 116 -27.25 17.25 -45.19
C LEU C 116 -27.59 15.86 -45.71
N ALA C 117 -28.04 15.79 -46.97
CA ALA C 117 -28.60 14.56 -47.53
C ALA C 117 -27.60 13.74 -48.30
N SER C 118 -26.61 14.42 -48.87
CA SER C 118 -25.69 13.78 -49.79
C SER C 118 -24.33 14.48 -49.85
N LEU C 119 -23.29 13.68 -50.11
CA LEU C 119 -21.99 14.21 -50.45
C LEU C 119 -21.90 14.56 -51.95
N GLU C 120 -22.87 14.11 -52.74
CA GLU C 120 -22.94 14.43 -54.17
C GLU C 120 -23.25 15.90 -54.40
N SER C 121 -24.31 16.38 -53.75
CA SER C 121 -24.74 17.77 -53.89
C SER C 121 -23.89 18.74 -53.06
N PHE C 122 -23.08 18.20 -52.14
CA PHE C 122 -22.26 18.99 -51.23
C PHE C 122 -21.14 19.76 -51.96
N PRO C 123 -21.31 21.10 -52.09
CA PRO C 123 -20.49 21.98 -52.93
C PRO C 123 -19.12 22.29 -52.34
N ILE C 124 -18.28 21.27 -52.23
CA ILE C 124 -16.96 21.40 -51.60
C ILE C 124 -15.79 21.07 -52.52
N GLY C 125 -16.09 20.65 -53.75
CA GLY C 125 -15.08 20.33 -54.75
C GLY C 125 -14.19 21.50 -55.10
N GLN C 126 -14.42 22.63 -54.44
CA GLN C 126 -13.67 23.86 -54.65
C GLN C 126 -12.46 23.95 -53.71
N LEU C 127 -12.64 23.46 -52.48
CA LEU C 127 -11.65 23.64 -51.41
C LEU C 127 -10.49 22.66 -51.51
N ILE C 128 -9.38 23.15 -52.08
CA ILE C 128 -8.20 22.32 -52.36
C ILE C 128 -7.42 21.97 -51.09
N THR C 129 -7.38 22.91 -50.16
CA THR C 129 -6.58 22.77 -48.92
C THR C 129 -7.26 21.94 -47.83
N LEU C 130 -8.49 21.50 -48.09
CA LEU C 130 -9.28 20.75 -47.11
C LEU C 130 -8.61 19.43 -46.71
N LYS C 131 -8.40 19.26 -45.40
CA LYS C 131 -7.78 18.06 -44.85
C LYS C 131 -8.81 17.13 -44.24
N LYS C 132 -9.62 17.67 -43.32
CA LYS C 132 -10.64 16.89 -42.63
C LYS C 132 -12.03 17.39 -42.97
N LEU C 133 -12.95 16.44 -43.17
CA LEU C 133 -14.35 16.74 -43.38
C LEU C 133 -15.20 15.88 -42.45
N ASN C 134 -16.12 16.54 -41.75
CA ASN C 134 -16.99 15.86 -40.79
C ASN C 134 -18.46 16.08 -41.13
N VAL C 135 -19.13 15.00 -41.53
CA VAL C 135 -20.58 15.05 -41.83
C VAL C 135 -21.39 14.05 -40.99
N ALA C 136 -20.98 13.84 -39.75
CA ALA C 136 -21.71 13.00 -38.82
C ALA C 136 -23.10 13.55 -38.54
N HIS C 137 -24.01 12.69 -38.09
CA HIS C 137 -25.35 13.09 -37.65
C HIS C 137 -26.15 13.80 -38.73
N ASN C 138 -26.22 13.20 -39.90
CA ASN C 138 -26.98 13.78 -41.01
C ASN C 138 -28.00 12.82 -41.65
N PHE C 139 -28.47 13.15 -42.86
CA PHE C 139 -29.43 12.31 -43.58
C PHE C 139 -28.79 11.70 -44.84
N ILE C 140 -27.53 11.30 -44.72
CA ILE C 140 -26.76 10.70 -45.80
C ILE C 140 -27.09 9.22 -45.91
N HIS C 141 -27.58 8.83 -47.09
CA HIS C 141 -28.06 7.46 -47.31
C HIS C 141 -27.02 6.62 -48.00
N SER C 142 -26.21 7.27 -48.84
CA SER C 142 -25.20 6.59 -49.65
C SER C 142 -23.80 6.70 -49.05
N CYS C 143 -22.92 5.78 -49.46
CA CYS C 143 -21.53 5.76 -49.01
C CYS C 143 -20.56 6.15 -50.12
N LYS C 144 -21.10 6.56 -51.26
CA LYS C 144 -20.30 6.90 -52.44
C LYS C 144 -19.30 8.01 -52.11
N LEU C 145 -18.06 7.81 -52.54
CA LEU C 145 -17.02 8.83 -52.41
C LEU C 145 -17.05 9.60 -53.72
N PRO C 146 -17.61 10.83 -53.70
CA PRO C 146 -17.84 11.65 -54.89
C PRO C 146 -16.59 11.86 -55.75
N ALA C 147 -16.81 11.98 -57.06
CA ALA C 147 -15.72 12.11 -58.04
C ALA C 147 -14.83 13.32 -57.81
N TYR C 148 -15.42 14.42 -57.34
CA TYR C 148 -14.65 15.66 -57.15
C TYR C 148 -13.53 15.55 -56.11
N PHE C 149 -13.58 14.50 -55.29
CA PHE C 149 -12.55 14.21 -54.28
C PHE C 149 -11.13 14.20 -54.86
N SER C 150 -11.01 14.00 -56.17
CA SER C 150 -9.70 14.05 -56.85
C SER C 150 -9.17 15.48 -57.01
N ASN C 151 -10.05 16.46 -56.83
CA ASN C 151 -9.60 17.85 -56.68
C ASN C 151 -9.25 18.14 -55.22
N LEU C 152 -9.76 17.31 -54.32
CA LEU C 152 -9.49 17.40 -52.87
C LEU C 152 -8.20 16.66 -52.50
N THR C 153 -7.09 17.13 -53.07
CA THR C 153 -5.77 16.51 -52.96
C THR C 153 -5.22 16.34 -51.52
N ASN C 154 -5.68 17.19 -50.59
CA ASN C 154 -5.20 17.17 -49.22
C ASN C 154 -6.08 16.43 -48.21
N LEU C 155 -7.23 15.91 -48.66
CA LEU C 155 -8.23 15.28 -47.77
C LEU C 155 -7.79 13.90 -47.24
N VAL C 156 -7.76 13.76 -45.91
CA VAL C 156 -7.32 12.52 -45.24
C VAL C 156 -8.34 11.89 -44.28
N HIS C 157 -9.22 12.71 -43.71
CA HIS C 157 -10.21 12.19 -42.78
C HIS C 157 -11.60 12.62 -43.11
N VAL C 158 -12.49 11.64 -43.25
CA VAL C 158 -13.92 11.90 -43.46
C VAL C 158 -14.75 11.12 -42.43
N ASP C 159 -15.55 11.84 -41.66
CA ASP C 159 -16.39 11.24 -40.62
C ASP C 159 -17.82 11.04 -41.14
N LEU C 160 -18.25 9.78 -41.16
CA LEU C 160 -19.59 9.44 -41.62
C LEU C 160 -20.45 8.87 -40.50
N SER C 161 -20.04 9.10 -39.26
CA SER C 161 -20.73 8.58 -38.08
C SER C 161 -22.20 8.98 -38.04
N TYR C 162 -23.00 8.12 -37.41
CA TYR C 162 -24.38 8.44 -37.08
C TYR C 162 -25.15 8.89 -38.33
N ASN C 163 -25.33 7.96 -39.27
CA ASN C 163 -26.07 8.23 -40.50
C ASN C 163 -27.01 7.07 -40.84
N TYR C 164 -27.34 6.94 -42.12
CA TYR C 164 -28.33 5.95 -42.57
C TYR C 164 -27.80 4.98 -43.62
N ILE C 165 -26.47 4.93 -43.76
CA ILE C 165 -25.83 4.04 -44.72
C ILE C 165 -26.05 2.58 -44.33
N GLN C 166 -26.69 1.84 -45.24
CA GLN C 166 -27.01 0.43 -44.99
C GLN C 166 -26.15 -0.51 -45.83
N THR C 167 -25.69 -0.01 -46.98
CA THR C 167 -24.86 -0.80 -47.87
C THR C 167 -23.54 -0.12 -48.20
N ILE C 168 -22.47 -0.91 -48.23
CA ILE C 168 -21.23 -0.51 -48.85
C ILE C 168 -21.08 -1.35 -50.12
N THR C 169 -21.20 -0.70 -51.27
CA THR C 169 -21.18 -1.39 -52.56
C THR C 169 -19.89 -1.15 -53.33
N VAL C 170 -19.62 -2.01 -54.31
CA VAL C 170 -18.45 -1.88 -55.17
C VAL C 170 -18.34 -0.48 -55.78
N ASN C 171 -19.49 0.10 -56.09
CA ASN C 171 -19.59 1.39 -56.77
C ASN C 171 -19.26 2.58 -55.88
N ASP C 172 -19.54 2.44 -54.58
CA ASP C 172 -19.25 3.49 -53.61
C ASP C 172 -17.76 3.81 -53.54
N LEU C 173 -16.94 2.76 -53.47
CA LEU C 173 -15.51 2.90 -53.27
C LEU C 173 -14.72 2.95 -54.58
N GLN C 174 -15.42 3.23 -55.67
CA GLN C 174 -14.82 3.32 -57.00
C GLN C 174 -13.71 4.37 -57.06
N PHE C 175 -13.91 5.51 -56.40
CA PHE C 175 -12.93 6.59 -56.37
C PHE C 175 -11.59 6.10 -55.85
N LEU C 176 -11.63 5.45 -54.69
CA LEU C 176 -10.42 4.90 -54.07
C LEU C 176 -9.70 3.90 -54.96
N ARG C 177 -10.47 3.09 -55.68
CA ARG C 177 -9.91 2.03 -56.52
C ARG C 177 -9.07 2.57 -57.67
N GLU C 178 -9.47 3.70 -58.24
CA GLU C 178 -8.70 4.37 -59.29
C GLU C 178 -7.60 5.28 -58.72
N ASN C 179 -7.52 5.36 -57.39
CA ASN C 179 -6.56 6.23 -56.72
C ASN C 179 -5.92 5.59 -55.48
N PRO C 180 -5.08 4.54 -55.68
CA PRO C 180 -4.49 3.81 -54.56
C PRO C 180 -3.43 4.61 -53.79
N GLN C 181 -3.11 5.80 -54.29
CA GLN C 181 -2.07 6.65 -53.68
C GLN C 181 -2.60 7.53 -52.54
N VAL C 182 -3.93 7.56 -52.39
CA VAL C 182 -4.59 8.47 -51.43
C VAL C 182 -4.66 7.92 -49.99
N ASN C 183 -3.99 8.60 -49.07
CA ASN C 183 -4.07 8.29 -47.64
C ASN C 183 -5.40 8.82 -47.09
N LEU C 184 -6.35 7.93 -46.86
CA LEU C 184 -7.68 8.35 -46.41
C LEU C 184 -8.23 7.51 -45.26
N SER C 185 -8.79 8.20 -44.27
CA SER C 185 -9.43 7.57 -43.13
C SER C 185 -10.94 7.76 -43.13
N LEU C 186 -11.66 6.73 -42.71
CA LEU C 186 -13.11 6.70 -42.75
C LEU C 186 -13.69 6.27 -41.41
N ASP C 187 -14.31 7.22 -40.72
CA ASP C 187 -15.11 6.90 -39.55
C ASP C 187 -16.52 6.55 -40.01
N MET C 188 -16.89 5.28 -39.82
CA MET C 188 -18.13 4.74 -40.36
C MET C 188 -19.05 4.28 -39.26
N SER C 189 -18.80 4.75 -38.05
CA SER C 189 -19.48 4.26 -36.85
C SER C 189 -20.93 4.74 -36.78
N LEU C 190 -21.77 3.94 -36.14
CA LEU C 190 -23.18 4.28 -35.90
C LEU C 190 -24.05 4.33 -37.16
N ASN C 191 -23.69 3.54 -38.16
CA ASN C 191 -24.54 3.31 -39.33
C ASN C 191 -25.12 1.90 -39.31
N PRO C 192 -26.40 1.74 -39.69
CA PRO C 192 -27.00 0.41 -39.60
C PRO C 192 -26.67 -0.39 -40.86
N ILE C 193 -25.51 -1.05 -40.86
CA ILE C 193 -25.03 -1.75 -42.04
C ILE C 193 -25.36 -3.24 -41.97
N ASP C 194 -26.10 -3.72 -42.96
CA ASP C 194 -26.41 -5.15 -43.07
C ASP C 194 -25.91 -5.81 -44.36
N PHE C 195 -25.52 -4.97 -45.34
CA PHE C 195 -25.06 -5.47 -46.64
C PHE C 195 -23.79 -4.76 -47.09
N ILE C 196 -22.77 -5.56 -47.39
CA ILE C 196 -21.59 -5.09 -48.10
C ILE C 196 -21.45 -5.96 -49.35
N GLN C 197 -21.40 -5.32 -50.51
CA GLN C 197 -21.39 -6.03 -51.78
C GLN C 197 -20.15 -6.89 -51.96
N ASP C 198 -20.32 -8.00 -52.67
CA ASP C 198 -19.24 -8.93 -52.97
C ASP C 198 -18.11 -8.22 -53.71
N GLN C 199 -16.88 -8.39 -53.21
CA GLN C 199 -15.67 -7.85 -53.82
C GLN C 199 -15.60 -6.30 -53.79
N ALA C 200 -16.40 -5.70 -52.91
CA ALA C 200 -16.47 -4.24 -52.77
C ALA C 200 -15.18 -3.59 -52.28
N PHE C 201 -14.44 -4.30 -51.43
CA PHE C 201 -13.22 -3.75 -50.82
C PHE C 201 -11.94 -4.17 -51.53
N GLN C 202 -12.10 -4.81 -52.69
CA GLN C 202 -10.97 -5.33 -53.44
C GLN C 202 -10.05 -4.23 -53.97
N GLY C 203 -8.76 -4.36 -53.67
CA GLY C 203 -7.74 -3.43 -54.13
C GLY C 203 -7.90 -2.00 -53.63
N ILE C 204 -8.30 -1.85 -52.37
CA ILE C 204 -8.40 -0.51 -51.77
C ILE C 204 -7.57 -0.36 -50.49
N LYS C 205 -7.02 0.83 -50.30
CA LYS C 205 -6.17 1.14 -49.16
C LYS C 205 -6.78 2.27 -48.32
N LEU C 206 -6.77 2.06 -47.01
CA LEU C 206 -7.25 3.03 -46.03
C LEU C 206 -6.27 3.11 -44.87
N HIS C 207 -6.18 4.30 -44.26
CA HIS C 207 -5.36 4.49 -43.08
C HIS C 207 -6.05 3.93 -41.87
N GLU C 208 -7.10 4.59 -41.37
CA GLU C 208 -7.92 3.98 -40.33
C GLU C 208 -9.40 3.84 -40.66
N LEU C 209 -9.94 2.65 -40.37
CA LEU C 209 -11.34 2.33 -40.58
C LEU C 209 -12.00 2.03 -39.26
N THR C 210 -13.00 2.84 -38.93
CA THR C 210 -13.70 2.70 -37.67
C THR C 210 -15.10 2.16 -37.91
N LEU C 211 -15.34 0.94 -37.42
CA LEU C 211 -16.63 0.28 -37.52
C LEU C 211 -17.21 -0.03 -36.15
N ARG C 212 -17.56 1.02 -35.42
CA ARG C 212 -18.13 0.86 -34.07
C ARG C 212 -19.64 0.98 -34.08
N GLY C 213 -20.29 0.08 -33.34
CA GLY C 213 -21.75 0.08 -33.20
C GLY C 213 -22.50 0.05 -34.53
N ASN C 214 -22.01 -0.76 -35.46
CA ASN C 214 -22.57 -0.84 -36.81
C ASN C 214 -23.58 -1.95 -37.02
N PHE C 215 -23.43 -3.05 -36.29
CA PHE C 215 -24.11 -4.29 -36.62
C PHE C 215 -25.12 -4.70 -35.56
N ASN C 216 -26.27 -5.17 -36.03
CA ASN C 216 -27.39 -5.50 -35.15
C ASN C 216 -27.35 -6.91 -34.56
N SER C 217 -26.85 -7.86 -35.35
CA SER C 217 -26.74 -9.27 -34.95
C SER C 217 -25.39 -9.89 -35.39
N SER C 218 -25.04 -11.02 -34.77
CA SER C 218 -23.77 -11.70 -35.08
C SER C 218 -23.69 -12.17 -36.53
N ASN C 219 -24.81 -12.67 -37.06
CA ASN C 219 -24.89 -13.14 -38.45
C ASN C 219 -24.59 -12.05 -39.47
N ILE C 220 -25.15 -10.87 -39.24
CA ILE C 220 -24.91 -9.72 -40.11
C ILE C 220 -23.46 -9.24 -40.02
N MET C 221 -22.89 -9.28 -38.82
CA MET C 221 -21.50 -8.87 -38.60
C MET C 221 -20.52 -9.78 -39.31
N LYS C 222 -20.67 -11.09 -39.12
CA LYS C 222 -19.82 -12.09 -39.75
C LYS C 222 -19.89 -11.98 -41.28
N THR C 223 -21.11 -11.83 -41.78
CA THR C 223 -21.36 -11.75 -43.21
C THR C 223 -20.66 -10.54 -43.82
N CYS C 224 -20.80 -9.40 -43.15
CA CYS C 224 -20.22 -8.15 -43.63
C CYS C 224 -18.69 -8.14 -43.62
N LEU C 225 -18.10 -8.62 -42.53
CA LEU C 225 -16.64 -8.67 -42.39
C LEU C 225 -15.98 -9.54 -43.46
N GLN C 226 -16.70 -10.58 -43.91
CA GLN C 226 -16.26 -11.40 -45.04
C GLN C 226 -16.07 -10.54 -46.28
N ASN C 227 -17.07 -9.71 -46.56
CA ASN C 227 -17.06 -8.82 -47.72
C ASN C 227 -16.20 -7.57 -47.52
N LEU C 228 -15.31 -7.62 -46.53
CA LEU C 228 -14.22 -6.66 -46.40
C LEU C 228 -12.96 -7.18 -47.08
N ALA C 229 -13.07 -8.37 -47.68
CA ALA C 229 -11.97 -9.04 -48.37
C ALA C 229 -11.18 -8.11 -49.30
N GLY C 230 -9.86 -8.15 -49.17
CA GLY C 230 -8.97 -7.38 -50.04
C GLY C 230 -8.67 -5.97 -49.61
N LEU C 231 -8.87 -5.67 -48.32
CA LEU C 231 -8.63 -4.33 -47.79
C LEU C 231 -7.31 -4.25 -47.02
N HIS C 232 -6.49 -3.26 -47.36
CA HIS C 232 -5.32 -2.94 -46.54
C HIS C 232 -5.62 -1.74 -45.66
N VAL C 233 -5.68 -1.97 -44.36
CA VAL C 233 -5.83 -0.90 -43.38
C VAL C 233 -4.69 -0.88 -42.40
N HIS C 234 -4.24 0.33 -42.08
CA HIS C 234 -3.24 0.53 -41.05
C HIS C 234 -3.85 0.32 -39.69
N ARG C 235 -5.06 0.86 -39.51
CA ARG C 235 -5.72 0.81 -38.22
C ARG C 235 -7.20 0.46 -38.41
N LEU C 236 -7.62 -0.66 -37.81
CA LEU C 236 -9.02 -1.06 -37.81
C LEU C 236 -9.61 -1.03 -36.40
N ILE C 237 -10.55 -0.10 -36.18
CA ILE C 237 -11.22 0.05 -34.88
C ILE C 237 -12.58 -0.66 -34.93
N LEU C 238 -12.78 -1.60 -34.01
CA LEU C 238 -13.97 -2.45 -34.00
C LEU C 238 -14.59 -2.53 -32.62
N GLY C 239 -15.91 -2.76 -32.58
CA GLY C 239 -16.64 -2.89 -31.32
C GLY C 239 -17.98 -2.16 -31.32
N GLU C 240 -18.59 -2.06 -30.15
CA GLU C 240 -19.85 -1.33 -29.99
C GLU C 240 -19.87 -0.49 -28.70
N PHE C 241 -21.03 0.12 -28.43
CA PHE C 241 -21.19 1.03 -27.28
C PHE C 241 -22.15 0.49 -26.21
N LYS C 242 -21.97 0.91 -24.96
CA LYS C 242 -22.87 0.55 -23.85
C LYS C 242 -24.29 1.09 -24.04
N ASP C 243 -24.39 2.36 -24.42
CA ASP C 243 -25.67 3.02 -24.65
C ASP C 243 -26.26 2.70 -26.04
N GLU C 244 -25.99 1.48 -26.52
CA GLU C 244 -26.60 0.96 -27.75
C GLU C 244 -27.02 -0.49 -27.53
N ARG C 245 -28.07 -0.91 -28.25
CA ARG C 245 -28.49 -2.32 -28.22
C ARG C 245 -27.44 -3.18 -28.93
N ASN C 246 -27.03 -4.25 -28.25
CA ASN C 246 -25.79 -4.96 -28.60
C ASN C 246 -25.95 -6.40 -29.09
N LEU C 247 -24.92 -6.88 -29.77
CA LEU C 247 -24.81 -8.28 -30.21
C LEU C 247 -24.80 -9.23 -29.02
N GLU C 248 -25.80 -10.11 -28.97
CA GLU C 248 -25.98 -11.03 -27.85
C GLU C 248 -24.86 -12.05 -27.74
N ILE C 249 -24.74 -12.92 -28.74
CA ILE C 249 -23.69 -13.96 -28.76
C ILE C 249 -22.48 -13.46 -29.54
N PHE C 250 -21.31 -13.47 -28.91
CA PHE C 250 -20.08 -13.00 -29.53
C PHE C 250 -18.95 -14.04 -29.52
N GLU C 251 -18.96 -14.91 -30.53
CA GLU C 251 -17.93 -15.94 -30.71
C GLU C 251 -16.73 -15.38 -31.49
N PRO C 252 -15.57 -16.05 -31.41
CA PRO C 252 -14.41 -15.63 -32.20
C PRO C 252 -14.63 -15.79 -33.70
N SER C 253 -15.48 -16.75 -34.08
CA SER C 253 -15.76 -17.07 -35.49
C SER C 253 -16.45 -15.96 -36.27
N ILE C 254 -16.93 -14.93 -35.56
CA ILE C 254 -17.51 -13.76 -36.19
C ILE C 254 -16.40 -12.90 -36.82
N MET C 255 -15.17 -13.16 -36.39
CA MET C 255 -13.98 -12.47 -36.88
C MET C 255 -13.45 -13.08 -38.17
N GLU C 256 -13.97 -14.25 -38.55
CA GLU C 256 -13.44 -15.10 -39.62
C GLU C 256 -13.08 -14.39 -40.92
N GLY C 257 -13.91 -13.43 -41.32
CA GLY C 257 -13.68 -12.69 -42.55
C GLY C 257 -12.38 -11.91 -42.56
N LEU C 258 -11.96 -11.49 -41.37
CA LEU C 258 -10.82 -10.58 -41.21
C LEU C 258 -9.49 -11.05 -41.79
N CYS C 259 -9.20 -12.35 -41.73
CA CYS C 259 -7.91 -12.84 -42.23
C CYS C 259 -7.84 -12.95 -43.77
N ASP C 260 -8.78 -12.29 -44.44
CA ASP C 260 -8.69 -12.06 -45.88
C ASP C 260 -8.46 -10.56 -46.12
N VAL C 261 -8.27 -9.83 -45.03
CA VAL C 261 -7.85 -8.43 -45.09
C VAL C 261 -6.53 -8.31 -44.32
N THR C 262 -5.68 -7.39 -44.74
CA THR C 262 -4.39 -7.20 -44.07
C THR C 262 -4.44 -5.97 -43.15
N ILE C 263 -4.08 -6.20 -41.89
CA ILE C 263 -4.20 -5.19 -40.84
C ILE C 263 -2.85 -4.95 -40.18
N ASP C 264 -2.45 -3.68 -40.07
CA ASP C 264 -1.25 -3.32 -39.31
C ASP C 264 -1.58 -3.27 -37.81
N GLU C 265 -2.55 -2.44 -37.46
CA GLU C 265 -2.97 -2.25 -36.07
C GLU C 265 -4.47 -2.55 -35.91
N PHE C 266 -4.81 -3.24 -34.82
CA PHE C 266 -6.18 -3.68 -34.58
C PHE C 266 -6.67 -3.22 -33.21
N ARG C 267 -7.78 -2.49 -33.19
CA ARG C 267 -8.35 -1.97 -31.95
C ARG C 267 -9.77 -2.45 -31.69
N LEU C 268 -9.92 -3.34 -30.72
CA LEU C 268 -11.25 -3.76 -30.28
C LEU C 268 -11.65 -2.93 -29.07
N THR C 269 -12.84 -2.36 -29.15
CA THR C 269 -13.40 -1.60 -28.04
C THR C 269 -14.51 -2.39 -27.37
N TYR C 270 -15.34 -1.71 -26.59
CA TYR C 270 -16.38 -2.36 -25.79
C TYR C 270 -17.24 -3.33 -26.60
N THR C 271 -17.49 -4.49 -26.00
CA THR C 271 -18.39 -5.50 -26.55
C THR C 271 -19.23 -6.08 -25.42
N ASN C 272 -20.53 -6.21 -25.67
CA ASN C 272 -21.49 -6.70 -24.66
C ASN C 272 -21.19 -8.13 -24.21
N ASP C 273 -20.94 -9.02 -25.16
CA ASP C 273 -20.44 -10.34 -24.84
C ASP C 273 -18.99 -10.44 -25.31
N PHE C 274 -18.19 -11.22 -24.60
CA PHE C 274 -16.77 -11.38 -24.92
C PHE C 274 -16.28 -12.75 -24.49
N SER C 275 -15.41 -13.36 -25.29
CA SER C 275 -14.80 -14.62 -24.95
C SER C 275 -13.30 -14.44 -24.88
N ASP C 276 -12.71 -14.82 -23.76
CA ASP C 276 -11.27 -14.66 -23.56
C ASP C 276 -10.43 -15.13 -24.74
N ASP C 277 -10.89 -16.17 -25.43
CA ASP C 277 -10.16 -16.70 -26.58
C ASP C 277 -10.51 -16.06 -27.93
N ILE C 278 -11.14 -14.87 -27.88
CA ILE C 278 -11.34 -14.08 -29.11
C ILE C 278 -10.10 -13.24 -29.41
N VAL C 279 -9.23 -13.05 -28.41
CA VAL C 279 -7.96 -12.35 -28.64
C VAL C 279 -6.87 -13.26 -29.18
N LYS C 280 -6.87 -14.53 -28.77
CA LYS C 280 -5.88 -15.49 -29.27
C LYS C 280 -6.32 -16.13 -30.60
N PHE C 281 -7.01 -15.35 -31.41
CA PHE C 281 -7.58 -15.81 -32.68
C PHE C 281 -6.59 -15.74 -33.81
N HIS C 282 -6.65 -16.73 -34.70
CA HIS C 282 -5.63 -16.90 -35.75
C HIS C 282 -5.59 -15.80 -36.77
N CYS C 283 -6.70 -15.09 -36.97
CA CYS C 283 -6.74 -14.04 -38.00
C CYS C 283 -6.04 -12.75 -37.55
N LEU C 284 -5.67 -12.69 -36.28
CA LEU C 284 -5.00 -11.52 -35.72
C LEU C 284 -3.49 -11.73 -35.58
N ALA C 285 -3.02 -12.89 -36.05
CA ALA C 285 -1.62 -13.29 -35.89
C ALA C 285 -0.62 -12.36 -36.56
N ASN C 286 -0.96 -11.88 -37.74
CA ASN C 286 -0.04 -11.04 -38.53
C ASN C 286 -0.22 -9.53 -38.31
N VAL C 287 -0.73 -9.17 -37.14
CA VAL C 287 -0.95 -7.76 -36.75
C VAL C 287 0.24 -7.26 -35.93
N SER C 288 0.66 -6.02 -36.17
CA SER C 288 1.83 -5.45 -35.48
C SER C 288 1.50 -4.73 -34.16
N ALA C 289 0.27 -4.21 -34.07
CA ALA C 289 -0.20 -3.58 -32.83
C ALA C 289 -1.59 -4.10 -32.50
N MET C 290 -1.78 -4.53 -31.27
CA MET C 290 -3.07 -5.05 -30.83
C MET C 290 -3.59 -4.22 -29.64
N SER C 291 -4.86 -3.82 -29.70
CA SER C 291 -5.43 -3.02 -28.60
C SER C 291 -6.79 -3.50 -28.12
N LEU C 292 -6.93 -3.55 -26.80
CA LEU C 292 -8.21 -3.78 -26.14
C LEU C 292 -8.52 -2.61 -25.22
N ALA C 293 -9.74 -2.10 -25.28
CA ALA C 293 -10.16 -0.97 -24.44
C ALA C 293 -11.62 -1.08 -24.00
N GLY C 294 -11.83 -1.24 -22.69
CA GLY C 294 -13.17 -1.35 -22.12
C GLY C 294 -13.77 -2.72 -22.38
N VAL C 295 -12.92 -3.74 -22.33
CA VAL C 295 -13.29 -5.09 -22.75
C VAL C 295 -13.42 -6.06 -21.56
N SER C 296 -14.43 -6.92 -21.61
CA SER C 296 -14.73 -7.87 -20.53
C SER C 296 -13.77 -9.06 -20.45
N ILE C 297 -12.56 -8.94 -20.98
CA ILE C 297 -11.56 -10.01 -20.88
C ILE C 297 -11.20 -10.31 -19.42
N LYS C 298 -11.17 -11.59 -19.06
CA LYS C 298 -10.90 -11.99 -17.70
C LYS C 298 -9.53 -12.65 -17.59
N TYR C 299 -9.10 -13.30 -18.66
CA TYR C 299 -7.81 -13.97 -18.70
C TYR C 299 -7.18 -13.78 -20.07
N LEU C 300 -5.89 -13.49 -20.08
CA LEU C 300 -5.12 -13.39 -21.32
C LEU C 300 -3.92 -14.30 -21.16
N GLU C 301 -3.98 -15.51 -21.71
CA GLU C 301 -2.89 -16.46 -21.44
C GLU C 301 -2.31 -17.28 -22.60
N ASP C 302 -3.12 -18.12 -23.24
CA ASP C 302 -2.57 -19.03 -24.23
C ASP C 302 -2.38 -18.36 -25.60
N VAL C 303 -1.74 -17.18 -25.61
CA VAL C 303 -1.43 -16.48 -26.85
C VAL C 303 -0.28 -17.22 -27.52
N PRO C 304 -0.47 -17.63 -28.79
CA PRO C 304 0.54 -18.40 -29.54
C PRO C 304 1.84 -17.63 -29.76
N LYS C 305 2.97 -18.32 -29.62
CA LYS C 305 4.30 -17.71 -29.74
C LYS C 305 4.63 -17.15 -31.13
N HIS C 306 3.91 -17.61 -32.15
CA HIS C 306 4.17 -17.18 -33.53
C HIS C 306 3.46 -15.89 -33.92
N PHE C 307 2.86 -15.22 -32.94
CA PHE C 307 2.18 -13.95 -33.17
C PHE C 307 3.19 -12.81 -33.30
N LYS C 308 2.88 -11.84 -34.17
CA LYS C 308 3.83 -10.80 -34.57
C LYS C 308 3.65 -9.50 -33.82
N TRP C 309 2.83 -9.53 -32.77
CA TRP C 309 2.49 -8.34 -31.98
C TRP C 309 3.67 -7.60 -31.44
N GLN C 310 3.82 -6.35 -31.87
CA GLN C 310 4.91 -5.50 -31.46
C GLN C 310 4.52 -4.62 -30.26
N SER C 311 3.26 -4.18 -30.25
CA SER C 311 2.68 -3.56 -29.05
C SER C 311 1.32 -4.16 -28.68
N LEU C 312 1.07 -4.20 -27.37
CA LEU C 312 -0.17 -4.72 -26.83
C LEU C 312 -0.66 -3.75 -25.79
N SER C 313 -1.89 -3.32 -25.98
CA SER C 313 -2.49 -2.30 -25.15
C SER C 313 -3.75 -2.86 -24.53
N ILE C 314 -3.80 -2.87 -23.20
CA ILE C 314 -4.96 -3.31 -22.44
C ILE C 314 -5.42 -2.17 -21.53
N ILE C 315 -6.48 -1.47 -21.92
CA ILE C 315 -6.96 -0.30 -21.18
C ILE C 315 -8.39 -0.54 -20.67
N ARG C 316 -8.60 -0.25 -19.39
CA ARG C 316 -9.92 -0.38 -18.73
C ARG C 316 -10.64 -1.71 -18.98
N CYS C 317 -9.90 -2.80 -18.94
CA CYS C 317 -10.45 -4.12 -19.10
C CYS C 317 -10.68 -4.73 -17.72
N GLN C 318 -10.84 -6.06 -17.64
CA GLN C 318 -11.39 -6.68 -16.43
C GLN C 318 -10.70 -7.97 -16.00
N LEU C 319 -9.42 -8.07 -16.36
CA LEU C 319 -8.53 -9.17 -15.97
C LEU C 319 -8.64 -9.47 -14.48
N LYS C 320 -8.81 -10.75 -14.17
CA LYS C 320 -8.84 -11.21 -12.78
C LYS C 320 -7.45 -11.65 -12.35
N GLN C 321 -6.55 -11.76 -13.32
CA GLN C 321 -5.19 -12.25 -13.11
C GLN C 321 -4.24 -11.49 -14.01
N PHE C 322 -3.00 -11.32 -13.57
CA PHE C 322 -1.99 -10.77 -14.47
C PHE C 322 -1.73 -11.80 -15.58
N PRO C 323 -1.62 -11.34 -16.84
CA PRO C 323 -1.47 -12.22 -17.98
C PRO C 323 -0.16 -13.01 -18.03
N THR C 324 -0.25 -14.26 -18.44
CA THR C 324 0.92 -15.00 -18.91
C THR C 324 1.22 -14.55 -20.33
N LEU C 325 2.42 -14.03 -20.52
CA LEU C 325 2.88 -13.60 -21.84
C LEU C 325 4.33 -13.99 -22.06
N ASP C 326 4.63 -14.55 -23.23
CA ASP C 326 6.01 -14.82 -23.60
C ASP C 326 6.34 -14.50 -25.06
N LEU C 327 5.44 -13.77 -25.72
CA LEU C 327 5.66 -13.24 -27.07
C LEU C 327 7.08 -12.68 -27.24
N PRO C 328 7.86 -13.28 -28.14
CA PRO C 328 9.26 -12.92 -28.17
C PRO C 328 9.58 -11.60 -28.89
N PHE C 329 8.62 -11.05 -29.63
CA PHE C 329 8.88 -9.82 -30.42
C PHE C 329 8.16 -8.55 -29.94
N LEU C 330 7.46 -8.65 -28.82
CA LEU C 330 6.73 -7.55 -28.21
C LEU C 330 7.65 -6.45 -27.63
N LYS C 331 7.60 -5.26 -28.22
CA LYS C 331 8.41 -4.12 -27.78
C LYS C 331 7.75 -3.29 -26.68
N SER C 332 6.43 -3.28 -26.69
CA SER C 332 5.67 -2.32 -25.89
C SER C 332 4.43 -2.93 -25.25
N LEU C 333 4.27 -2.71 -23.96
CA LEU C 333 3.11 -3.25 -23.26
C LEU C 333 2.49 -2.23 -22.32
N THR C 334 1.21 -1.97 -22.58
CA THR C 334 0.38 -1.15 -21.70
C THR C 334 -0.75 -2.01 -21.13
N LEU C 335 -0.80 -2.09 -19.82
CA LEU C 335 -1.92 -2.68 -19.11
C LEU C 335 -2.27 -1.68 -18.01
N THR C 336 -3.36 -0.95 -18.22
CA THR C 336 -3.66 0.16 -17.34
C THR C 336 -5.15 0.31 -17.05
N MET C 337 -5.44 0.95 -15.92
CA MET C 337 -6.79 1.21 -15.43
C MET C 337 -7.66 -0.05 -15.39
N ASN C 338 -7.03 -1.18 -15.11
CA ASN C 338 -7.74 -2.44 -14.92
C ASN C 338 -8.78 -2.29 -13.83
N LYS C 339 -9.92 -2.95 -14.02
CA LYS C 339 -11.08 -2.84 -13.13
C LYS C 339 -10.81 -3.37 -11.72
N GLY C 340 -10.14 -4.51 -11.62
CA GLY C 340 -9.90 -5.13 -10.33
C GLY C 340 -8.61 -4.72 -9.65
N SER C 341 -7.97 -5.71 -9.02
CA SER C 341 -6.71 -5.53 -8.29
C SER C 341 -5.86 -6.78 -8.50
N ILE C 342 -5.21 -6.83 -9.64
CA ILE C 342 -4.33 -7.94 -9.99
C ILE C 342 -2.97 -7.77 -9.31
N SER C 343 -2.28 -8.88 -9.11
CA SER C 343 -0.91 -8.82 -8.64
C SER C 343 0.06 -9.22 -9.76
N PHE C 344 1.27 -8.65 -9.74
CA PHE C 344 2.25 -8.92 -10.79
C PHE C 344 2.62 -10.40 -10.81
N LYS C 345 2.71 -10.96 -12.00
CA LYS C 345 3.18 -12.33 -12.17
C LYS C 345 4.37 -12.29 -13.13
N LYS C 346 5.46 -12.93 -12.75
CA LYS C 346 6.71 -12.89 -13.52
C LYS C 346 6.46 -13.28 -14.99
N VAL C 347 7.04 -12.48 -15.89
CA VAL C 347 6.78 -12.57 -17.33
C VAL C 347 8.09 -12.62 -18.14
N ALA C 348 8.04 -13.08 -19.39
CA ALA C 348 9.25 -13.22 -20.23
C ALA C 348 9.07 -12.60 -21.61
N LEU C 349 9.55 -11.38 -21.76
CA LEU C 349 9.30 -10.58 -22.95
C LEU C 349 10.60 -9.97 -23.44
N PRO C 350 11.36 -10.75 -24.22
CA PRO C 350 12.77 -10.44 -24.47
C PRO C 350 13.03 -9.22 -25.38
N SER C 351 11.96 -8.63 -25.92
CA SER C 351 12.10 -7.49 -26.82
C SER C 351 11.52 -6.21 -26.20
N LEU C 352 10.99 -6.33 -24.98
CA LEU C 352 10.29 -5.21 -24.32
C LEU C 352 11.20 -4.03 -24.07
N SER C 353 10.73 -2.83 -24.43
CA SER C 353 11.48 -1.62 -24.10
C SER C 353 10.61 -0.56 -23.41
N TYR C 354 9.30 -0.83 -23.39
CA TYR C 354 8.31 0.09 -22.84
C TYR C 354 7.28 -0.74 -22.08
N LEU C 355 7.00 -0.34 -20.85
CA LEU C 355 6.07 -1.09 -20.01
C LEU C 355 5.32 -0.15 -19.07
N ASP C 356 4.04 0.04 -19.36
CA ASP C 356 3.15 0.82 -18.52
C ASP C 356 2.16 -0.12 -17.84
N LEU C 357 2.30 -0.20 -16.53
CA LEU C 357 1.42 -1.01 -15.69
C LEU C 357 0.77 -0.13 -14.61
N SER C 358 0.43 1.11 -14.96
CA SER C 358 -0.06 2.05 -13.97
C SER C 358 -1.57 1.96 -13.75
N ARG C 359 -2.05 2.57 -12.66
CA ARG C 359 -3.50 2.70 -12.36
C ARG C 359 -4.25 1.36 -12.28
N ASN C 360 -3.63 0.37 -11.64
CA ASN C 360 -4.19 -0.96 -11.60
C ASN C 360 -4.40 -1.47 -10.20
N ALA C 361 -4.05 -0.65 -9.21
CA ALA C 361 -3.90 -1.10 -7.82
C ALA C 361 -3.06 -2.39 -7.75
N LEU C 362 -1.98 -2.44 -8.53
CA LEU C 362 -1.13 -3.62 -8.65
C LEU C 362 -0.38 -3.92 -7.37
N SER C 363 -0.38 -5.19 -6.96
CA SER C 363 0.61 -5.70 -6.00
C SER C 363 1.84 -6.14 -6.78
N PHE C 364 3.01 -5.87 -6.23
CA PHE C 364 4.26 -6.31 -6.82
C PHE C 364 5.17 -6.63 -5.66
N SER C 365 5.37 -7.91 -5.39
CA SER C 365 6.31 -8.28 -4.32
C SER C 365 7.57 -8.89 -4.90
N GLY C 366 8.69 -8.23 -4.71
CA GLY C 366 9.96 -8.69 -5.27
C GLY C 366 10.45 -7.87 -6.45
N CYS C 367 10.20 -6.57 -6.42
CA CYS C 367 10.62 -5.64 -7.45
C CYS C 367 12.07 -5.20 -7.25
N CYS C 368 12.90 -5.20 -8.30
CA CYS C 368 12.59 -5.75 -9.63
C CYS C 368 13.93 -6.04 -10.29
N SER C 369 13.96 -7.00 -11.21
CA SER C 369 15.20 -7.42 -11.84
C SER C 369 14.90 -8.16 -13.13
N TYR C 370 15.95 -8.60 -13.83
CA TYR C 370 15.80 -9.30 -15.11
C TYR C 370 14.77 -10.42 -15.10
N SER C 371 14.84 -11.31 -14.10
CA SER C 371 13.97 -12.49 -14.03
C SER C 371 12.46 -12.17 -14.01
N ASP C 372 12.11 -10.96 -13.62
CA ASP C 372 10.71 -10.52 -13.64
C ASP C 372 10.18 -10.28 -15.07
N LEU C 373 11.06 -9.89 -15.99
CA LEU C 373 10.63 -9.46 -17.33
C LEU C 373 11.27 -10.22 -18.49
N GLY C 374 12.51 -10.68 -18.30
CA GLY C 374 13.25 -11.38 -19.35
C GLY C 374 13.60 -10.51 -20.55
N THR C 375 13.81 -9.23 -20.31
CA THR C 375 14.30 -8.27 -21.33
C THR C 375 15.62 -7.62 -20.91
N ASN C 376 16.46 -7.29 -21.90
CA ASN C 376 17.67 -6.50 -21.66
C ASN C 376 17.49 -5.06 -22.17
N SER C 377 16.32 -4.77 -22.74
CA SER C 377 16.09 -3.55 -23.52
C SER C 377 15.14 -2.51 -22.93
N LEU C 378 14.73 -2.70 -21.68
CA LEU C 378 13.69 -1.86 -21.09
C LEU C 378 14.17 -0.44 -20.75
N ARG C 379 13.51 0.58 -21.31
CA ARG C 379 13.84 2.00 -21.10
C ARG C 379 12.81 2.79 -20.31
N HIS C 380 11.56 2.29 -20.30
CA HIS C 380 10.42 2.95 -19.68
C HIS C 380 9.67 1.99 -18.80
N LEU C 381 9.59 2.31 -17.50
CA LEU C 381 8.85 1.52 -16.51
C LEU C 381 7.91 2.38 -15.65
N ASP C 382 6.61 2.22 -15.90
CA ASP C 382 5.60 2.98 -15.19
C ASP C 382 4.80 2.04 -14.29
N LEU C 383 4.97 2.24 -12.98
CA LEU C 383 4.25 1.47 -11.97
C LEU C 383 3.55 2.43 -11.01
N SER C 384 3.03 3.52 -11.55
CA SER C 384 2.39 4.53 -10.70
C SER C 384 0.92 4.21 -10.38
N PHE C 385 0.41 4.84 -9.33
CA PHE C 385 -0.97 4.64 -8.89
C PHE C 385 -1.30 3.14 -8.74
N ASN C 386 -0.54 2.45 -7.89
CA ASN C 386 -0.75 1.02 -7.65
C ASN C 386 -0.76 0.68 -6.17
N GLY C 387 -0.90 -0.60 -5.86
CA GLY C 387 -0.92 -1.08 -4.47
C GLY C 387 0.44 -1.07 -3.79
N ALA C 388 0.75 -2.17 -3.11
CA ALA C 388 2.00 -2.29 -2.38
C ALA C 388 3.07 -2.87 -3.31
N ILE C 389 4.15 -2.11 -3.51
CA ILE C 389 5.31 -2.58 -4.28
C ILE C 389 6.51 -2.77 -3.37
N ILE C 390 6.86 -4.03 -3.16
CA ILE C 390 7.89 -4.38 -2.22
C ILE C 390 9.22 -4.52 -2.94
N MET C 391 10.15 -3.64 -2.60
CA MET C 391 11.49 -3.62 -3.14
C MET C 391 12.34 -4.68 -2.46
N SER C 392 12.85 -5.61 -3.24
CA SER C 392 13.76 -6.64 -2.73
C SER C 392 15.04 -6.80 -3.57
N ALA C 393 15.02 -6.28 -4.79
CA ALA C 393 16.17 -6.35 -5.71
C ALA C 393 16.41 -4.99 -6.37
N ASN C 394 17.66 -4.59 -6.47
CA ASN C 394 17.98 -3.26 -6.99
C ASN C 394 18.20 -3.20 -8.49
N PHE C 395 17.26 -3.76 -9.25
CA PHE C 395 17.20 -3.67 -10.72
C PHE C 395 18.40 -4.30 -11.46
N MET C 396 19.04 -5.31 -10.88
CA MET C 396 20.09 -6.04 -11.60
C MET C 396 19.53 -6.52 -12.94
N GLY C 397 20.17 -6.11 -14.02
CA GLY C 397 19.81 -6.58 -15.35
C GLY C 397 18.98 -5.59 -16.13
N LEU C 398 18.57 -4.51 -15.47
CA LEU C 398 17.70 -3.52 -16.10
C LEU C 398 18.37 -2.14 -16.18
N GLU C 399 19.69 -2.12 -16.38
CA GLU C 399 20.43 -0.87 -16.40
C GLU C 399 20.17 0.04 -17.62
N GLU C 400 19.43 -0.45 -18.60
CA GLU C 400 19.01 0.41 -19.72
C GLU C 400 17.91 1.43 -19.38
N LEU C 401 17.27 1.27 -18.21
CA LEU C 401 16.13 2.10 -17.79
C LEU C 401 16.42 3.59 -17.79
N GLN C 402 15.52 4.36 -18.40
CA GLN C 402 15.61 5.82 -18.43
C GLN C 402 14.50 6.51 -17.65
N HIS C 403 13.35 5.83 -17.57
CA HIS C 403 12.15 6.38 -16.97
C HIS C 403 11.57 5.40 -15.98
N LEU C 404 11.54 5.80 -14.70
CA LEU C 404 10.96 4.98 -13.65
C LEU C 404 9.97 5.81 -12.82
N ASP C 405 8.72 5.34 -12.77
CA ASP C 405 7.60 6.10 -12.18
C ASP C 405 6.78 5.24 -11.23
N PHE C 406 6.83 5.63 -9.95
CA PHE C 406 6.12 4.96 -8.84
C PHE C 406 5.11 5.88 -8.16
N GLN C 407 4.91 7.10 -8.64
CA GLN C 407 4.11 8.08 -7.89
C GLN C 407 2.78 7.47 -7.42
N HIS C 408 2.43 7.76 -6.16
CA HIS C 408 1.17 7.34 -5.54
C HIS C 408 0.99 5.87 -5.24
N SER C 409 1.99 5.05 -5.60
CA SER C 409 2.00 3.65 -5.20
C SER C 409 2.57 3.51 -3.80
N THR C 410 2.40 2.36 -3.17
CA THR C 410 2.92 2.16 -1.84
C THR C 410 4.29 1.48 -1.93
N LEU C 411 5.35 2.28 -1.90
CA LEU C 411 6.70 1.74 -1.93
C LEU C 411 7.16 1.26 -0.54
N LYS C 412 7.51 -0.01 -0.47
CA LYS C 412 7.99 -0.60 0.76
C LYS C 412 9.46 -0.97 0.66
N ARG C 413 10.17 -0.77 1.76
CA ARG C 413 11.55 -1.24 1.92
C ARG C 413 12.58 -0.48 1.09
N VAL C 414 12.15 0.63 0.48
CA VAL C 414 13.02 1.34 -0.44
C VAL C 414 14.17 2.07 0.28
N THR C 415 13.99 2.27 1.58
CA THR C 415 15.00 2.94 2.40
C THR C 415 15.89 1.88 3.05
N GLU C 416 15.54 0.62 2.83
CA GLU C 416 16.20 -0.49 3.47
C GLU C 416 17.62 -0.63 2.92
N PHE C 417 17.78 -0.30 1.64
CA PHE C 417 19.06 -0.49 0.94
C PHE C 417 19.15 0.43 -0.28
N SER C 418 20.24 0.31 -1.03
CA SER C 418 20.42 1.09 -2.25
C SER C 418 19.59 0.47 -3.35
N ALA C 419 18.31 0.82 -3.34
CA ALA C 419 17.32 0.13 -4.13
C ALA C 419 17.39 0.45 -5.62
N PHE C 420 18.08 1.54 -5.95
CA PHE C 420 18.18 2.00 -7.34
C PHE C 420 19.60 1.91 -7.89
N LEU C 421 20.44 1.11 -7.26
CA LEU C 421 21.88 1.09 -7.53
C LEU C 421 22.26 0.84 -8.99
N SER C 422 21.54 -0.05 -9.64
CA SER C 422 21.82 -0.44 -11.02
C SER C 422 21.42 0.62 -12.05
N LEU C 423 20.76 1.68 -11.64
CA LEU C 423 20.13 2.55 -12.64
C LEU C 423 21.04 3.70 -13.07
N GLU C 424 22.25 3.34 -13.47
CA GLU C 424 23.27 4.28 -13.89
C GLU C 424 22.78 5.23 -15.00
N LYS C 425 21.85 4.76 -15.82
CA LYS C 425 21.38 5.53 -16.97
C LYS C 425 20.01 6.20 -16.80
N LEU C 426 19.46 6.16 -15.60
CA LEU C 426 18.12 6.69 -15.37
C LEU C 426 18.11 8.21 -15.47
N LEU C 427 17.15 8.74 -16.22
CA LEU C 427 17.01 10.18 -16.37
C LEU C 427 15.89 10.77 -15.52
N TYR C 428 14.89 9.95 -15.23
CA TYR C 428 13.63 10.39 -14.61
C TYR C 428 13.18 9.43 -13.49
N LEU C 429 13.09 9.94 -12.25
CA LEU C 429 12.59 9.13 -11.13
C LEU C 429 11.47 9.84 -10.36
N ASP C 430 10.32 9.17 -10.25
CA ASP C 430 9.19 9.73 -9.53
C ASP C 430 8.74 8.83 -8.38
N ILE C 431 9.02 9.27 -7.16
CA ILE C 431 8.65 8.51 -5.96
C ILE C 431 7.78 9.39 -5.06
N SER C 432 7.13 10.36 -5.68
CA SER C 432 6.20 11.25 -5.02
C SER C 432 4.98 10.50 -4.49
N TYR C 433 4.51 10.90 -3.31
CA TYR C 433 3.35 10.31 -2.61
C TYR C 433 3.42 8.79 -2.53
N THR C 434 4.59 8.27 -2.16
CA THR C 434 4.77 6.85 -1.98
C THR C 434 4.91 6.53 -0.50
N ASN C 435 4.79 7.55 0.34
CA ASN C 435 4.95 7.38 1.77
C ASN C 435 6.27 6.82 2.21
N THR C 436 7.35 7.33 1.64
CA THR C 436 8.64 6.83 1.99
C THR C 436 9.20 7.75 3.07
N LYS C 437 9.57 7.17 4.20
CA LYS C 437 10.27 7.91 5.22
C LYS C 437 11.79 7.75 4.96
N ILE C 438 12.42 8.80 4.43
CA ILE C 438 13.83 8.71 4.05
C ILE C 438 14.66 8.65 5.31
N ASP C 439 15.48 7.62 5.36
CA ASP C 439 16.00 7.08 6.59
C ASP C 439 17.46 6.68 6.37
N PHE C 440 17.90 6.78 5.12
CA PHE C 440 19.16 6.19 4.65
C PHE C 440 19.85 7.10 3.61
N ASP C 441 21.06 7.53 3.93
CA ASP C 441 21.77 8.48 3.07
C ASP C 441 22.19 7.93 1.72
N GLY C 442 22.17 6.61 1.57
CA GLY C 442 22.49 5.98 0.27
C GLY C 442 21.29 5.58 -0.56
N ILE C 443 20.11 6.10 -0.24
CA ILE C 443 18.89 5.79 -0.97
C ILE C 443 19.03 6.03 -2.49
N PHE C 444 19.69 7.13 -2.89
CA PHE C 444 19.82 7.46 -4.30
C PHE C 444 21.16 7.07 -4.95
N LEU C 445 21.94 6.24 -4.25
CA LEU C 445 23.23 5.78 -4.74
C LEU C 445 23.08 5.03 -6.07
N GLY C 446 23.85 5.45 -7.07
CA GLY C 446 23.82 4.77 -8.37
C GLY C 446 23.10 5.56 -9.44
N LEU C 447 22.44 6.65 -9.04
CA LEU C 447 21.68 7.48 -9.99
C LEU C 447 22.50 8.64 -10.56
N THR C 448 23.62 8.33 -11.20
CA THR C 448 24.53 9.38 -11.68
C THR C 448 24.09 10.11 -12.96
N SER C 449 23.11 9.59 -13.69
CA SER C 449 22.62 10.25 -14.91
C SER C 449 21.35 11.08 -14.69
N LEU C 450 20.74 10.92 -13.51
CA LEU C 450 19.40 11.46 -13.23
C LEU C 450 19.28 12.97 -13.41
N ASN C 451 18.26 13.40 -14.15
CA ASN C 451 17.96 14.83 -14.34
C ASN C 451 16.76 15.28 -13.57
N THR C 452 15.74 14.42 -13.52
CA THR C 452 14.49 14.72 -12.84
C THR C 452 14.27 13.81 -11.63
N LEU C 453 14.11 14.42 -10.47
CA LEU C 453 13.82 13.67 -9.26
C LEU C 453 12.60 14.27 -8.58
N LYS C 454 11.46 13.60 -8.77
CA LYS C 454 10.19 13.99 -8.17
C LYS C 454 9.96 13.14 -6.91
N MET C 455 9.91 13.79 -5.75
CA MET C 455 9.70 13.06 -4.51
C MET C 455 8.88 13.86 -3.52
N ALA C 456 7.84 14.52 -4.02
CA ALA C 456 6.92 15.26 -3.18
C ALA C 456 6.08 14.33 -2.32
N GLY C 457 5.61 14.82 -1.18
CA GLY C 457 4.66 14.07 -0.37
C GLY C 457 5.28 13.13 0.64
N ASN C 458 6.60 12.97 0.59
CA ASN C 458 7.25 12.02 1.50
C ASN C 458 7.73 12.69 2.78
N SER C 459 8.70 12.10 3.46
CA SER C 459 9.21 12.67 4.70
C SER C 459 10.63 12.19 5.00
N PHE C 460 11.27 12.78 6.02
CA PHE C 460 12.67 12.47 6.35
C PHE C 460 12.85 12.19 7.82
N LYS C 461 13.79 11.31 8.18
CA LYS C 461 14.07 11.06 9.59
C LYS C 461 14.36 12.38 10.29
N ASP C 462 13.82 12.53 11.50
CA ASP C 462 13.94 13.75 12.32
C ASP C 462 13.59 15.03 11.54
N ASN C 463 12.82 14.89 10.47
CA ASN C 463 12.47 16.02 9.59
C ASN C 463 13.68 16.86 9.11
N THR C 464 14.83 16.21 8.99
CA THR C 464 16.04 16.85 8.48
C THR C 464 16.35 16.32 7.08
N LEU C 465 16.57 17.21 6.12
CA LEU C 465 16.96 16.81 4.77
C LEU C 465 18.43 16.44 4.78
N SER C 466 18.72 15.17 4.50
CA SER C 466 20.06 14.59 4.68
C SER C 466 20.86 14.51 3.37
N ASN C 467 22.14 14.14 3.49
CA ASN C 467 23.08 14.08 2.35
C ASN C 467 22.74 12.96 1.37
N VAL C 468 21.54 13.02 0.81
CA VAL C 468 21.05 11.98 -0.09
C VAL C 468 21.37 12.28 -1.54
N PHE C 469 21.86 13.50 -1.79
CA PHE C 469 22.08 13.99 -3.15
C PHE C 469 23.56 14.05 -3.58
N ALA C 470 24.47 13.66 -2.70
CA ALA C 470 25.92 13.83 -2.94
C ALA C 470 26.35 13.44 -4.36
N ASN C 471 25.89 12.29 -4.84
CA ASN C 471 26.31 11.76 -6.12
C ASN C 471 25.29 11.87 -7.26
N THR C 472 24.23 12.66 -7.06
CA THR C 472 23.23 12.87 -8.13
C THR C 472 23.50 14.19 -8.86
N THR C 473 24.65 14.20 -9.51
CA THR C 473 25.30 15.36 -10.08
C THR C 473 24.54 16.00 -11.23
N ASN C 474 23.78 15.19 -11.95
CA ASN C 474 23.11 15.66 -13.16
C ASN C 474 21.68 16.21 -13.00
N LEU C 475 21.22 16.32 -11.75
CA LEU C 475 19.90 16.84 -11.44
C LEU C 475 19.70 18.23 -11.98
N THR C 476 18.63 18.39 -12.77
CA THR C 476 18.20 19.71 -13.23
C THR C 476 16.88 20.14 -12.57
N PHE C 477 16.14 19.16 -12.05
CA PHE C 477 14.81 19.35 -11.47
C PHE C 477 14.69 18.54 -10.18
N LEU C 478 14.41 19.21 -9.07
CA LEU C 478 14.21 18.55 -7.76
C LEU C 478 12.99 19.06 -6.99
N ASP C 479 12.00 18.19 -6.85
CA ASP C 479 10.77 18.48 -6.10
C ASP C 479 10.78 17.81 -4.74
N LEU C 480 10.89 18.62 -3.70
CA LEU C 480 10.89 18.16 -2.32
C LEU C 480 9.74 18.79 -1.55
N SER C 481 8.69 19.17 -2.26
CA SER C 481 7.52 19.78 -1.63
C SER C 481 6.70 18.80 -0.83
N LYS C 482 6.06 19.30 0.23
CA LYS C 482 5.16 18.53 1.08
C LYS C 482 5.83 17.34 1.77
N CYS C 483 7.10 17.50 2.14
CA CYS C 483 7.84 16.44 2.83
C CYS C 483 8.07 16.73 4.31
N GLN C 484 7.28 17.66 4.85
CA GLN C 484 7.30 17.99 6.29
C GLN C 484 8.70 18.44 6.77
N LEU C 485 9.44 19.11 5.90
CA LEU C 485 10.81 19.50 6.20
C LEU C 485 10.90 20.62 7.21
N GLU C 486 11.77 20.45 8.21
CA GLU C 486 11.93 21.42 9.28
C GLU C 486 13.34 22.02 9.35
N GLN C 487 14.31 21.31 8.77
CA GLN C 487 15.73 21.63 8.82
C GLN C 487 16.48 21.05 7.61
N ILE C 488 17.46 21.81 7.10
CA ILE C 488 18.28 21.38 5.96
C ILE C 488 19.72 21.21 6.40
N SER C 489 20.33 20.07 6.10
CA SER C 489 21.70 19.79 6.55
C SER C 489 22.74 20.54 5.76
N TRP C 490 23.85 20.88 6.42
CA TRP C 490 24.91 21.63 5.78
C TRP C 490 25.54 20.80 4.69
N GLY C 491 25.57 21.34 3.47
CA GLY C 491 26.25 20.68 2.35
C GLY C 491 25.36 19.94 1.36
N VAL C 492 24.07 19.86 1.67
CA VAL C 492 23.11 19.01 0.97
C VAL C 492 23.03 19.27 -0.52
N PHE C 493 23.16 20.52 -0.96
CA PHE C 493 23.06 20.85 -2.37
C PHE C 493 24.40 21.12 -3.07
N ASP C 494 25.50 21.06 -2.32
CA ASP C 494 26.82 21.54 -2.77
C ASP C 494 27.31 20.95 -4.09
N THR C 495 26.70 19.86 -4.50
CA THR C 495 27.13 19.11 -5.67
C THR C 495 26.23 19.36 -6.87
N LEU C 496 25.04 19.92 -6.61
CA LEU C 496 24.02 20.05 -7.63
C LEU C 496 24.27 21.24 -8.58
N HIS C 497 25.33 21.12 -9.39
CA HIS C 497 25.80 22.23 -10.22
C HIS C 497 24.94 22.51 -11.41
N ARG C 498 24.17 21.52 -11.84
CA ARG C 498 23.34 21.67 -13.02
C ARG C 498 21.87 21.99 -12.69
N LEU C 499 21.54 22.09 -11.39
CA LEU C 499 20.14 22.21 -10.94
C LEU C 499 19.47 23.54 -11.29
N GLN C 500 18.27 23.47 -11.86
CA GLN C 500 17.53 24.65 -12.35
C GLN C 500 16.28 25.00 -11.57
N LEU C 501 15.48 23.99 -11.22
CA LEU C 501 14.31 24.19 -10.37
C LEU C 501 14.44 23.40 -9.08
N LEU C 502 14.15 24.04 -7.96
CA LEU C 502 14.19 23.39 -6.67
C LEU C 502 12.93 23.75 -5.91
N ASN C 503 12.04 22.77 -5.72
CA ASN C 503 10.78 22.98 -5.04
C ASN C 503 10.82 22.49 -3.60
N MET C 504 10.67 23.40 -2.67
CA MET C 504 10.60 23.04 -1.28
C MET C 504 9.38 23.67 -0.64
N SER C 505 8.37 23.96 -1.46
CA SER C 505 7.15 24.58 -0.97
C SER C 505 6.39 23.62 -0.06
N HIS C 506 5.49 24.15 0.74
CA HIS C 506 4.66 23.35 1.63
C HIS C 506 5.45 22.45 2.53
N ASN C 507 6.47 23.02 3.16
CA ASN C 507 7.15 22.36 4.25
C ASN C 507 7.00 23.16 5.56
N ASN C 508 7.75 22.81 6.59
CA ASN C 508 7.70 23.53 7.85
C ASN C 508 9.02 24.25 8.18
N LEU C 509 9.69 24.78 7.17
CA LEU C 509 10.94 25.50 7.44
C LEU C 509 10.65 26.82 8.18
N LEU C 510 11.41 27.12 9.23
CA LEU C 510 11.20 28.36 9.98
C LEU C 510 12.08 29.50 9.46
N PHE C 511 13.12 29.12 8.73
CA PHE C 511 14.02 30.07 8.12
C PHE C 511 14.78 29.41 6.96
N LEU C 512 15.40 30.24 6.13
CA LEU C 512 16.32 29.78 5.12
C LEU C 512 17.70 30.17 5.52
N ASP C 513 18.68 29.43 5.01
CA ASP C 513 20.07 29.81 5.17
C ASP C 513 20.69 29.84 3.77
N SER C 514 21.09 31.04 3.35
CA SER C 514 21.54 31.27 1.98
C SER C 514 22.71 30.37 1.61
N SER C 515 23.54 30.05 2.60
CA SER C 515 24.72 29.23 2.35
C SER C 515 24.36 27.87 1.77
N HIS C 516 23.15 27.41 2.08
CA HIS C 516 22.64 26.17 1.50
C HIS C 516 22.57 26.20 -0.01
N TYR C 517 22.67 27.39 -0.60
CA TYR C 517 22.45 27.50 -2.04
C TYR C 517 23.64 28.08 -2.84
N ASN C 518 24.78 28.31 -2.18
CA ASN C 518 25.87 29.01 -2.86
C ASN C 518 26.43 28.30 -4.10
N GLN C 519 26.33 26.97 -4.14
CA GLN C 519 26.90 26.23 -5.27
C GLN C 519 25.90 26.05 -6.41
N LEU C 520 24.75 26.70 -6.30
CA LEU C 520 23.67 26.46 -7.24
C LEU C 520 23.67 27.42 -8.44
N TYR C 521 24.73 27.36 -9.23
CA TYR C 521 25.00 28.32 -10.32
C TYR C 521 23.98 28.37 -11.46
N SER C 522 23.15 27.33 -11.56
CA SER C 522 22.18 27.20 -12.66
C SER C 522 20.75 27.41 -12.21
N LEU C 523 20.55 27.61 -10.91
CA LEU C 523 19.22 27.65 -10.30
C LEU C 523 18.40 28.85 -10.77
N SER C 524 17.45 28.62 -11.67
CA SER C 524 16.56 29.73 -12.06
C SER C 524 15.30 29.80 -11.19
N THR C 525 14.84 28.65 -10.68
CA THR C 525 13.65 28.61 -9.83
C THR C 525 13.88 27.98 -8.43
N LEU C 526 13.55 28.74 -7.40
CA LEU C 526 13.56 28.26 -6.02
C LEU C 526 12.21 28.53 -5.38
N ASP C 527 11.45 27.47 -5.12
CA ASP C 527 10.12 27.60 -4.55
C ASP C 527 10.15 27.27 -3.07
N CYS C 528 10.01 28.29 -2.23
CA CYS C 528 10.01 28.11 -0.79
C CYS C 528 8.72 28.59 -0.15
N SER C 529 7.66 28.67 -0.97
CA SER C 529 6.39 29.18 -0.48
C SER C 529 5.71 28.19 0.45
N PHE C 530 4.76 28.70 1.24
CA PHE C 530 3.97 27.87 2.14
C PHE C 530 4.82 27.10 3.12
N ASN C 531 5.84 27.77 3.63
CA ASN C 531 6.58 27.29 4.76
C ASN C 531 6.22 28.24 5.90
N ARG C 532 7.05 28.29 6.93
CA ARG C 532 6.82 29.21 8.02
C ARG C 532 8.08 30.07 8.21
N ILE C 533 8.69 30.44 7.08
CA ILE C 533 9.97 31.17 7.02
C ILE C 533 9.88 32.56 7.65
N GLU C 534 10.73 32.80 8.65
CA GLU C 534 10.79 34.09 9.35
C GLU C 534 11.78 35.05 8.69
N THR C 535 13.01 34.59 8.47
CA THR C 535 13.95 35.28 7.59
C THR C 535 14.85 34.33 6.86
N SER C 536 15.93 34.91 6.35
CA SER C 536 17.03 34.18 5.79
C SER C 536 18.30 34.56 6.54
N LYS C 537 18.92 33.57 7.19
CA LYS C 537 20.25 33.72 7.76
C LYS C 537 21.26 33.58 6.63
N GLY C 538 22.54 33.76 6.97
CA GLY C 538 23.65 33.60 6.02
C GLY C 538 24.01 34.88 5.29
N ILE C 539 24.99 34.80 4.39
CA ILE C 539 25.35 35.88 3.49
C ILE C 539 24.35 35.90 2.34
N LEU C 540 23.53 36.95 2.28
CA LEU C 540 22.44 37.05 1.31
C LEU C 540 22.91 37.04 -0.15
N GLN C 541 24.20 37.20 -0.33
CA GLN C 541 24.82 37.23 -1.64
C GLN C 541 25.15 35.82 -2.13
N HIS C 542 24.94 34.83 -1.25
CA HIS C 542 25.05 33.41 -1.62
C HIS C 542 23.90 32.91 -2.45
N PHE C 543 22.82 33.69 -2.53
CA PHE C 543 21.70 33.33 -3.38
C PHE C 543 22.13 33.44 -4.85
N PRO C 544 21.89 32.39 -5.63
CA PRO C 544 22.40 32.28 -7.00
C PRO C 544 22.05 33.47 -7.86
N LYS C 545 23.03 33.98 -8.60
CA LYS C 545 22.81 35.12 -9.48
C LYS C 545 21.92 34.75 -10.67
N SER C 546 21.70 33.47 -10.89
CA SER C 546 20.87 32.96 -11.98
C SER C 546 19.39 32.92 -11.58
N LEU C 547 19.12 33.22 -10.32
CA LEU C 547 17.78 33.15 -9.77
C LEU C 547 16.81 34.10 -10.48
N ALA C 548 15.72 33.54 -11.01
CA ALA C 548 14.71 34.32 -11.74
C ALA C 548 13.35 34.29 -11.04
N PHE C 549 13.03 33.17 -10.41
CA PHE C 549 11.77 33.03 -9.67
C PHE C 549 12.02 32.40 -8.30
N PHE C 550 12.16 33.28 -7.31
CA PHE C 550 12.31 32.92 -5.91
C PHE C 550 10.93 33.16 -5.32
N ASN C 551 10.22 32.09 -4.97
CA ASN C 551 8.86 32.19 -4.45
C ASN C 551 8.91 32.10 -2.93
N LEU C 552 8.60 33.20 -2.27
CA LEU C 552 8.58 33.23 -0.81
C LEU C 552 7.21 33.62 -0.26
N THR C 553 6.19 33.63 -1.12
CA THR C 553 4.81 33.96 -0.71
C THR C 553 4.31 33.02 0.38
N ASN C 554 3.26 33.44 1.09
CA ASN C 554 2.60 32.59 2.10
C ASN C 554 3.56 32.02 3.13
N ASN C 555 4.54 32.84 3.52
CA ASN C 555 5.40 32.47 4.62
C ASN C 555 5.00 33.23 5.89
N SER C 556 5.93 33.52 6.79
CA SER C 556 5.57 34.30 7.97
C SER C 556 6.77 35.10 8.47
N VAL C 557 7.04 36.17 7.73
CA VAL C 557 8.22 37.00 7.91
C VAL C 557 8.14 37.83 9.20
N ALA C 558 9.26 37.89 9.91
CA ALA C 558 9.40 38.70 11.10
C ALA C 558 10.02 40.08 10.79
N CYS C 559 9.14 41.08 10.67
CA CYS C 559 9.56 42.45 10.41
C CYS C 559 10.07 43.16 11.66
N ILE C 560 11.11 42.60 12.27
CA ILE C 560 11.81 43.23 13.40
C ILE C 560 13.08 43.88 12.87
N CYS C 561 13.68 44.77 13.66
CA CYS C 561 15.02 45.32 13.35
C CYS C 561 16.10 44.25 13.44
N GLU C 562 15.83 43.23 14.26
CA GLU C 562 16.63 42.00 14.35
C GLU C 562 16.97 41.43 12.98
N HIS C 563 16.08 41.62 12.01
CA HIS C 563 16.29 41.15 10.64
C HIS C 563 16.33 42.27 9.64
N GLN C 564 16.98 43.39 10.00
CA GLN C 564 16.98 44.58 9.15
C GLN C 564 17.59 44.31 7.77
N LYS C 565 18.65 43.51 7.72
CA LYS C 565 19.35 43.25 6.44
C LYS C 565 18.51 42.42 5.46
N PHE C 566 17.87 41.36 5.96
CA PHE C 566 16.97 40.55 5.14
C PHE C 566 15.88 41.41 4.52
N LEU C 567 15.28 42.26 5.35
CA LEU C 567 14.18 43.13 4.93
C LEU C 567 14.59 44.11 3.83
N GLN C 568 15.80 44.65 3.96
CA GLN C 568 16.39 45.48 2.92
C GLN C 568 16.58 44.65 1.65
N TRP C 569 17.19 43.48 1.80
CA TRP C 569 17.44 42.56 0.70
C TRP C 569 16.18 42.28 -0.11
N VAL C 570 15.03 42.24 0.57
CA VAL C 570 13.74 42.08 -0.10
C VAL C 570 13.44 43.28 -1.01
N LYS C 571 13.64 44.50 -0.50
CA LYS C 571 13.51 45.71 -1.32
C LYS C 571 14.50 45.66 -2.50
N GLU C 572 15.73 45.28 -2.19
CA GLU C 572 16.80 45.13 -3.15
C GLU C 572 16.46 44.15 -4.30
N GLN C 573 15.84 43.01 -3.97
CA GLN C 573 15.64 41.93 -4.96
C GLN C 573 14.19 41.76 -5.38
N LYS C 574 13.37 42.80 -5.21
CA LYS C 574 11.95 42.69 -5.48
C LYS C 574 11.63 42.36 -6.96
N GLN C 575 12.62 42.56 -7.83
CA GLN C 575 12.53 42.16 -9.23
C GLN C 575 12.41 40.65 -9.41
N PHE C 576 12.99 39.88 -8.48
CA PHE C 576 13.17 38.43 -8.62
C PHE C 576 12.33 37.58 -7.67
N LEU C 577 11.76 38.22 -6.64
CA LEU C 577 10.79 37.57 -5.77
C LEU C 577 9.44 37.66 -6.43
N VAL C 578 8.61 36.63 -6.29
CA VAL C 578 7.30 36.62 -6.95
C VAL C 578 6.14 36.99 -6.00
N ASN C 579 5.21 37.78 -6.54
CA ASN C 579 4.10 38.42 -5.80
C ASN C 579 4.62 39.20 -4.57
N VAL C 580 5.62 40.03 -4.82
CA VAL C 580 6.39 40.70 -3.78
C VAL C 580 5.52 41.59 -2.90
N GLU C 581 4.79 42.51 -3.52
CA GLU C 581 3.95 43.48 -2.80
C GLU C 581 2.86 42.78 -2.00
N GLN C 582 2.39 41.65 -2.51
CA GLN C 582 1.34 40.87 -1.87
C GLN C 582 1.82 40.31 -0.53
N MET C 583 3.13 40.10 -0.37
CA MET C 583 3.70 39.57 0.87
C MET C 583 3.38 40.48 2.04
N THR C 584 3.19 39.90 3.22
CA THR C 584 2.88 40.67 4.42
C THR C 584 3.58 40.09 5.65
N CYS C 585 3.94 40.97 6.59
CA CYS C 585 4.54 40.53 7.84
C CYS C 585 3.58 39.65 8.63
N ALA C 586 4.15 38.83 9.52
CA ALA C 586 3.33 38.06 10.44
C ALA C 586 3.67 38.36 11.92
N THR C 587 4.64 39.25 12.14
CA THR C 587 5.01 39.66 13.51
C THR C 587 4.52 41.07 13.92
N PRO C 588 5.10 41.65 15.00
CA PRO C 588 4.40 42.45 16.01
C PRO C 588 2.86 42.28 16.09
N ASN C 592 0.64 43.68 10.77
CA ASN C 592 -0.02 42.51 10.23
C ASN C 592 -0.32 42.82 8.76
N THR C 593 0.17 43.98 8.34
CA THR C 593 0.35 44.41 6.93
C THR C 593 1.34 45.61 6.92
N SER C 594 2.19 45.77 5.90
CA SER C 594 2.41 44.85 4.78
C SER C 594 3.83 44.29 4.90
N LEU C 595 4.79 44.70 4.05
CA LEU C 595 6.17 44.15 4.13
C LEU C 595 7.32 44.90 3.40
N VAL C 596 7.16 45.16 2.10
CA VAL C 596 8.11 46.01 1.38
C VAL C 596 8.15 47.39 2.05
N LEU C 597 7.23 47.57 2.99
CA LEU C 597 7.01 48.84 3.67
C LEU C 597 7.68 48.91 5.04
N ASP C 598 8.55 47.94 5.37
CA ASP C 598 9.30 47.99 6.64
C ASP C 598 10.16 49.24 6.59
N PHE C 599 10.31 49.93 7.73
CA PHE C 599 11.09 51.15 7.74
C PHE C 599 12.59 50.95 7.97
N ASN C 600 13.04 50.93 9.24
CA ASN C 600 14.47 50.87 9.54
C ASN C 600 14.85 51.91 10.60
N ASN C 601 14.18 51.91 11.75
CA ASN C 601 14.38 52.96 12.77
C ASN C 601 14.27 52.57 14.25
N SER C 602 13.58 51.48 14.54
CA SER C 602 13.42 51.01 15.92
C SER C 602 14.73 50.43 16.50
N THR C 603 15.62 51.34 16.92
CA THR C 603 17.00 51.03 17.36
C THR C 603 17.93 50.79 16.17
N CYS C 604 17.43 50.09 15.16
CA CYS C 604 18.22 49.78 13.96
C CYS C 604 18.44 51.02 13.08
N GLN D 5 -37.91 20.78 -8.78
CA GLN D 5 -38.07 21.78 -9.88
C GLN D 5 -38.03 21.15 -11.28
N GLN D 6 -36.92 20.51 -11.63
CA GLN D 6 -36.74 19.93 -12.96
C GLN D 6 -37.34 18.54 -13.11
N TRP D 7 -37.05 17.68 -12.13
CA TRP D 7 -37.45 16.27 -12.14
C TRP D 7 -37.57 15.75 -10.74
N PHE D 8 -38.49 14.82 -10.53
CA PHE D 8 -38.66 14.16 -9.24
C PHE D 8 -39.08 12.71 -9.49
N CYS D 9 -38.69 11.82 -8.58
CA CYS D 9 -39.21 10.45 -8.54
C CYS D 9 -39.04 9.94 -7.14
N ASN D 10 -39.76 8.87 -6.82
CA ASN D 10 -39.54 8.19 -5.54
C ASN D 10 -39.50 6.67 -5.70
N SER D 11 -38.44 6.09 -5.14
CA SER D 11 -38.31 4.63 -5.06
C SER D 11 -38.72 4.21 -3.66
N SER D 12 -38.74 2.91 -3.41
CA SER D 12 -39.19 2.34 -2.13
C SER D 12 -38.36 2.76 -0.91
N ASP D 13 -37.25 3.45 -1.12
CA ASP D 13 -36.36 3.87 -0.03
C ASP D 13 -35.75 5.27 -0.18
N ALA D 14 -36.11 5.98 -1.26
CA ALA D 14 -35.58 7.32 -1.51
C ALA D 14 -36.57 8.20 -2.28
N ILE D 15 -36.53 9.50 -1.99
CA ILE D 15 -37.08 10.50 -2.92
C ILE D 15 -35.91 11.23 -3.57
N ILE D 16 -35.99 11.41 -4.89
CA ILE D 16 -34.91 12.01 -5.66
C ILE D 16 -35.41 13.17 -6.52
N SER D 17 -34.78 14.33 -6.37
CA SER D 17 -35.09 15.47 -7.21
C SER D 17 -33.81 16.23 -7.57
N TYR D 18 -33.86 16.99 -8.66
CA TYR D 18 -32.78 17.91 -9.02
C TYR D 18 -33.31 19.24 -9.55
N SER D 19 -32.48 20.27 -9.41
CA SER D 19 -32.71 21.58 -10.01
C SER D 19 -31.38 22.00 -10.59
N TYR D 20 -31.36 23.08 -11.36
CA TYR D 20 -30.09 23.61 -11.85
C TYR D 20 -29.35 24.31 -10.71
N CYS D 21 -28.04 24.55 -10.90
CA CYS D 21 -27.22 25.22 -9.90
C CYS D 21 -27.48 26.72 -9.90
N ASP D 22 -27.23 27.36 -8.76
CA ASP D 22 -27.36 28.81 -8.64
C ASP D 22 -26.41 29.57 -9.57
N HIS D 23 -25.22 29.01 -9.79
CA HIS D 23 -24.21 29.62 -10.64
C HIS D 23 -24.37 29.36 -12.12
N LEU D 24 -25.07 28.29 -12.48
CA LEU D 24 -25.16 27.86 -13.88
C LEU D 24 -26.47 27.15 -14.22
N LYS D 25 -27.05 27.50 -15.37
CA LYS D 25 -28.39 27.03 -15.73
C LYS D 25 -28.56 26.51 -17.18
N PHE D 26 -27.52 25.89 -17.75
CA PHE D 26 -27.62 25.29 -19.08
C PHE D 26 -28.51 24.03 -19.06
N PRO D 27 -29.40 23.88 -20.06
CA PRO D 27 -30.44 22.83 -19.97
C PRO D 27 -29.96 21.39 -20.24
N ILE D 28 -30.38 20.47 -19.37
CA ILE D 28 -30.22 19.04 -19.55
C ILE D 28 -31.49 18.36 -19.07
N SER D 29 -31.93 17.36 -19.80
CA SER D 29 -32.97 16.49 -19.31
C SER D 29 -32.32 15.18 -18.94
N ILE D 30 -32.16 14.97 -17.64
CA ILE D 30 -31.68 13.69 -17.12
C ILE D 30 -32.76 13.01 -16.29
N SER D 31 -32.83 11.68 -16.41
CA SER D 31 -33.87 10.87 -15.81
C SER D 31 -33.36 9.43 -15.65
N SER D 32 -33.91 8.70 -14.68
CA SER D 32 -33.52 7.31 -14.46
C SER D 32 -34.73 6.41 -14.30
N GLU D 33 -34.78 5.36 -15.13
CA GLU D 33 -35.83 4.38 -15.07
C GLU D 33 -35.23 3.02 -14.69
N PRO D 34 -35.67 2.45 -13.55
CA PRO D 34 -36.61 3.06 -12.62
C PRO D 34 -35.95 4.08 -11.70
N CYS D 35 -36.73 4.66 -10.80
CA CYS D 35 -36.22 5.59 -9.81
C CYS D 35 -35.19 4.86 -8.95
N ILE D 36 -34.04 5.51 -8.74
CA ILE D 36 -32.94 4.90 -8.01
C ILE D 36 -33.29 4.46 -6.57
N ARG D 37 -33.15 3.16 -6.31
CA ARG D 37 -33.16 2.61 -4.96
C ARG D 37 -31.72 2.62 -4.48
N LEU D 38 -31.49 3.12 -3.26
CA LEU D 38 -30.13 3.12 -2.72
C LEU D 38 -29.68 1.73 -2.27
N ARG D 39 -30.61 0.78 -2.26
CA ARG D 39 -30.30 -0.61 -1.95
C ARG D 39 -29.81 -1.36 -3.18
N GLY D 40 -30.22 -0.92 -4.37
CA GLY D 40 -29.82 -1.57 -5.63
C GLY D 40 -30.80 -1.33 -6.76
N THR D 41 -30.27 -1.03 -7.93
CA THR D 41 -31.12 -0.71 -9.08
C THR D 41 -30.49 -1.15 -10.38
N ASN D 42 -31.29 -1.75 -11.26
CA ASN D 42 -30.92 -2.01 -12.64
C ASN D 42 -31.80 -1.20 -13.55
N GLY D 43 -31.22 -0.34 -14.36
CA GLY D 43 -32.02 0.41 -15.31
C GLY D 43 -31.20 1.27 -16.21
N PHE D 44 -31.80 2.36 -16.66
CA PHE D 44 -31.16 3.26 -17.61
C PHE D 44 -31.22 4.68 -17.09
N VAL D 45 -30.18 5.45 -17.42
CA VAL D 45 -30.19 6.88 -17.26
C VAL D 45 -30.51 7.43 -18.65
N HIS D 46 -31.62 8.12 -18.78
CA HIS D 46 -31.97 8.75 -20.04
C HIS D 46 -31.48 10.16 -20.03
N VAL D 47 -30.74 10.55 -21.06
CA VAL D 47 -30.17 11.89 -21.15
C VAL D 47 -30.50 12.50 -22.50
N GLU D 48 -31.00 13.74 -22.49
CA GLU D 48 -31.36 14.44 -23.71
C GLU D 48 -31.03 15.92 -23.58
N PHE D 49 -29.97 16.36 -24.25
CA PHE D 49 -29.57 17.76 -24.20
C PHE D 49 -28.71 18.19 -25.39
N ILE D 50 -28.39 19.48 -25.45
CA ILE D 50 -27.48 19.98 -26.47
C ILE D 50 -26.23 20.51 -25.77
N PRO D 51 -25.16 19.70 -25.72
CA PRO D 51 -23.91 20.07 -25.04
C PRO D 51 -23.32 21.40 -25.49
N ARG D 52 -22.86 22.17 -24.51
CA ARG D 52 -22.32 23.51 -24.75
C ARG D 52 -20.82 23.46 -25.08
N GLY D 53 -20.27 22.25 -25.10
CA GLY D 53 -18.88 22.02 -25.48
C GLY D 53 -18.76 20.60 -26.02
N ASN D 54 -17.57 20.25 -26.51
CA ASN D 54 -17.34 18.88 -26.95
C ASN D 54 -17.30 17.90 -25.76
N LEU D 55 -17.76 16.68 -26.00
CA LEU D 55 -17.85 15.66 -24.95
C LEU D 55 -16.74 14.58 -25.02
N LYS D 56 -15.67 14.85 -25.79
CA LYS D 56 -14.56 13.91 -25.94
C LYS D 56 -13.86 13.57 -24.62
N TYR D 57 -13.79 14.54 -23.71
CA TYR D 57 -13.18 14.36 -22.41
C TYR D 57 -14.14 14.75 -21.30
N LEU D 58 -15.33 14.17 -21.29
CA LEU D 58 -16.33 14.49 -20.27
C LEU D 58 -15.99 13.85 -18.93
N TYR D 59 -15.98 14.67 -17.88
CA TYR D 59 -15.89 14.18 -16.51
C TYR D 59 -16.76 14.95 -15.54
N PHE D 60 -17.08 14.33 -14.41
CA PHE D 60 -17.93 14.94 -13.42
C PHE D 60 -17.20 15.24 -12.13
N ASN D 61 -17.46 16.41 -11.58
CA ASN D 61 -17.14 16.68 -10.19
C ASN D 61 -18.40 16.38 -9.39
N LEU D 62 -18.32 15.46 -8.43
CA LEU D 62 -19.46 15.23 -7.55
C LEU D 62 -19.21 15.78 -6.15
N PHE D 63 -19.97 16.80 -5.77
CA PHE D 63 -19.88 17.34 -4.41
C PHE D 63 -21.05 16.80 -3.61
N ILE D 64 -20.76 15.89 -2.68
CA ILE D 64 -21.81 15.19 -1.93
C ILE D 64 -21.75 15.58 -0.46
N SER D 65 -22.92 15.71 0.16
CA SER D 65 -23.06 15.93 1.60
C SER D 65 -24.13 14.99 2.15
N VAL D 66 -23.91 14.52 3.37
CA VAL D 66 -24.92 13.78 4.13
C VAL D 66 -25.21 14.56 5.41
N ASN D 67 -26.46 15.02 5.54
CA ASN D 67 -26.89 15.87 6.64
C ASN D 67 -25.86 16.94 6.99
N SER D 68 -25.52 17.74 5.99
CA SER D 68 -24.53 18.83 6.10
C SER D 68 -23.07 18.41 6.25
N ILE D 69 -22.84 17.15 6.64
CA ILE D 69 -21.48 16.61 6.64
C ILE D 69 -21.09 16.36 5.19
N GLU D 70 -20.00 16.98 4.74
CA GLU D 70 -19.63 16.90 3.32
C GLU D 70 -18.44 16.00 2.98
N LEU D 71 -18.67 15.12 2.01
CA LEU D 71 -17.65 14.24 1.49
C LEU D 71 -16.67 15.03 0.64
N PRO D 72 -15.40 14.55 0.55
CA PRO D 72 -14.47 15.21 -0.37
C PRO D 72 -14.95 15.14 -1.82
N LYS D 73 -14.52 16.12 -2.61
CA LYS D 73 -14.77 16.15 -4.04
C LYS D 73 -14.50 14.78 -4.65
N ARG D 74 -15.34 14.39 -5.58
CA ARG D 74 -15.28 13.09 -6.19
C ARG D 74 -15.26 13.28 -7.71
N LYS D 75 -14.14 12.94 -8.34
CA LYS D 75 -14.00 13.06 -9.80
C LYS D 75 -14.35 11.74 -10.50
N GLU D 76 -15.30 11.79 -11.43
CA GLU D 76 -15.72 10.63 -12.22
C GLU D 76 -15.59 10.87 -13.72
N VAL D 77 -14.79 10.05 -14.40
CA VAL D 77 -14.55 10.23 -15.82
C VAL D 77 -15.41 9.27 -16.65
N LEU D 78 -16.05 9.80 -17.69
CA LEU D 78 -16.90 9.00 -18.56
C LEU D 78 -16.29 8.84 -19.95
N CYS D 79 -15.57 9.86 -20.40
CA CYS D 79 -14.85 9.81 -21.65
C CYS D 79 -13.41 10.24 -21.40
N HIS D 80 -12.48 9.30 -21.59
CA HIS D 80 -11.06 9.58 -21.45
C HIS D 80 -10.49 10.15 -22.70
N GLY D 81 -11.21 9.98 -23.82
CA GLY D 81 -10.81 10.55 -25.11
C GLY D 81 -10.18 9.60 -26.10
N HIS D 82 -10.37 8.30 -25.88
CA HIS D 82 -9.78 7.26 -26.72
C HIS D 82 -10.58 6.01 -26.51
N ASP D 83 -11.23 5.56 -27.58
CA ASP D 83 -12.03 4.33 -27.57
C ASP D 83 -12.96 4.25 -26.35
N ASP D 84 -13.82 5.25 -26.23
CA ASP D 84 -14.76 5.34 -25.10
C ASP D 84 -16.01 4.46 -25.23
N ASP D 85 -16.59 4.11 -24.08
CA ASP D 85 -17.67 3.13 -24.03
C ASP D 85 -19.00 3.64 -24.54
N TYR D 86 -19.13 4.96 -24.66
CA TYR D 86 -20.44 5.57 -24.95
C TYR D 86 -20.44 6.34 -26.27
N SER D 87 -21.60 6.32 -26.93
CA SER D 87 -21.77 6.97 -28.22
C SER D 87 -21.69 8.50 -28.12
N PHE D 88 -22.01 9.04 -26.95
CA PHE D 88 -22.05 10.49 -26.77
C PHE D 88 -20.70 11.18 -26.57
N CYS D 89 -19.66 10.39 -26.33
CA CYS D 89 -18.30 10.92 -26.22
C CYS D 89 -17.80 11.52 -27.54
N ARG D 90 -18.36 11.08 -28.67
CA ARG D 90 -18.00 11.65 -29.96
C ARG D 90 -18.85 12.87 -30.32
N ALA D 91 -19.95 13.06 -29.60
CA ALA D 91 -20.88 14.15 -29.87
C ALA D 91 -20.23 15.51 -29.62
N LEU D 92 -20.41 16.41 -30.57
CA LEU D 92 -19.72 17.71 -30.59
C LEU D 92 -20.50 18.80 -29.87
N LYS D 93 -19.89 19.98 -29.75
CA LYS D 93 -20.56 21.15 -29.22
C LYS D 93 -21.73 21.52 -30.11
N GLY D 94 -22.90 21.73 -29.49
CA GLY D 94 -24.08 22.18 -30.20
C GLY D 94 -24.75 21.07 -30.98
N GLU D 95 -24.45 19.83 -30.63
CA GLU D 95 -25.05 18.66 -31.27
C GLU D 95 -26.14 18.10 -30.36
N THR D 96 -27.16 17.51 -30.96
CA THR D 96 -28.26 16.93 -30.21
C THR D 96 -27.88 15.53 -29.72
N VAL D 97 -27.94 15.35 -28.40
CA VAL D 97 -27.64 14.05 -27.78
C VAL D 97 -28.92 13.47 -27.21
N ASN D 98 -29.26 12.26 -27.64
CA ASN D 98 -30.37 11.53 -27.08
C ASN D 98 -29.95 10.09 -26.86
N THR D 99 -29.83 9.70 -25.60
CA THR D 99 -29.26 8.41 -25.26
C THR D 99 -29.78 7.87 -23.94
N SER D 100 -29.78 6.54 -23.82
CA SER D 100 -30.11 5.84 -22.59
C SER D 100 -28.89 5.04 -22.18
N ILE D 101 -28.39 5.28 -20.97
CA ILE D 101 -27.19 4.62 -20.48
C ILE D 101 -27.56 3.60 -19.41
N PRO D 102 -27.38 2.30 -19.71
CA PRO D 102 -27.66 1.25 -18.73
C PRO D 102 -26.65 1.28 -17.58
N PHE D 103 -27.10 0.82 -16.42
CA PHE D 103 -26.28 0.77 -15.21
C PHE D 103 -26.86 -0.20 -14.19
N SER D 104 -26.04 -0.57 -13.19
CA SER D 104 -26.47 -1.39 -12.08
C SER D 104 -25.59 -1.10 -10.87
N PHE D 105 -26.09 -1.38 -9.68
CA PHE D 105 -25.26 -1.30 -8.49
C PHE D 105 -25.79 -2.11 -7.30
N GLU D 106 -24.86 -2.69 -6.55
CA GLU D 106 -25.17 -3.69 -5.54
C GLU D 106 -25.72 -3.16 -4.23
N GLY D 107 -25.34 -1.94 -3.86
CA GLY D 107 -25.89 -1.31 -2.65
C GLY D 107 -25.11 -1.55 -1.35
N ILE D 108 -24.80 -0.46 -0.67
CA ILE D 108 -24.03 -0.43 0.56
C ILE D 108 -24.97 0.11 1.64
N LEU D 109 -24.53 0.14 2.90
CA LEU D 109 -25.31 0.81 3.94
C LEU D 109 -25.07 2.32 3.90
N PHE D 110 -26.14 3.07 3.72
CA PHE D 110 -26.10 4.54 3.75
C PHE D 110 -26.86 5.05 4.97
N PRO D 111 -26.31 6.06 5.67
CA PRO D 111 -27.05 6.65 6.78
C PRO D 111 -28.36 7.28 6.30
N LYS D 112 -29.42 7.12 7.07
CA LYS D 112 -30.72 7.74 6.73
C LYS D 112 -30.64 9.27 6.88
N GLY D 113 -31.31 9.99 6.00
CA GLY D 113 -31.30 11.45 6.05
C GLY D 113 -31.24 12.19 4.72
N HIS D 114 -30.76 13.43 4.78
CA HIS D 114 -30.76 14.37 3.65
C HIS D 114 -29.45 14.37 2.93
N TYR D 115 -29.48 14.14 1.62
CA TYR D 115 -28.28 14.16 0.77
C TYR D 115 -28.34 15.27 -0.26
N ARG D 116 -27.29 16.07 -0.31
CA ARG D 116 -27.10 17.08 -1.35
C ARG D 116 -25.98 16.60 -2.26
N CYS D 117 -26.28 16.45 -3.55
CA CYS D 117 -25.20 16.25 -4.53
C CYS D 117 -25.25 17.32 -5.58
N VAL D 118 -24.22 18.15 -5.62
CA VAL D 118 -24.01 19.03 -6.75
C VAL D 118 -23.00 18.37 -7.70
N ALA D 119 -23.46 18.16 -8.94
CA ALA D 119 -22.70 17.46 -9.96
C ALA D 119 -22.36 18.39 -11.14
N GLU D 120 -21.10 18.80 -11.21
CA GLU D 120 -20.62 19.61 -12.33
C GLU D 120 -20.07 18.73 -13.44
N ALA D 121 -20.51 18.98 -14.66
CA ALA D 121 -19.98 18.29 -15.83
C ALA D 121 -18.92 19.17 -16.49
N ILE D 122 -17.71 18.66 -16.59
CA ILE D 122 -16.59 19.41 -17.16
C ILE D 122 -16.16 18.85 -18.51
N ALA D 123 -15.79 19.75 -19.43
CA ALA D 123 -15.09 19.37 -20.65
C ALA D 123 -13.59 19.46 -20.37
N GLY D 124 -12.99 18.32 -20.05
CA GLY D 124 -11.58 18.22 -19.62
C GLY D 124 -10.54 18.84 -20.53
N ASP D 125 -10.89 19.06 -21.79
CA ASP D 125 -10.00 19.75 -22.73
C ASP D 125 -9.97 21.26 -22.46
N THR D 126 -11.15 21.89 -22.47
CA THR D 126 -11.29 23.32 -22.23
C THR D 126 -11.28 23.64 -20.73
N GLU D 127 -11.65 22.64 -19.93
CA GLU D 127 -11.80 22.78 -18.48
C GLU D 127 -12.92 23.76 -18.12
N GLU D 128 -13.99 23.73 -18.90
CA GLU D 128 -15.13 24.61 -18.69
C GLU D 128 -16.41 23.87 -18.36
N LYS D 129 -17.20 24.43 -17.45
CA LYS D 129 -18.45 23.82 -17.02
C LYS D 129 -19.37 23.61 -18.21
N LEU D 130 -19.82 22.39 -18.38
CA LEU D 130 -20.80 22.04 -19.40
C LEU D 130 -22.22 22.25 -18.90
N PHE D 131 -22.51 21.68 -17.72
CA PHE D 131 -23.72 21.99 -16.99
C PHE D 131 -23.51 21.75 -15.50
N CYS D 132 -24.53 22.01 -14.69
CA CYS D 132 -24.45 21.84 -13.25
C CYS D 132 -25.81 21.50 -12.65
N LEU D 133 -25.87 20.39 -11.91
CA LEU D 133 -27.14 19.93 -11.34
C LEU D 133 -27.09 19.89 -9.82
N ASN D 134 -28.22 20.21 -9.18
CA ASN D 134 -28.31 20.22 -7.73
C ASN D 134 -29.29 19.16 -7.21
N PHE D 135 -28.79 17.93 -7.11
CA PHE D 135 -29.60 16.79 -6.66
C PHE D 135 -29.91 16.82 -5.16
N THR D 136 -31.11 16.35 -4.82
CA THR D 136 -31.53 16.13 -3.44
C THR D 136 -31.91 14.66 -3.31
N ILE D 137 -31.39 14.00 -2.28
CA ILE D 137 -31.79 12.61 -2.00
C ILE D 137 -32.23 12.54 -0.54
N ILE D 138 -33.48 12.20 -0.32
CA ILE D 138 -33.95 11.97 1.02
C ILE D 138 -34.14 10.47 1.18
N HIS D 139 -33.37 9.90 2.12
CA HIS D 139 -33.27 8.45 2.27
C HIS D 139 -33.97 7.93 3.48
C1 NAG E . -3.57 -31.12 31.82
C2 NAG E . -4.82 -30.26 31.96
C3 NAG E . -4.52 -29.04 31.10
C4 NAG E . -3.26 -28.37 31.63
C5 NAG E . -2.15 -29.37 32.07
C6 NAG E . -1.30 -28.69 33.12
C7 NAG E . -6.74 -31.67 32.44
C8 NAG E . -7.89 -32.45 31.89
N2 NAG E . -5.97 -31.03 31.55
O3 NAG E . -5.56 -28.11 31.14
O4 NAG E . -2.77 -27.55 30.59
O5 NAG E . -2.63 -30.60 32.61
O6 NAG E . -0.13 -28.23 32.50
O7 NAG E . -6.53 -31.63 33.67
C1 NAG E . -2.87 -26.15 30.90
C2 NAG E . -2.07 -25.34 29.88
C3 NAG E . -2.06 -23.88 30.31
C4 NAG E . -3.51 -23.39 30.26
C5 NAG E . -4.37 -24.26 31.19
C6 NAG E . -5.84 -23.83 31.11
C7 NAG E . -0.41 -26.43 28.46
C8 NAG E . 1.05 -26.75 28.27
N2 NAG E . -0.71 -25.76 29.57
O3 NAG E . -1.20 -23.10 29.51
O4 NAG E . -3.59 -22.01 30.59
O5 NAG E . -4.21 -25.65 30.87
O6 NAG E . -6.69 -24.97 31.04
O7 NAG E . -1.24 -26.81 27.61
C1 NAG F . 1.35 9.20 23.13
C2 NAG F . 1.67 8.17 24.22
C3 NAG F . 3.19 8.03 24.39
C4 NAG F . 3.91 7.57 23.13
C5 NAG F . 3.35 8.27 21.89
C6 NAG F . 3.49 7.26 20.77
C7 NAG F . 0.85 7.72 26.52
C8 NAG F . 0.34 8.33 27.78
N2 NAG F . 1.14 8.55 25.53
O3 NAG F . 3.50 7.12 25.41
O4 NAG F . 5.32 7.80 23.14
O5 NAG F . 1.98 8.68 21.95
O6 NAG F . 4.22 7.81 19.72
O7 NAG F . 1.00 6.50 26.44
C1 NAG F . 6.14 6.78 23.76
C2 NAG F . 7.40 6.50 22.93
C3 NAG F . 8.40 5.60 23.67
C4 NAG F . 8.64 6.02 25.12
C5 NAG F . 7.34 6.34 25.83
C6 NAG F . 7.65 7.02 27.15
C7 NAG F . 7.37 6.38 20.45
C8 NAG F . 6.95 5.53 19.28
N2 NAG F . 7.09 5.86 21.66
O3 NAG F . 9.64 5.72 23.03
O4 NAG F . 9.34 4.98 25.79
O5 NAG F . 6.53 7.22 25.05
O6 NAG F . 7.40 6.13 28.23
O7 NAG F . 7.91 7.47 20.25
C1 NAG G . 5.91 23.25 -6.05
C2 NAG G . 5.43 23.77 -7.40
C3 NAG G . 4.02 24.35 -7.25
C4 NAG G . 3.02 23.42 -6.55
C5 NAG G . 3.63 22.68 -5.35
C6 NAG G . 2.82 21.42 -5.17
C7 NAG G . 6.70 24.96 -9.14
C8 NAG G . 7.59 26.14 -9.39
N2 NAG G . 6.30 24.83 -7.87
O3 NAG G . 3.53 24.71 -8.52
O4 NAG G . 1.92 24.19 -6.06
O5 NAG G . 5.01 22.30 -5.49
O6 NAG G . 3.52 20.48 -4.40
O7 NAG G . 6.41 24.19 -10.05
C1 NAG G . 0.79 24.17 -6.95
C2 NAG G . -0.42 23.67 -6.13
C3 NAG G . -1.81 24.13 -6.62
C4 NAG G . -1.74 25.57 -7.14
C5 NAG G . -0.68 25.49 -8.23
C6 NAG G . -0.75 26.56 -9.32
C7 NAG G . -0.35 21.52 -4.92
C8 NAG G . -0.52 22.29 -3.63
N2 NAG G . -0.33 22.21 -6.07
O3 NAG G . -2.72 24.03 -5.56
O4 NAG G . -2.97 26.08 -7.61
O5 NAG G . 0.57 25.43 -7.56
O6 NAG G . -1.80 26.22 -10.21
O7 NAG G . -0.26 20.29 -4.91
C1 NAG H . 3.96 10.91 29.85
C2 NAG H . 4.67 10.02 28.83
C3 NAG H . 3.94 8.67 28.74
C4 NAG H . 3.69 8.04 30.12
C5 NAG H . 3.13 9.06 31.13
C6 NAG H . 3.11 8.49 32.55
C7 NAG H . 5.75 10.64 26.67
C8 NAG H . 5.60 11.31 25.35
N2 NAG H . 4.70 10.64 27.51
O3 NAG H . 4.67 7.78 27.96
O4 NAG H . 2.79 6.96 29.95
O5 NAG H . 3.86 10.28 31.12
O6 NAG H . 2.12 7.49 32.68
O7 NAG H . 6.84 10.15 26.92
C1 LP4 I . 15.77 -18.25 -0.13
C2 LP4 I . 15.85 -18.22 1.38
N2 LP4 I . 16.93 -17.30 1.77
C3 LP4 I . 16.11 -19.66 1.88
O3 LP4 I . 15.97 -19.76 3.30
C4 LP4 I . 15.06 -20.60 1.29
O4 LP4 I . 15.24 -21.92 1.77
C5 LP4 I . 15.06 -20.52 -0.25
O5 LP4 I . 14.73 -19.16 -0.58
C6 LP4 I . 14.10 -21.54 -0.89
O6 LP4 I . 12.72 -21.19 -0.70
C7 LP4 I . 16.72 -16.00 2.08
O7 LP4 I . 15.62 -15.45 2.08
C8 LP4 I . 17.98 -15.18 2.44
C16 LP4 I . 18.74 -15.77 3.65
C17 LP4 I . 19.82 -14.79 4.14
C18 LP4 I . 20.77 -15.46 5.14
C19 LP4 I . 22.10 -14.68 5.26
C20 LP4 I . 23.25 -15.61 5.67
C21 LP4 I . 23.77 -15.22 7.07
C22 LP4 I . 25.31 -15.18 7.04
C23 LP4 I . 25.91 -15.26 8.46
C24 LP4 I . 27.36 -15.79 8.36
C25 LP4 I . 28.25 -15.18 9.46
C28 LP4 I . 17.02 -19.34 4.04
C29 LP4 I . 16.68 -19.14 5.51
C30 LP4 I . 17.45 -20.15 6.35
C31 LP4 I . 18.84 -19.61 6.67
C32 LP4 I . 18.78 -18.13 7.04
C33 LP4 I . 18.89 -17.95 8.55
C34 LP4 I . 20.10 -18.72 9.10
C35 LP4 I . 21.17 -17.73 9.54
C36 LP4 I . 22.06 -18.39 10.60
C37 LP4 I . 21.72 -17.84 11.99
C38 LP4 I . 23.00 -17.78 12.85
C39 LP4 I . 22.65 -17.33 14.26
C40 LP4 I . 22.87 -18.47 15.27
C41 LP4 I . 22.62 -17.98 16.70
O42 LP4 I . 18.15 -19.13 3.60
O43 LP4 I . 16.75 -20.38 7.59
O44 LP4 I . 17.80 -16.02 4.70
P45 LP4 I . 14.06 -22.47 2.69
O46 LP4 I . 14.32 -21.95 4.06
O47 LP4 I . 14.22 -24.08 2.71
O48 LP4 I . 12.78 -22.15 2.03
O48 LP5 J . 13.91 -11.07 -4.16
P45 LP5 J . 13.23 -12.27 -3.63
O46 LP5 J . 12.07 -11.94 -2.54
O47 LP5 J . 12.54 -13.20 -4.77
O1 LP5 J . 14.24 -13.24 -2.90
C1 LP5 J . 14.22 -13.48 -1.49
C2 LP5 J . 15.44 -12.84 -0.85
N2 LP5 J . 15.29 -11.37 -0.84
C7 LP5 J . 15.94 -10.53 -0.03
C8 LP5 J . 15.51 -9.06 -0.21
C16 LP5 J . 16.18 -8.14 0.82
O44 LP5 J . 15.23 -7.14 1.20
C17 LP5 J . 17.44 -7.54 0.17
C18 LP5 J . 17.80 -6.17 0.78
C19 LP5 J . 18.57 -6.37 2.09
C20 LP5 J . 20.07 -6.31 1.83
C21 LP5 J . 20.74 -5.74 3.06
C22 LP5 J . 21.94 -4.90 2.62
C23 LP5 J . 23.06 -5.01 3.65
C24 LP5 J . 24.04 -6.12 3.25
C25 LP5 J . 25.42 -5.85 3.84
C26 LP5 J . 26.01 -7.15 4.38
C27 LP5 J . 25.99 -7.12 5.92
O7 LP5 J . 16.82 -10.83 0.78
C3 LP5 J . 16.69 -13.29 -1.61
C4 LP5 J . 16.77 -14.81 -1.66
C5 LP5 J . 15.45 -15.41 -2.14
O5 LP5 J . 14.34 -14.89 -1.36
C6 LP5 J . 15.49 -16.92 -2.00
O6 LP5 J . 14.90 -17.28 -0.74
O4 LP5 J . 17.81 -15.19 -2.57
O3 LP5 J . 17.81 -12.79 -0.91
C28 LP5 J . 18.77 -12.29 -1.70
O42 LP5 J . 18.65 -11.96 -2.89
C29 LP5 J . 20.10 -12.17 -0.99
C30 LP5 J . 20.17 -10.79 -0.41
O43 LP5 J . 21.03 -10.04 -1.27
C31 LP5 J . 20.70 -10.90 1.03
C32 LP5 J . 22.09 -10.28 1.17
C33 LP5 J . 23.09 -11.35 1.61
C34 LP5 J . 23.71 -10.89 2.93
C35 LP5 J . 24.52 -12.02 3.55
C36 LP5 J . 25.88 -11.47 4.00
C37 LP5 J . 26.63 -12.56 4.76
C38 LP5 J . 27.77 -11.92 5.59
C39 LP5 J . 27.42 -11.98 7.07
C40 LP5 J . 27.87 -10.69 7.76
C41 LP5 J . 26.76 -10.21 8.71
C1 NAG K . 5.89 30.13 -6.97
C2 NAG K . 4.64 29.25 -7.15
C3 NAG K . 4.66 28.39 -8.41
C4 NAG K . 5.08 29.20 -9.63
C5 NAG K . 6.38 29.94 -9.30
C6 NAG K . 6.92 30.70 -10.50
C7 NAG K . 3.32 28.18 -5.42
C8 NAG K . 3.31 27.24 -4.24
N2 NAG K . 4.51 28.36 -6.00
O3 NAG K . 3.40 27.81 -8.64
O4 NAG K . 5.19 28.33 -10.76
O5 NAG K . 6.16 30.82 -8.19
O6 NAG K . 6.27 31.94 -10.56
O7 NAG K . 2.30 28.74 -5.80
C1 LP4 L . -21.45 -3.41 -11.13
C2 LP4 L . -21.02 -2.11 -11.79
N2 LP4 L . -21.60 -0.96 -11.06
C3 LP4 L . -21.47 -2.11 -13.25
O3 LP4 L . -20.90 -0.98 -13.93
C4 LP4 L . -21.08 -3.42 -14.00
O4 LP4 L . -21.76 -3.46 -15.27
C5 LP4 L . -21.51 -4.63 -13.15
O5 LP4 L . -20.89 -4.53 -11.86
C6 LP4 L . -21.07 -5.95 -13.77
O6 LP4 L . -19.65 -6.11 -13.59
C7 LP4 L . -20.87 -0.06 -10.40
O7 LP4 L . -19.64 -0.13 -10.30
C8 LP4 L . -21.63 1.08 -9.70
C16 LP4 L . -22.19 2.13 -10.69
C17 LP4 L . -22.61 3.39 -9.92
C18 LP4 L . -24.05 3.80 -10.30
C19 LP4 L . -24.05 5.23 -10.86
C20 LP4 L . -25.51 5.67 -11.16
C21 LP4 L . -25.52 7.12 -11.64
C22 LP4 L . -26.94 7.69 -11.52
C23 LP4 L . -27.18 8.78 -12.58
C24 LP4 L . -28.03 9.90 -12.01
C25 LP4 L . -29.49 9.79 -12.49
C28 LP4 L . -21.87 -0.12 -14.34
C29 LP4 L . -21.54 0.59 -15.65
C30 LP4 L . -22.56 1.70 -15.95
C31 LP4 L . -22.39 2.85 -14.93
C32 LP4 L . -21.55 4.00 -15.46
C33 LP4 L . -22.43 5.08 -16.15
C34 LP4 L . -23.73 5.34 -15.36
C35 LP4 L . -23.91 6.85 -15.14
C36 LP4 L . -24.78 7.43 -16.26
C37 LP4 L . -24.02 8.59 -16.91
C38 LP4 L . -24.92 9.82 -16.95
C39 LP4 L . -24.11 10.97 -17.55
C40 LP4 L . -25.02 11.95 -18.28
C41 LP4 L . -24.48 12.23 -19.68
O42 LP4 L . -22.91 0.11 -13.73
O43 LP4 L . -22.37 2.14 -17.30
O44 LP4 L . -21.22 2.50 -11.69
P45 LP4 L . -20.92 -3.55 -16.61
O46 LP4 L . -20.26 -2.25 -16.82
O47 LP4 L . -22.05 -3.75 -17.76
O48 LP4 L . -20.09 -4.78 -16.58
O48 LP5 M . -16.90 -4.17 -4.14
P45 LP5 M . -17.63 -4.32 -5.42
O46 LP5 M . -16.71 -4.50 -6.73
O47 LP5 M . -18.66 -5.59 -5.44
O1 LP5 M . -18.54 -3.03 -5.68
C1 LP5 M . -18.40 -2.16 -6.81
C2 LP5 M . -19.41 -1.04 -6.61
N2 LP5 M . -19.17 -0.43 -5.31
C7 LP5 M . -18.80 0.85 -5.17
C8 LP5 M . -18.62 1.28 -3.72
C16 LP5 M . -17.83 2.59 -3.62
O44 LP5 M . -16.50 2.40 -4.14
C17 LP5 M . -17.76 3.02 -2.15
C18 LP5 M . -17.88 4.54 -2.03
C19 LP5 M . -19.23 5.03 -2.57
C20 LP5 M . -20.02 5.74 -1.47
C21 LP5 M . -20.51 7.10 -1.97
C22 LP5 M . -21.28 7.78 -0.82
C23 LP5 M . -22.29 8.77 -1.41
C24 LP5 M . -23.72 8.30 -1.13
C25 LP5 M . -24.71 9.32 -1.69
C26 LP5 M . -25.35 8.83 -2.98
C27 LP5 M . -24.82 9.64 -4.16
O7 LP5 M . -18.63 1.62 -6.12
C3 LP5 M . -20.82 -1.64 -6.57
C4 LP5 M . -21.12 -2.56 -7.78
C5 LP5 M . -19.94 -3.55 -7.99
O5 LP5 M . -18.68 -2.84 -8.06
C6 LP5 M . -20.10 -4.35 -9.28
O6 LP5 M . -20.19 -3.46 -10.40
O4 LP5 M . -22.33 -3.29 -7.53
O3 LP5 M . -21.77 -0.58 -6.46
C28 LP5 M . -22.33 -0.60 -5.21
O42 LP5 M . -22.15 -1.49 -4.38
C29 LP5 M . -23.28 0.56 -4.90
C30 LP5 M . -22.50 1.87 -4.81
O43 LP5 M . -22.46 2.24 -3.44
C31 LP5 M . -23.21 2.96 -5.63
C32 LP5 M . -24.32 3.64 -4.81
C33 LP5 M . -24.37 5.13 -5.13
C34 LP5 M . -25.82 5.56 -5.30
C35 LP5 M . -25.92 6.47 -6.55
C36 LP5 M . -27.09 7.44 -6.37
C37 LP5 M . -27.53 7.99 -7.74
C38 LP5 M . -28.47 9.19 -7.56
C39 LP5 M . -27.90 10.44 -8.28
C40 LP5 M . -26.91 11.18 -7.36
C41 LP5 M . -25.92 11.97 -8.20
#